data_1OJ8
# 
_entry.id   1OJ8 
# 
_audit_conform.dict_name       mmcif_pdbx.dic 
_audit_conform.dict_version    5.397 
_audit_conform.dict_location   http://mmcif.pdb.org/dictionaries/ascii/mmcif_pdbx.dic 
# 
loop_
_database_2.database_id 
_database_2.database_code 
_database_2.pdbx_database_accession 
_database_2.pdbx_DOI 
PDB   1OJ8         pdb_00001oj8 10.2210/pdb1oj8/pdb 
PDBE  EBI-12974    ?            ?                   
WWPDB D_1290012974 ?            ?                   
# 
loop_
_pdbx_audit_revision_history.ordinal 
_pdbx_audit_revision_history.data_content_type 
_pdbx_audit_revision_history.major_revision 
_pdbx_audit_revision_history.minor_revision 
_pdbx_audit_revision_history.revision_date 
1 'Structure model' 1 0 2004-07-15 
2 'Structure model' 1 1 2011-05-08 
3 'Structure model' 1 2 2011-07-13 
4 'Structure model' 2 0 2020-03-11 
5 'Structure model' 2 1 2023-12-13 
6 'Structure model' 2 2 2024-10-16 
# 
_pdbx_audit_revision_details.ordinal             1 
_pdbx_audit_revision_details.revision_ordinal    1 
_pdbx_audit_revision_details.data_content_type   'Structure model' 
_pdbx_audit_revision_details.provider            repository 
_pdbx_audit_revision_details.type                'Initial release' 
_pdbx_audit_revision_details.description         ? 
_pdbx_audit_revision_details.details             ? 
# 
loop_
_pdbx_audit_revision_group.ordinal 
_pdbx_audit_revision_group.revision_ordinal 
_pdbx_audit_revision_group.data_content_type 
_pdbx_audit_revision_group.group 
1  2 'Structure model' 'Version format compliance' 
2  3 'Structure model' 'Version format compliance' 
3  4 'Structure model' 'Derived calculations'      
4  4 'Structure model' Other                       
5  4 'Structure model' 'Polymer sequence'          
6  5 'Structure model' 'Data collection'           
7  5 'Structure model' 'Database references'       
8  5 'Structure model' 'Derived calculations'      
9  5 'Structure model' 'Refinement description'    
10 6 'Structure model' 'Structure summary'         
# 
loop_
_pdbx_audit_revision_category.ordinal 
_pdbx_audit_revision_category.revision_ordinal 
_pdbx_audit_revision_category.data_content_type 
_pdbx_audit_revision_category.category 
1  4 'Structure model' entity_poly                   
2  4 'Structure model' pdbx_database_status          
3  4 'Structure model' struct_conn                   
4  5 'Structure model' chem_comp_atom                
5  5 'Structure model' chem_comp_bond                
6  5 'Structure model' database_2                    
7  5 'Structure model' pdbx_initial_refinement_model 
8  5 'Structure model' struct_site                   
9  6 'Structure model' pdbx_entry_details            
10 6 'Structure model' pdbx_modification_feature     
# 
loop_
_pdbx_audit_revision_item.ordinal 
_pdbx_audit_revision_item.revision_ordinal 
_pdbx_audit_revision_item.data_content_type 
_pdbx_audit_revision_item.item 
1 4 'Structure model' '_entity_poly.pdbx_seq_one_letter_code_can' 
2 4 'Structure model' '_pdbx_database_status.status_code_sf'      
3 4 'Structure model' '_struct_conn.pdbx_leaving_atom_flag'       
4 5 'Structure model' '_database_2.pdbx_DOI'                      
5 5 'Structure model' '_database_2.pdbx_database_accession'       
6 5 'Structure model' '_struct_site.pdbx_auth_asym_id'            
7 5 'Structure model' '_struct_site.pdbx_auth_comp_id'            
8 5 'Structure model' '_struct_site.pdbx_auth_seq_id'             
# 
_pdbx_database_status.status_code                     REL 
_pdbx_database_status.entry_id                        1OJ8 
_pdbx_database_status.deposit_site                    PDBE 
_pdbx_database_status.process_site                    PDBE 
_pdbx_database_status.SG_entry                        . 
_pdbx_database_status.recvd_initial_deposition_date   2003-07-07 
_pdbx_database_status.pdb_format_compatible           Y 
_pdbx_database_status.status_code_sf                  REL 
_pdbx_database_status.status_code_mr                  ? 
_pdbx_database_status.status_code_cs                  ? 
_pdbx_database_status.methods_development_category    ? 
_pdbx_database_status.status_code_nmr_data            ? 
# 
_pdbx_database_related.db_name        PDB 
_pdbx_database_related.db_id          1OJ1 
_pdbx_database_related.content_type   unspecified 
_pdbx_database_related.details        
;NONPRODUCTIVE AND NOVEL BINDING MODES IN CYTOTOXIC RIBONUCLEASES FROM RANA CATESBEIANA OF TWO CRYSTAL STRUCTURES COMPLEXED WITH (2',5' CPG) AND D(APCPGPA)
;
# 
loop_
_audit_author.name 
_audit_author.pdbx_ordinal 
'Tsai, C.-J.'  1 
'Liu, J.-H.'   2 
'Liao, Y.-D.'  3 
'Chen, L.-Y.'  4 
'Cheng, P.-T.' 5 
'Sun, Y.-J.'   6 
# 
_citation.id                        primary 
_citation.title                     
;Retro and Novel Binding Modes in Cytotoxic Ribonucleases from Rana Catesbeiana of Two Crystal Structures Complexed with (2',5'Cpg) and D(Apcpgpa)
;
_citation.journal_abbrev            'To be Published' 
_citation.journal_volume            ? 
_citation.page_first                ? 
_citation.page_last                 ? 
_citation.year                      ? 
_citation.journal_id_ASTM           ? 
_citation.country                   ? 
_citation.journal_id_ISSN           ? 
_citation.journal_id_CSD            0353 
_citation.book_publisher            ? 
_citation.pdbx_database_id_PubMed   ? 
_citation.pdbx_database_id_DOI      ? 
# 
loop_
_citation_author.citation_id 
_citation_author.name 
_citation_author.ordinal 
_citation_author.identifier_ORCID 
primary 'Tsai, C.-J.'  1 ? 
primary 'Liu, J.-H.'   2 ? 
primary 'Liao, Y.-D.'  3 ? 
primary 'Chen, L.-Y.'  4 ? 
primary 'Cheng, P.-T.' 5 ? 
primary 'Sun, Y.-J.'   6 ? 
# 
loop_
_entity.id 
_entity.type 
_entity.src_method 
_entity.pdbx_description 
_entity.formula_weight 
_entity.pdbx_number_of_molecules 
_entity.pdbx_ec 
_entity.pdbx_mutation 
_entity.pdbx_fragment 
_entity.details 
1 polymer     nat 'RC-RNASE6 RIBONUCLEASE' 12185.388 1   ? ? ? ? 
2 polymer     syn "5'-D(*AP*CP*GP*AP)-3'"  1199.844  1   ? ? ? ? 
3 non-polymer syn 'SULFATE ION'            96.063    2   ? ? ? ? 
4 water       nat water                    18.015    220 ? ? ? ? 
# 
_entity_name_com.entity_id   1 
_entity_name_com.name        RIBONUCLEASE 
# 
loop_
_entity_poly.entity_id 
_entity_poly.type 
_entity_poly.nstd_linkage 
_entity_poly.nstd_monomer 
_entity_poly.pdbx_seq_one_letter_code 
_entity_poly.pdbx_seq_one_letter_code_can 
_entity_poly.pdbx_strand_id 
_entity_poly.pdbx_target_identifier 
1 'polypeptide(L)'        no yes 
;(PCA)DWDTFQKKHLTDTKKVKCDVEMKKALFDCKKTNTFIFARPPRVQALCKNIKNNTNVLSRDVFYLPQCNRKKLPCH
YRLDGSTNTICLTCMKELPIHFAGVGKCP
;
;QDWDTFQKKHLTDTKKVKCDVEMKKALFDCKKTNTFIFARPPRVQALCKNIKNNTNVLSRDVFYLPQCNRKKLPCHYRLD
GSTNTICLTCMKELPIHFAGVGKCP
;
A ? 
2 polydeoxyribonucleotide no no  '(DA)(DC)(DG)(DA)' ACGA B ? 
# 
loop_
_pdbx_entity_nonpoly.entity_id 
_pdbx_entity_nonpoly.name 
_pdbx_entity_nonpoly.comp_id 
3 'SULFATE ION' SO4 
4 water         HOH 
# 
loop_
_entity_poly_seq.entity_id 
_entity_poly_seq.num 
_entity_poly_seq.mon_id 
_entity_poly_seq.hetero 
1 1   PCA n 
1 2   ASP n 
1 3   TRP n 
1 4   ASP n 
1 5   THR n 
1 6   PHE n 
1 7   GLN n 
1 8   LYS n 
1 9   LYS n 
1 10  HIS n 
1 11  LEU n 
1 12  THR n 
1 13  ASP n 
1 14  THR n 
1 15  LYS n 
1 16  LYS n 
1 17  VAL n 
1 18  LYS n 
1 19  CYS n 
1 20  ASP n 
1 21  VAL n 
1 22  GLU n 
1 23  MET n 
1 24  LYS n 
1 25  LYS n 
1 26  ALA n 
1 27  LEU n 
1 28  PHE n 
1 29  ASP n 
1 30  CYS n 
1 31  LYS n 
1 32  LYS n 
1 33  THR n 
1 34  ASN n 
1 35  THR n 
1 36  PHE n 
1 37  ILE n 
1 38  PHE n 
1 39  ALA n 
1 40  ARG n 
1 41  PRO n 
1 42  PRO n 
1 43  ARG n 
1 44  VAL n 
1 45  GLN n 
1 46  ALA n 
1 47  LEU n 
1 48  CYS n 
1 49  LYS n 
1 50  ASN n 
1 51  ILE n 
1 52  LYS n 
1 53  ASN n 
1 54  ASN n 
1 55  THR n 
1 56  ASN n 
1 57  VAL n 
1 58  LEU n 
1 59  SER n 
1 60  ARG n 
1 61  ASP n 
1 62  VAL n 
1 63  PHE n 
1 64  TYR n 
1 65  LEU n 
1 66  PRO n 
1 67  GLN n 
1 68  CYS n 
1 69  ASN n 
1 70  ARG n 
1 71  LYS n 
1 72  LYS n 
1 73  LEU n 
1 74  PRO n 
1 75  CYS n 
1 76  HIS n 
1 77  TYR n 
1 78  ARG n 
1 79  LEU n 
1 80  ASP n 
1 81  GLY n 
1 82  SER n 
1 83  THR n 
1 84  ASN n 
1 85  THR n 
1 86  ILE n 
1 87  CYS n 
1 88  LEU n 
1 89  THR n 
1 90  CYS n 
1 91  MET n 
1 92  LYS n 
1 93  GLU n 
1 94  LEU n 
1 95  PRO n 
1 96  ILE n 
1 97  HIS n 
1 98  PHE n 
1 99  ALA n 
1 100 GLY n 
1 101 VAL n 
1 102 GLY n 
1 103 LYS n 
1 104 CYS n 
1 105 PRO n 
2 1   DA  n 
2 2   DC  n 
2 3   DG  n 
2 4   DA  n 
# 
_entity_src_nat.entity_id                  1 
_entity_src_nat.pdbx_src_id                1 
_entity_src_nat.pdbx_alt_source_flag       sample 
_entity_src_nat.pdbx_beg_seq_num           ? 
_entity_src_nat.pdbx_end_seq_num           ? 
_entity_src_nat.common_name                'BULL FROG' 
_entity_src_nat.pdbx_organism_scientific   'RANA CATESBEIANA' 
_entity_src_nat.pdbx_ncbi_taxonomy_id      8400 
_entity_src_nat.genus                      ? 
_entity_src_nat.species                    ? 
_entity_src_nat.strain                     ? 
_entity_src_nat.tissue                     OCCYTE 
_entity_src_nat.tissue_fraction            ? 
_entity_src_nat.pdbx_secretion             ? 
_entity_src_nat.pdbx_fragment              ? 
_entity_src_nat.pdbx_variant               ? 
_entity_src_nat.pdbx_cell_line             ? 
_entity_src_nat.pdbx_atcc                  AAG31442 
_entity_src_nat.pdbx_cellular_location     ? 
_entity_src_nat.pdbx_organ                 ? 
_entity_src_nat.pdbx_organelle             ? 
_entity_src_nat.pdbx_cell                  ? 
_entity_src_nat.pdbx_plasmid_name          ? 
_entity_src_nat.pdbx_plasmid_details       ? 
_entity_src_nat.details                    ? 
# 
loop_
_chem_comp.id 
_chem_comp.type 
_chem_comp.mon_nstd_flag 
_chem_comp.name 
_chem_comp.pdbx_synonyms 
_chem_comp.formula 
_chem_comp.formula_weight 
ALA 'L-peptide linking' y ALANINE                              ? 'C3 H7 N O2'      89.093  
ARG 'L-peptide linking' y ARGININE                             ? 'C6 H15 N4 O2 1'  175.209 
ASN 'L-peptide linking' y ASPARAGINE                           ? 'C4 H8 N2 O3'     132.118 
ASP 'L-peptide linking' y 'ASPARTIC ACID'                      ? 'C4 H7 N O4'      133.103 
CYS 'L-peptide linking' y CYSTEINE                             ? 'C3 H7 N O2 S'    121.158 
DA  'DNA linking'       y "2'-DEOXYADENOSINE-5'-MONOPHOSPHATE" ? 'C10 H14 N5 O6 P' 331.222 
DC  'DNA linking'       y "2'-DEOXYCYTIDINE-5'-MONOPHOSPHATE"  ? 'C9 H14 N3 O7 P'  307.197 
DG  'DNA linking'       y "2'-DEOXYGUANOSINE-5'-MONOPHOSPHATE" ? 'C10 H14 N5 O7 P' 347.221 
GLN 'L-peptide linking' y GLUTAMINE                            ? 'C5 H10 N2 O3'    146.144 
GLU 'L-peptide linking' y 'GLUTAMIC ACID'                      ? 'C5 H9 N O4'      147.129 
GLY 'peptide linking'   y GLYCINE                              ? 'C2 H5 N O2'      75.067  
HIS 'L-peptide linking' y HISTIDINE                            ? 'C6 H10 N3 O2 1'  156.162 
HOH non-polymer         . WATER                                ? 'H2 O'            18.015  
ILE 'L-peptide linking' y ISOLEUCINE                           ? 'C6 H13 N O2'     131.173 
LEU 'L-peptide linking' y LEUCINE                              ? 'C6 H13 N O2'     131.173 
LYS 'L-peptide linking' y LYSINE                               ? 'C6 H15 N2 O2 1'  147.195 
MET 'L-peptide linking' y METHIONINE                           ? 'C5 H11 N O2 S'   149.211 
PCA 'L-peptide linking' n 'PYROGLUTAMIC ACID'                  ? 'C5 H7 N O3'      129.114 
PHE 'L-peptide linking' y PHENYLALANINE                        ? 'C9 H11 N O2'     165.189 
PRO 'L-peptide linking' y PROLINE                              ? 'C5 H9 N O2'      115.130 
SER 'L-peptide linking' y SERINE                               ? 'C3 H7 N O3'      105.093 
SO4 non-polymer         . 'SULFATE ION'                        ? 'O4 S -2'         96.063  
THR 'L-peptide linking' y THREONINE                            ? 'C4 H9 N O3'      119.119 
TRP 'L-peptide linking' y TRYPTOPHAN                           ? 'C11 H12 N2 O2'   204.225 
TYR 'L-peptide linking' y TYROSINE                             ? 'C9 H11 N O3'     181.189 
VAL 'L-peptide linking' y VALINE                               ? 'C5 H11 N O2'     117.146 
# 
loop_
_pdbx_poly_seq_scheme.asym_id 
_pdbx_poly_seq_scheme.entity_id 
_pdbx_poly_seq_scheme.seq_id 
_pdbx_poly_seq_scheme.mon_id 
_pdbx_poly_seq_scheme.ndb_seq_num 
_pdbx_poly_seq_scheme.pdb_seq_num 
_pdbx_poly_seq_scheme.auth_seq_num 
_pdbx_poly_seq_scheme.pdb_mon_id 
_pdbx_poly_seq_scheme.auth_mon_id 
_pdbx_poly_seq_scheme.pdb_strand_id 
_pdbx_poly_seq_scheme.pdb_ins_code 
_pdbx_poly_seq_scheme.hetero 
A 1 1   PCA 1   1   1   PCA PCA A . n 
A 1 2   ASP 2   2   2   ASP ASP A . n 
A 1 3   TRP 3   3   3   TRP TRP A . n 
A 1 4   ASP 4   4   4   ASP ASP A . n 
A 1 5   THR 5   5   5   THR THR A . n 
A 1 6   PHE 6   6   6   PHE PHE A . n 
A 1 7   GLN 7   7   7   GLN GLN A . n 
A 1 8   LYS 8   8   8   LYS LYS A . n 
A 1 9   LYS 9   9   9   LYS LYS A . n 
A 1 10  HIS 10  10  10  HIS HIS A . n 
A 1 11  LEU 11  11  11  LEU LEU A . n 
A 1 12  THR 12  12  12  THR THR A . n 
A 1 13  ASP 13  13  13  ASP ASP A . n 
A 1 14  THR 14  14  14  THR THR A . n 
A 1 15  LYS 15  15  15  LYS LYS A . n 
A 1 16  LYS 16  16  16  LYS LYS A . n 
A 1 17  VAL 17  17  17  VAL VAL A . n 
A 1 18  LYS 18  18  18  LYS LYS A . n 
A 1 19  CYS 19  19  19  CYS CYS A . n 
A 1 20  ASP 20  20  20  ASP ASP A . n 
A 1 21  VAL 21  21  21  VAL VAL A . n 
A 1 22  GLU 22  22  22  GLU GLU A . n 
A 1 23  MET 23  23  23  MET MET A . n 
A 1 24  LYS 24  24  24  LYS LYS A . n 
A 1 25  LYS 25  25  25  LYS LYS A . n 
A 1 26  ALA 26  26  26  ALA ALA A . n 
A 1 27  LEU 27  27  27  LEU LEU A . n 
A 1 28  PHE 28  28  28  PHE PHE A . n 
A 1 29  ASP 29  29  29  ASP ASP A . n 
A 1 30  CYS 30  30  30  CYS CYS A . n 
A 1 31  LYS 31  31  31  LYS LYS A . n 
A 1 32  LYS 32  32  32  LYS LYS A . n 
A 1 33  THR 33  33  33  THR THR A . n 
A 1 34  ASN 34  34  34  ASN ASN A . n 
A 1 35  THR 35  35  35  THR THR A . n 
A 1 36  PHE 36  36  36  PHE PHE A . n 
A 1 37  ILE 37  37  37  ILE ILE A . n 
A 1 38  PHE 38  38  38  PHE PHE A . n 
A 1 39  ALA 39  39  39  ALA ALA A . n 
A 1 40  ARG 40  40  40  ARG ARG A . n 
A 1 41  PRO 41  41  41  PRO PRO A . n 
A 1 42  PRO 42  42  42  PRO PRO A . n 
A 1 43  ARG 43  43  43  ARG ARG A . n 
A 1 44  VAL 44  44  44  VAL VAL A . n 
A 1 45  GLN 45  45  45  GLN GLN A . n 
A 1 46  ALA 46  46  46  ALA ALA A . n 
A 1 47  LEU 47  47  47  LEU LEU A . n 
A 1 48  CYS 48  48  48  CYS CYS A . n 
A 1 49  LYS 49  49  49  LYS LYS A . n 
A 1 50  ASN 50  50  50  ASN ASN A . n 
A 1 51  ILE 51  51  51  ILE ILE A . n 
A 1 52  LYS 52  52  52  LYS LYS A . n 
A 1 53  ASN 53  53  53  ASN ASN A . n 
A 1 54  ASN 54  54  54  ASN ASN A . n 
A 1 55  THR 55  55  55  THR THR A . n 
A 1 56  ASN 56  56  56  ASN ASN A . n 
A 1 57  VAL 57  57  57  VAL VAL A . n 
A 1 58  LEU 58  58  58  LEU LEU A . n 
A 1 59  SER 59  59  59  SER SER A . n 
A 1 60  ARG 60  60  60  ARG ARG A . n 
A 1 61  ASP 61  61  61  ASP ASP A . n 
A 1 62  VAL 62  62  62  VAL VAL A . n 
A 1 63  PHE 63  63  63  PHE PHE A . n 
A 1 64  TYR 64  64  64  TYR TYR A . n 
A 1 65  LEU 65  65  65  LEU LEU A . n 
A 1 66  PRO 66  66  66  PRO PRO A . n 
A 1 67  GLN 67  67  67  GLN GLN A . n 
A 1 68  CYS 68  68  68  CYS CYS A . n 
A 1 69  ASN 69  69  69  ASN ASN A . n 
A 1 70  ARG 70  70  70  ARG ARG A . n 
A 1 71  LYS 71  71  71  LYS LYS A . n 
A 1 72  LYS 72  72  72  LYS LYS A . n 
A 1 73  LEU 73  73  73  LEU LEU A . n 
A 1 74  PRO 74  74  74  PRO PRO A . n 
A 1 75  CYS 75  75  75  CYS CYS A . n 
A 1 76  HIS 76  76  76  HIS HIS A . n 
A 1 77  TYR 77  77  77  TYR TYR A . n 
A 1 78  ARG 78  78  78  ARG ARG A . n 
A 1 79  LEU 79  79  79  LEU LEU A . n 
A 1 80  ASP 80  80  80  ASP ASP A . n 
A 1 81  GLY 81  81  81  GLY GLY A . n 
A 1 82  SER 82  82  82  SER SER A . n 
A 1 83  THR 83  83  83  THR THR A . n 
A 1 84  ASN 84  84  84  ASN ASN A . n 
A 1 85  THR 85  85  85  THR THR A . n 
A 1 86  ILE 86  86  86  ILE ILE A . n 
A 1 87  CYS 87  87  87  CYS CYS A . n 
A 1 88  LEU 88  88  88  LEU LEU A . n 
A 1 89  THR 89  89  89  THR THR A . n 
A 1 90  CYS 90  90  90  CYS CYS A . n 
A 1 91  MET 91  91  91  MET MET A . n 
A 1 92  LYS 92  92  92  LYS LYS A . n 
A 1 93  GLU 93  93  93  GLU GLU A . n 
A 1 94  LEU 94  94  94  LEU LEU A . n 
A 1 95  PRO 95  95  95  PRO PRO A . n 
A 1 96  ILE 96  96  96  ILE ILE A . n 
A 1 97  HIS 97  97  97  HIS HIS A . n 
A 1 98  PHE 98  98  98  PHE PHE A . n 
A 1 99  ALA 99  99  99  ALA ALA A . n 
A 1 100 GLY 100 100 100 GLY GLY A . n 
A 1 101 VAL 101 101 101 VAL VAL A . n 
A 1 102 GLY 102 102 102 GLY GLY A . n 
A 1 103 LYS 103 103 103 LYS LYS A . n 
A 1 104 CYS 104 104 104 CYS CYS A . n 
A 1 105 PRO 105 105 105 PRO PRO A . n 
B 2 1   DA  1   301 301 DA  DA  B . n 
B 2 2   DC  2   302 302 DC  DC  B . n 
B 2 3   DG  3   303 303 DG  DG  B . n 
B 2 4   DA  4   304 304 DA  DA  B . n 
# 
loop_
_pdbx_nonpoly_scheme.asym_id 
_pdbx_nonpoly_scheme.entity_id 
_pdbx_nonpoly_scheme.mon_id 
_pdbx_nonpoly_scheme.ndb_seq_num 
_pdbx_nonpoly_scheme.pdb_seq_num 
_pdbx_nonpoly_scheme.auth_seq_num 
_pdbx_nonpoly_scheme.pdb_mon_id 
_pdbx_nonpoly_scheme.auth_mon_id 
_pdbx_nonpoly_scheme.pdb_strand_id 
_pdbx_nonpoly_scheme.pdb_ins_code 
C 3 SO4 1   201  201  SO4 SO4 A . 
D 3 SO4 1   202  202  SO4 SO4 A . 
E 4 HOH 1   2001 2001 HOH HOH A . 
E 4 HOH 2   2002 2002 HOH HOH A . 
E 4 HOH 3   2003 2003 HOH HOH A . 
E 4 HOH 4   2004 2004 HOH HOH A . 
E 4 HOH 5   2005 2005 HOH HOH A . 
E 4 HOH 6   2006 2006 HOH HOH A . 
E 4 HOH 7   2007 2007 HOH HOH A . 
E 4 HOH 8   2008 2008 HOH HOH A . 
E 4 HOH 9   2009 2009 HOH HOH A . 
E 4 HOH 10  2010 2010 HOH HOH A . 
E 4 HOH 11  2011 2011 HOH HOH A . 
E 4 HOH 12  2012 2012 HOH HOH A . 
E 4 HOH 13  2013 2013 HOH HOH A . 
E 4 HOH 14  2014 2014 HOH HOH A . 
E 4 HOH 15  2015 2015 HOH HOH A . 
E 4 HOH 16  2016 2016 HOH HOH A . 
E 4 HOH 17  2017 2017 HOH HOH A . 
E 4 HOH 18  2018 2018 HOH HOH A . 
E 4 HOH 19  2019 2019 HOH HOH A . 
E 4 HOH 20  2020 2020 HOH HOH A . 
E 4 HOH 21  2021 2021 HOH HOH A . 
E 4 HOH 22  2022 2022 HOH HOH A . 
E 4 HOH 23  2023 2023 HOH HOH A . 
E 4 HOH 24  2024 2024 HOH HOH A . 
E 4 HOH 25  2025 2025 HOH HOH A . 
E 4 HOH 26  2026 2026 HOH HOH A . 
E 4 HOH 27  2027 2027 HOH HOH A . 
E 4 HOH 28  2028 2028 HOH HOH A . 
E 4 HOH 29  2029 2029 HOH HOH A . 
E 4 HOH 30  2030 2030 HOH HOH A . 
E 4 HOH 31  2031 2031 HOH HOH A . 
E 4 HOH 32  2032 2032 HOH HOH A . 
E 4 HOH 33  2033 2033 HOH HOH A . 
E 4 HOH 34  2034 2034 HOH HOH A . 
E 4 HOH 35  2035 2035 HOH HOH A . 
E 4 HOH 36  2036 2036 HOH HOH A . 
E 4 HOH 37  2037 2037 HOH HOH A . 
E 4 HOH 38  2038 2038 HOH HOH A . 
E 4 HOH 39  2039 2039 HOH HOH A . 
E 4 HOH 40  2040 2040 HOH HOH A . 
E 4 HOH 41  2041 2041 HOH HOH A . 
E 4 HOH 42  2042 2042 HOH HOH A . 
E 4 HOH 43  2043 2043 HOH HOH A . 
E 4 HOH 44  2044 2044 HOH HOH A . 
E 4 HOH 45  2045 2045 HOH HOH A . 
E 4 HOH 46  2046 2046 HOH HOH A . 
E 4 HOH 47  2047 2047 HOH HOH A . 
E 4 HOH 48  2048 2048 HOH HOH A . 
E 4 HOH 49  2049 2049 HOH HOH A . 
E 4 HOH 50  2050 2050 HOH HOH A . 
E 4 HOH 51  2051 2051 HOH HOH A . 
E 4 HOH 52  2052 2052 HOH HOH A . 
E 4 HOH 53  2053 2053 HOH HOH A . 
E 4 HOH 54  2054 2054 HOH HOH A . 
E 4 HOH 55  2055 2055 HOH HOH A . 
E 4 HOH 56  2056 2056 HOH HOH A . 
E 4 HOH 57  2057 2057 HOH HOH A . 
E 4 HOH 58  2058 2058 HOH HOH A . 
E 4 HOH 59  2059 2059 HOH HOH A . 
E 4 HOH 60  2060 2060 HOH HOH A . 
E 4 HOH 61  2061 2061 HOH HOH A . 
E 4 HOH 62  2062 2062 HOH HOH A . 
E 4 HOH 63  2063 2063 HOH HOH A . 
E 4 HOH 64  2064 2064 HOH HOH A . 
E 4 HOH 65  2065 2065 HOH HOH A . 
E 4 HOH 66  2066 2066 HOH HOH A . 
E 4 HOH 67  2067 2067 HOH HOH A . 
E 4 HOH 68  2068 2068 HOH HOH A . 
E 4 HOH 69  2069 2069 HOH HOH A . 
E 4 HOH 70  2070 2070 HOH HOH A . 
E 4 HOH 71  2071 2071 HOH HOH A . 
E 4 HOH 72  2072 2072 HOH HOH A . 
E 4 HOH 73  2073 2073 HOH HOH A . 
E 4 HOH 74  2074 2074 HOH HOH A . 
E 4 HOH 75  2075 2075 HOH HOH A . 
E 4 HOH 76  2076 2076 HOH HOH A . 
E 4 HOH 77  2077 2077 HOH HOH A . 
E 4 HOH 78  2078 2078 HOH HOH A . 
E 4 HOH 79  2079 2079 HOH HOH A . 
E 4 HOH 80  2080 2080 HOH HOH A . 
E 4 HOH 81  2081 2081 HOH HOH A . 
E 4 HOH 82  2082 2082 HOH HOH A . 
E 4 HOH 83  2083 2083 HOH HOH A . 
E 4 HOH 84  2084 2084 HOH HOH A . 
E 4 HOH 85  2085 2085 HOH HOH A . 
E 4 HOH 86  2086 2086 HOH HOH A . 
E 4 HOH 87  2087 2087 HOH HOH A . 
E 4 HOH 88  2088 2088 HOH HOH A . 
E 4 HOH 89  2089 2089 HOH HOH A . 
E 4 HOH 90  2090 2090 HOH HOH A . 
E 4 HOH 91  2091 2091 HOH HOH A . 
E 4 HOH 92  2092 2092 HOH HOH A . 
E 4 HOH 93  2093 2093 HOH HOH A . 
E 4 HOH 94  2094 2094 HOH HOH A . 
E 4 HOH 95  2095 2095 HOH HOH A . 
E 4 HOH 96  2096 2096 HOH HOH A . 
E 4 HOH 97  2097 2097 HOH HOH A . 
E 4 HOH 98  2098 2098 HOH HOH A . 
E 4 HOH 99  2099 2099 HOH HOH A . 
E 4 HOH 100 2100 2100 HOH HOH A . 
E 4 HOH 101 2101 2101 HOH HOH A . 
E 4 HOH 102 2102 2102 HOH HOH A . 
E 4 HOH 103 2103 2103 HOH HOH A . 
E 4 HOH 104 2104 2104 HOH HOH A . 
E 4 HOH 105 2105 2105 HOH HOH A . 
E 4 HOH 106 2106 2106 HOH HOH A . 
E 4 HOH 107 2107 2107 HOH HOH A . 
E 4 HOH 108 2108 2108 HOH HOH A . 
E 4 HOH 109 2109 2109 HOH HOH A . 
E 4 HOH 110 2110 2110 HOH HOH A . 
E 4 HOH 111 2111 2111 HOH HOH A . 
E 4 HOH 112 2112 2112 HOH HOH A . 
E 4 HOH 113 2113 2113 HOH HOH A . 
E 4 HOH 114 2114 2114 HOH HOH A . 
E 4 HOH 115 2115 2115 HOH HOH A . 
E 4 HOH 116 2116 2116 HOH HOH A . 
E 4 HOH 117 2117 2117 HOH HOH A . 
E 4 HOH 118 2118 2118 HOH HOH A . 
E 4 HOH 119 2119 2119 HOH HOH A . 
E 4 HOH 120 2120 2120 HOH HOH A . 
E 4 HOH 121 2121 2121 HOH HOH A . 
E 4 HOH 122 2122 2122 HOH HOH A . 
E 4 HOH 123 2123 2123 HOH HOH A . 
E 4 HOH 124 2124 2124 HOH HOH A . 
E 4 HOH 125 2125 2125 HOH HOH A . 
E 4 HOH 126 2126 2126 HOH HOH A . 
E 4 HOH 127 2127 2127 HOH HOH A . 
E 4 HOH 128 2128 2128 HOH HOH A . 
E 4 HOH 129 2129 2129 HOH HOH A . 
E 4 HOH 130 2130 2130 HOH HOH A . 
E 4 HOH 131 2131 2131 HOH HOH A . 
E 4 HOH 132 2132 2132 HOH HOH A . 
E 4 HOH 133 2133 2133 HOH HOH A . 
E 4 HOH 134 2134 2134 HOH HOH A . 
E 4 HOH 135 2135 2135 HOH HOH A . 
E 4 HOH 136 2136 2136 HOH HOH A . 
E 4 HOH 137 2137 2137 HOH HOH A . 
E 4 HOH 138 2138 2138 HOH HOH A . 
E 4 HOH 139 2139 2139 HOH HOH A . 
E 4 HOH 140 2140 2140 HOH HOH A . 
E 4 HOH 141 2141 2141 HOH HOH A . 
E 4 HOH 142 2142 2142 HOH HOH A . 
E 4 HOH 143 2143 2143 HOH HOH A . 
E 4 HOH 144 2144 2144 HOH HOH A . 
E 4 HOH 145 2145 2145 HOH HOH A . 
E 4 HOH 146 2146 2146 HOH HOH A . 
E 4 HOH 147 2147 2147 HOH HOH A . 
E 4 HOH 148 2148 2148 HOH HOH A . 
E 4 HOH 149 2149 2149 HOH HOH A . 
E 4 HOH 150 2150 2150 HOH HOH A . 
E 4 HOH 151 2151 2151 HOH HOH A . 
E 4 HOH 152 2152 2152 HOH HOH A . 
E 4 HOH 153 2153 2153 HOH HOH A . 
E 4 HOH 154 2154 2154 HOH HOH A . 
E 4 HOH 155 2155 2155 HOH HOH A . 
E 4 HOH 156 2156 2156 HOH HOH A . 
E 4 HOH 157 2157 2157 HOH HOH A . 
E 4 HOH 158 2158 2158 HOH HOH A . 
E 4 HOH 159 2159 2159 HOH HOH A . 
E 4 HOH 160 2160 2160 HOH HOH A . 
E 4 HOH 161 2161 2161 HOH HOH A . 
E 4 HOH 162 2162 2162 HOH HOH A . 
E 4 HOH 163 2163 2163 HOH HOH A . 
E 4 HOH 164 2164 2164 HOH HOH A . 
E 4 HOH 165 2165 2165 HOH HOH A . 
E 4 HOH 166 2166 2166 HOH HOH A . 
E 4 HOH 167 2167 2167 HOH HOH A . 
E 4 HOH 168 2168 2168 HOH HOH A . 
E 4 HOH 169 2169 2169 HOH HOH A . 
E 4 HOH 170 2170 2170 HOH HOH A . 
E 4 HOH 171 2171 2171 HOH HOH A . 
E 4 HOH 172 2172 2172 HOH HOH A . 
E 4 HOH 173 2173 2173 HOH HOH A . 
E 4 HOH 174 2174 2174 HOH HOH A . 
E 4 HOH 175 2175 2175 HOH HOH A . 
E 4 HOH 176 2176 2176 HOH HOH A . 
E 4 HOH 177 2177 2177 HOH HOH A . 
E 4 HOH 178 2178 2178 HOH HOH A . 
E 4 HOH 179 2179 2179 HOH HOH A . 
E 4 HOH 180 2180 2180 HOH HOH A . 
E 4 HOH 181 2181 2181 HOH HOH A . 
E 4 HOH 182 2182 2182 HOH HOH A . 
E 4 HOH 183 2183 2183 HOH HOH A . 
E 4 HOH 184 2184 2184 HOH HOH A . 
E 4 HOH 185 2185 2185 HOH HOH A . 
E 4 HOH 186 2186 2186 HOH HOH A . 
E 4 HOH 187 2187 2187 HOH HOH A . 
E 4 HOH 188 2188 2188 HOH HOH A . 
E 4 HOH 189 2189 2189 HOH HOH A . 
E 4 HOH 190 2190 2190 HOH HOH A . 
E 4 HOH 191 2191 2191 HOH HOH A . 
E 4 HOH 192 2192 2192 HOH HOH A . 
E 4 HOH 193 2193 2193 HOH HOH A . 
E 4 HOH 194 2194 2194 HOH HOH A . 
E 4 HOH 195 2195 2195 HOH HOH A . 
E 4 HOH 196 2196 2196 HOH HOH A . 
F 4 HOH 1   2001 2001 HOH HOH B . 
F 4 HOH 2   2002 2002 HOH HOH B . 
F 4 HOH 3   2003 2003 HOH HOH B . 
F 4 HOH 4   2004 2004 HOH HOH B . 
F 4 HOH 5   2005 2005 HOH HOH B . 
F 4 HOH 6   2006 2006 HOH HOH B . 
F 4 HOH 7   2007 2007 HOH HOH B . 
F 4 HOH 8   2008 2008 HOH HOH B . 
F 4 HOH 9   2009 2009 HOH HOH B . 
F 4 HOH 10  2010 2010 HOH HOH B . 
F 4 HOH 11  2011 2011 HOH HOH B . 
F 4 HOH 12  2012 2012 HOH HOH B . 
F 4 HOH 13  2013 2013 HOH HOH B . 
F 4 HOH 14  2014 2014 HOH HOH B . 
F 4 HOH 15  2015 2015 HOH HOH B . 
F 4 HOH 16  2016 2016 HOH HOH B . 
F 4 HOH 17  2017 2017 HOH HOH B . 
F 4 HOH 18  2018 2018 HOH HOH B . 
F 4 HOH 19  2019 2019 HOH HOH B . 
F 4 HOH 20  2020 2020 HOH HOH B . 
F 4 HOH 21  2021 2021 HOH HOH B . 
F 4 HOH 22  2022 2022 HOH HOH B . 
F 4 HOH 23  2023 2023 HOH HOH B . 
F 4 HOH 24  2024 2024 HOH HOH B . 
# 
loop_
_software.name 
_software.classification 
_software.version 
_software.citation_id 
_software.pdbx_ordinal 
CNS       refinement       1.0 ? 1 
DENZO     'data reduction' .   ? 2 
SCALEPACK 'data scaling'   .   ? 3 
AMoRE     phasing          .   ? 4 
# 
_cell.entry_id           1OJ8 
_cell.length_a           61.230 
_cell.length_b           61.230 
_cell.length_c           65.880 
_cell.angle_alpha        90.00 
_cell.angle_beta         90.00 
_cell.angle_gamma        90.00 
_cell.Z_PDB              8 
_cell.pdbx_unique_axis   ? 
# 
_symmetry.entry_id                         1OJ8 
_symmetry.space_group_name_H-M             'P 43 21 2' 
_symmetry.pdbx_full_space_group_name_H-M   ? 
_symmetry.cell_setting                     ? 
_symmetry.Int_Tables_number                96 
# 
_exptl.entry_id          1OJ8 
_exptl.method            'X-RAY DIFFRACTION' 
_exptl.crystals_number   1 
# 
_exptl_crystal.id                    1 
_exptl_crystal.density_meas          ? 
_exptl_crystal.density_Matthews      2.59 
_exptl_crystal.density_percent_sol   53 
_exptl_crystal.description           ? 
# 
_exptl_crystal_grow.crystal_id      1 
_exptl_crystal_grow.method          ? 
_exptl_crystal_grow.temp            ? 
_exptl_crystal_grow.temp_details    ? 
_exptl_crystal_grow.pH              7.0 
_exptl_crystal_grow.pdbx_pH_range   ? 
_exptl_crystal_grow.pdbx_details    '3.3 M AMMONIUM SULFATE,2% PEG 400, pH 7.0' 
# 
_diffrn.id                     1 
_diffrn.ambient_temp           100 
_diffrn.ambient_temp_details   ? 
_diffrn.crystal_id             1 
# 
_diffrn_detector.diffrn_id              1 
_diffrn_detector.detector               'IMAGE PLATE' 
_diffrn_detector.type                   'RIGAKU IMAGE PLATE' 
_diffrn_detector.pdbx_collection_date   ? 
_diffrn_detector.details                CONFOCAL 
# 
_diffrn_radiation.diffrn_id                        1 
_diffrn_radiation.wavelength_id                    1 
_diffrn_radiation.pdbx_monochromatic_or_laue_m_l   M 
_diffrn_radiation.monochromator                    ? 
_diffrn_radiation.pdbx_diffrn_protocol             'SINGLE WAVELENGTH' 
_diffrn_radiation.pdbx_scattering_type             x-ray 
# 
_diffrn_radiation_wavelength.id           1 
_diffrn_radiation_wavelength.wavelength   1.54 
_diffrn_radiation_wavelength.wt           1.0 
# 
_diffrn_source.diffrn_id                   1 
_diffrn_source.source                      'ROTATING ANODE' 
_diffrn_source.type                        'RIGAKU RU300' 
_diffrn_source.pdbx_synchrotron_site       ? 
_diffrn_source.pdbx_synchrotron_beamline   ? 
_diffrn_source.pdbx_wavelength             1.54 
_diffrn_source.pdbx_wavelength_list        ? 
# 
_reflns.pdbx_diffrn_id               1 
_reflns.pdbx_ordinal                 1 
_reflns.entry_id                     1OJ8 
_reflns.observed_criterion_sigma_I   2.0 
_reflns.observed_criterion_sigma_F   ? 
_reflns.d_resolution_low             20.0 
_reflns.d_resolution_high            1.7 
_reflns.number_obs                   12965 
_reflns.number_all                   ? 
_reflns.percent_possible_obs         90.5 
_reflns.pdbx_Rmerge_I_obs            0.044 
_reflns.pdbx_Rsym_value              ? 
_reflns.pdbx_netI_over_sigmaI        35.5 
_reflns.B_iso_Wilson_estimate        20.7 
_reflns.pdbx_redundancy              7.32 
# 
_reflns_shell.pdbx_diffrn_id         1 
_reflns_shell.pdbx_ordinal           1 
_reflns_shell.d_res_high             1.7 
_reflns_shell.d_res_low              1.76 
_reflns_shell.percent_possible_all   97.5 
_reflns_shell.Rmerge_I_obs           0.43 
_reflns_shell.pdbx_Rsym_value        ? 
_reflns_shell.meanI_over_sigI_obs    4.8 
_reflns_shell.pdbx_redundancy        7.3 
# 
_refine.pdbx_refine_id                           'X-RAY DIFFRACTION' 
_refine.entry_id                                 1OJ8 
_refine.pdbx_diffrn_id                           1 
_refine.pdbx_TLS_residual_ADP_flag               ? 
_refine.ls_number_reflns_obs                     11741 
_refine.ls_number_reflns_all                     ? 
_refine.pdbx_ls_sigma_I                          ? 
_refine.pdbx_ls_sigma_F                          2.0 
_refine.pdbx_data_cutoff_high_absF               ? 
_refine.pdbx_data_cutoff_low_absF                ? 
_refine.pdbx_data_cutoff_high_rms_absF           ? 
_refine.ls_d_res_low                             20.0 
_refine.ls_d_res_high                            1.70 
_refine.ls_percent_reflns_obs                    82.0 
_refine.ls_R_factor_obs                          .229 
_refine.ls_R_factor_all                          ? 
_refine.ls_R_factor_R_work                       .229 
_refine.ls_R_factor_R_free                       .273 
_refine.ls_R_factor_R_free_error                 0.008 
_refine.ls_R_factor_R_free_error_details         ? 
_refine.ls_percent_reflns_R_free                 10.4 
_refine.ls_number_reflns_R_free                  1218 
_refine.ls_number_parameters                     ? 
_refine.ls_number_restraints                     ? 
_refine.occupancy_min                            ? 
_refine.occupancy_max                            ? 
_refine.correlation_coeff_Fo_to_Fc               ? 
_refine.correlation_coeff_Fo_to_Fc_free          ? 
_refine.B_iso_mean                               29.6 
_refine.aniso_B[1][1]                            3.45 
_refine.aniso_B[2][2]                            3.45 
_refine.aniso_B[3][3]                            -6.90 
_refine.aniso_B[1][2]                            0.00 
_refine.aniso_B[1][3]                            0.00 
_refine.aniso_B[2][3]                            0.00 
_refine.solvent_model_details                    'FLAT MODEL' 
_refine.solvent_model_param_ksol                 0.38 
_refine.solvent_model_param_bsol                 50.9 
_refine.pdbx_solvent_vdw_probe_radii             ? 
_refine.pdbx_solvent_ion_probe_radii             ? 
_refine.pdbx_solvent_shrinkage_radii             ? 
_refine.pdbx_ls_cross_valid_method               THROUGHOUT 
_refine.details                                  ? 
_refine.pdbx_starting_model                      'PDB ENTRY 1ONC' 
_refine.pdbx_method_to_determine_struct          'MOLECULAR REPLACEMENT' 
_refine.pdbx_isotropic_thermal_model             RESTRAINED 
_refine.pdbx_stereochemistry_target_values       ? 
_refine.pdbx_stereochem_target_val_spec_case     ? 
_refine.pdbx_R_Free_selection_details            RANDOM 
_refine.pdbx_overall_ESU_R                       ? 
_refine.pdbx_overall_ESU_R_Free                  ? 
_refine.overall_SU_ML                            ? 
_refine.pdbx_overall_phase_error                 ? 
_refine.overall_SU_B                             ? 
_refine.overall_SU_R_Cruickshank_DPI             ? 
_refine.pdbx_overall_SU_R_free_Cruickshank_DPI   ? 
_refine.pdbx_overall_SU_R_Blow_DPI               ? 
_refine.pdbx_overall_SU_R_free_Blow_DPI          ? 
# 
_refine_analyze.pdbx_refine_id                  'X-RAY DIFFRACTION' 
_refine_analyze.entry_id                        1OJ8 
_refine_analyze.Luzzati_coordinate_error_obs    0.22 
_refine_analyze.Luzzati_sigma_a_obs             0.14 
_refine_analyze.Luzzati_d_res_low_obs           5.00 
_refine_analyze.Luzzati_coordinate_error_free   0.28 
_refine_analyze.Luzzati_sigma_a_free            0.19 
_refine_analyze.Luzzati_d_res_low_free          ? 
_refine_analyze.number_disordered_residues      ? 
_refine_analyze.occupancy_sum_hydrogen          ? 
_refine_analyze.occupancy_sum_non_hydrogen      ? 
# 
_refine_hist.pdbx_refine_id                   'X-RAY DIFFRACTION' 
_refine_hist.cycle_id                         LAST 
_refine_hist.pdbx_number_atoms_protein        849 
_refine_hist.pdbx_number_atoms_nucleic_acid   83 
_refine_hist.pdbx_number_atoms_ligand         10 
_refine_hist.number_atoms_solvent             220 
_refine_hist.number_atoms_total               1162 
_refine_hist.d_res_high                       1.70 
_refine_hist.d_res_low                        20.0 
# 
loop_
_refine_ls_restr.type 
_refine_ls_restr.dev_ideal 
_refine_ls_restr.dev_ideal_target 
_refine_ls_restr.weight 
_refine_ls_restr.number 
_refine_ls_restr.pdbx_refine_id 
_refine_ls_restr.pdbx_restraint_function 
c_bond_d                0.007 ?    ? ? 'X-RAY DIFFRACTION' ? 
c_bond_d_na             ?     ?    ? ? 'X-RAY DIFFRACTION' ? 
c_bond_d_prot           ?     ?    ? ? 'X-RAY DIFFRACTION' ? 
c_angle_d               ?     ?    ? ? 'X-RAY DIFFRACTION' ? 
c_angle_d_na            ?     ?    ? ? 'X-RAY DIFFRACTION' ? 
c_angle_d_prot          ?     ?    ? ? 'X-RAY DIFFRACTION' ? 
c_angle_deg             1.4   ?    ? ? 'X-RAY DIFFRACTION' ? 
c_angle_deg_na          ?     ?    ? ? 'X-RAY DIFFRACTION' ? 
c_angle_deg_prot        ?     ?    ? ? 'X-RAY DIFFRACTION' ? 
c_dihedral_angle_d      22.7  ?    ? ? 'X-RAY DIFFRACTION' ? 
c_dihedral_angle_d_na   ?     ?    ? ? 'X-RAY DIFFRACTION' ? 
c_dihedral_angle_d_prot ?     ?    ? ? 'X-RAY DIFFRACTION' ? 
c_improper_angle_d      0.91  ?    ? ? 'X-RAY DIFFRACTION' ? 
c_improper_angle_d_na   ?     ?    ? ? 'X-RAY DIFFRACTION' ? 
c_improper_angle_d_prot ?     ?    ? ? 'X-RAY DIFFRACTION' ? 
c_mcbond_it             1.45  1.50 ? ? 'X-RAY DIFFRACTION' ? 
c_mcangle_it            2.06  2.00 ? ? 'X-RAY DIFFRACTION' ? 
c_scbond_it             2.19  2.00 ? ? 'X-RAY DIFFRACTION' ? 
c_scangle_it            3.23  2.50 ? ? 'X-RAY DIFFRACTION' ? 
# 
_refine_ls_shell.pdbx_refine_id                   'X-RAY DIFFRACTION' 
_refine_ls_shell.pdbx_total_number_of_bins_used   6 
_refine_ls_shell.d_res_high                       1.7 
_refine_ls_shell.d_res_low                        1.81 
_refine_ls_shell.number_reflns_R_work             1491 
_refine_ls_shell.R_factor_R_work                  0.290 
_refine_ls_shell.percent_reflns_obs               72.1 
_refine_ls_shell.R_factor_R_free                  0.353 
_refine_ls_shell.R_factor_R_free_error            0.026 
_refine_ls_shell.percent_reflns_R_free            10.7 
_refine_ls_shell.number_reflns_R_free             179 
_refine_ls_shell.number_reflns_all                ? 
_refine_ls_shell.R_factor_all                     ? 
# 
loop_
_pdbx_xplor_file.pdbx_refine_id 
_pdbx_xplor_file.serial_no 
_pdbx_xplor_file.param_file 
_pdbx_xplor_file.topol_file 
'X-RAY DIFFRACTION' 1 PROTEIN_PCA123.PARAM 'PROTEIN)PCA123.TOP' 
'X-RAY DIFFRACTION' 2 ACGA.PARAM           ACGA.TOP             
'X-RAY DIFFRACTION' 3 ION.PARAM            ION.TOP              
'X-RAY DIFFRACTION' 4 WATER.PARAM          WATER.TOP            
# 
_struct.entry_id                  1OJ8 
_struct.title                     
;Novel and retro Binding Modes in Cytotoxic Ribonucleases from Rana catesbeiana of Two Crystal Structures Complexed with d(ApCpGpA) and (2',5'CpG)
;
_struct.pdbx_model_details        ? 
_struct.pdbx_CASP_flag            ? 
_struct.pdbx_model_type_details   ? 
# 
_struct_keywords.entry_id        1OJ8 
_struct_keywords.pdbx_keywords   HYDROLASE 
_struct_keywords.text            'CYTOTOXIC RIBONUCLEASES, ANTI-TUMOR ACTIVITY, SIALIC BINDING AND NUCLEOTIDE BINDING, HYDROLASE' 
# 
loop_
_struct_asym.id 
_struct_asym.pdbx_blank_PDB_chainid_flag 
_struct_asym.pdbx_modified 
_struct_asym.entity_id 
_struct_asym.details 
A N N 1 ? 
B N N 2 ? 
C N N 3 ? 
D N N 3 ? 
E N N 4 ? 
F N N 4 ? 
# 
loop_
_struct_ref.id 
_struct_ref.db_name 
_struct_ref.db_code 
_struct_ref.entity_id 
_struct_ref.pdbx_seq_one_letter_code 
_struct_ref.pdbx_align_begin 
_struct_ref.pdbx_db_accession 
_struct_ref.pdbx_db_isoform 
1 UNP Q9DFY5 1 ? ? Q9DFY5 ? 
2 PDB 1OJ8   2 ? ? 1OJ8   ? 
# 
loop_
_struct_ref_seq.align_id 
_struct_ref_seq.ref_id 
_struct_ref_seq.pdbx_PDB_id_code 
_struct_ref_seq.pdbx_strand_id 
_struct_ref_seq.seq_align_beg 
_struct_ref_seq.pdbx_seq_align_beg_ins_code 
_struct_ref_seq.seq_align_end 
_struct_ref_seq.pdbx_seq_align_end_ins_code 
_struct_ref_seq.pdbx_db_accession 
_struct_ref_seq.db_align_beg 
_struct_ref_seq.pdbx_db_align_beg_ins_code 
_struct_ref_seq.db_align_end 
_struct_ref_seq.pdbx_db_align_end_ins_code 
_struct_ref_seq.pdbx_auth_seq_align_beg 
_struct_ref_seq.pdbx_auth_seq_align_end 
1 1 1OJ8 A 1 ? 105 ? Q9DFY5 24  ? 128 ? 1   105 
2 2 1OJ8 B 1 ? 4   ? 1OJ8   301 ? 304 ? 301 304 
# 
_pdbx_struct_assembly.id                   1 
_pdbx_struct_assembly.details              author_and_software_defined_assembly 
_pdbx_struct_assembly.method_details       PQS 
_pdbx_struct_assembly.oligomeric_details   dimeric 
_pdbx_struct_assembly.oligomeric_count     2 
# 
loop_
_pdbx_struct_assembly_prop.biol_id 
_pdbx_struct_assembly_prop.type 
_pdbx_struct_assembly_prop.value 
_pdbx_struct_assembly_prop.details 
1 'ABSA (A^2)' 839   ? 
1 MORE         -24.0 ? 
1 'SSA (A^2)'  7370  ? 
# 
_pdbx_struct_assembly_gen.assembly_id       1 
_pdbx_struct_assembly_gen.oper_expression   1 
_pdbx_struct_assembly_gen.asym_id_list      A,B,C,D,E,F 
# 
_pdbx_struct_oper_list.id                   1 
_pdbx_struct_oper_list.type                 'identity operation' 
_pdbx_struct_oper_list.name                 1_555 
_pdbx_struct_oper_list.symmetry_operation   x,y,z 
_pdbx_struct_oper_list.matrix[1][1]         1.0000000000 
_pdbx_struct_oper_list.matrix[1][2]         0.0000000000 
_pdbx_struct_oper_list.matrix[1][3]         0.0000000000 
_pdbx_struct_oper_list.vector[1]            0.0000000000 
_pdbx_struct_oper_list.matrix[2][1]         0.0000000000 
_pdbx_struct_oper_list.matrix[2][2]         1.0000000000 
_pdbx_struct_oper_list.matrix[2][3]         0.0000000000 
_pdbx_struct_oper_list.vector[2]            0.0000000000 
_pdbx_struct_oper_list.matrix[3][1]         0.0000000000 
_pdbx_struct_oper_list.matrix[3][2]         0.0000000000 
_pdbx_struct_oper_list.matrix[3][3]         1.0000000000 
_pdbx_struct_oper_list.vector[3]            0.0000000000 
# 
_struct_biol.id   1 
# 
loop_
_struct_conf.conf_type_id 
_struct_conf.id 
_struct_conf.pdbx_PDB_helix_id 
_struct_conf.beg_label_comp_id 
_struct_conf.beg_label_asym_id 
_struct_conf.beg_label_seq_id 
_struct_conf.pdbx_beg_PDB_ins_code 
_struct_conf.end_label_comp_id 
_struct_conf.end_label_asym_id 
_struct_conf.end_label_seq_id 
_struct_conf.pdbx_end_PDB_ins_code 
_struct_conf.beg_auth_comp_id 
_struct_conf.beg_auth_asym_id 
_struct_conf.beg_auth_seq_id 
_struct_conf.end_auth_comp_id 
_struct_conf.end_auth_asym_id 
_struct_conf.end_auth_seq_id 
_struct_conf.pdbx_PDB_helix_class 
_struct_conf.details 
_struct_conf.pdbx_PDB_helix_length 
HELX_P HELX_P1 1 ASP A 2  ? HIS A 10 ? ASP A 2  HIS A 10 1 ? 9 
HELX_P HELX_P2 2 LYS A 18 ? MET A 23 ? LYS A 18 MET A 23 1 ? 6 
HELX_P HELX_P3 3 ARG A 40 ? LEU A 47 ? ARG A 40 LEU A 47 1 ? 8 
# 
_struct_conf_type.id          HELX_P 
_struct_conf_type.criteria    ? 
_struct_conf_type.reference   ? 
# 
loop_
_struct_conn.id 
_struct_conn.conn_type_id 
_struct_conn.pdbx_leaving_atom_flag 
_struct_conn.pdbx_PDB_id 
_struct_conn.ptnr1_label_asym_id 
_struct_conn.ptnr1_label_comp_id 
_struct_conn.ptnr1_label_seq_id 
_struct_conn.ptnr1_label_atom_id 
_struct_conn.pdbx_ptnr1_label_alt_id 
_struct_conn.pdbx_ptnr1_PDB_ins_code 
_struct_conn.pdbx_ptnr1_standard_comp_id 
_struct_conn.ptnr1_symmetry 
_struct_conn.ptnr2_label_asym_id 
_struct_conn.ptnr2_label_comp_id 
_struct_conn.ptnr2_label_seq_id 
_struct_conn.ptnr2_label_atom_id 
_struct_conn.pdbx_ptnr2_label_alt_id 
_struct_conn.pdbx_ptnr2_PDB_ins_code 
_struct_conn.ptnr1_auth_asym_id 
_struct_conn.ptnr1_auth_comp_id 
_struct_conn.ptnr1_auth_seq_id 
_struct_conn.ptnr2_auth_asym_id 
_struct_conn.ptnr2_auth_comp_id 
_struct_conn.ptnr2_auth_seq_id 
_struct_conn.ptnr2_symmetry 
_struct_conn.pdbx_ptnr3_label_atom_id 
_struct_conn.pdbx_ptnr3_label_seq_id 
_struct_conn.pdbx_ptnr3_label_comp_id 
_struct_conn.pdbx_ptnr3_label_asym_id 
_struct_conn.pdbx_ptnr3_label_alt_id 
_struct_conn.pdbx_ptnr3_PDB_ins_code 
_struct_conn.details 
_struct_conn.pdbx_dist_value 
_struct_conn.pdbx_value_order 
_struct_conn.pdbx_role 
disulf1 disulf ?    ? A CYS 19 SG ? ? ? 1_555 A CYS 68  SG ? ? A CYS 19 A CYS 68  1_555 ? ? ? ? ? ? ? 2.027 ? ? 
disulf2 disulf ?    ? A CYS 30 SG ? ? ? 1_555 A CYS 75  SG ? ? A CYS 30 A CYS 75  1_555 ? ? ? ? ? ? ? 2.025 ? ? 
disulf3 disulf ?    ? A CYS 48 SG ? ? ? 1_555 A CYS 90  SG ? ? A CYS 48 A CYS 90  1_555 ? ? ? ? ? ? ? 2.024 ? ? 
disulf4 disulf ?    ? A CYS 87 SG ? ? ? 1_555 A CYS 104 SG ? ? A CYS 87 A CYS 104 1_555 ? ? ? ? ? ? ? 2.029 ? ? 
covale1 covale both ? A PCA 1  C  ? ? ? 1_555 A ASP 2   N  ? ? A PCA 1  A ASP 2   1_555 ? ? ? ? ? ? ? 1.337 ? ? 
# 
loop_
_struct_conn_type.id 
_struct_conn_type.criteria 
_struct_conn_type.reference 
disulf ? ? 
covale ? ? 
# 
loop_
_pdbx_modification_feature.ordinal 
_pdbx_modification_feature.label_comp_id 
_pdbx_modification_feature.label_asym_id 
_pdbx_modification_feature.label_seq_id 
_pdbx_modification_feature.label_alt_id 
_pdbx_modification_feature.modified_residue_label_comp_id 
_pdbx_modification_feature.modified_residue_label_asym_id 
_pdbx_modification_feature.modified_residue_label_seq_id 
_pdbx_modification_feature.modified_residue_label_alt_id 
_pdbx_modification_feature.auth_comp_id 
_pdbx_modification_feature.auth_asym_id 
_pdbx_modification_feature.auth_seq_id 
_pdbx_modification_feature.PDB_ins_code 
_pdbx_modification_feature.symmetry 
_pdbx_modification_feature.modified_residue_auth_comp_id 
_pdbx_modification_feature.modified_residue_auth_asym_id 
_pdbx_modification_feature.modified_residue_auth_seq_id 
_pdbx_modification_feature.modified_residue_PDB_ins_code 
_pdbx_modification_feature.modified_residue_symmetry 
_pdbx_modification_feature.comp_id_linking_atom 
_pdbx_modification_feature.modified_residue_id_linking_atom 
_pdbx_modification_feature.modified_residue_id 
_pdbx_modification_feature.ref_pcm_id 
_pdbx_modification_feature.ref_comp_id 
_pdbx_modification_feature.type 
_pdbx_modification_feature.category 
1 PCA A 1  ? .   . .   . PCA A 1  ? 1_555 .   . .   . .     .  .  GLN 1 PCA 'Pyrrolidone carboxylic acid' 
'Named protein modification' 
2 CYS A 19 ? CYS A 68  ? CYS A 19 ? 1_555 CYS A 68  ? 1_555 SG SG .   . .   None                          'Disulfide bridge' 
3 CYS A 30 ? CYS A 75  ? CYS A 30 ? 1_555 CYS A 75  ? 1_555 SG SG .   . .   None                          'Disulfide bridge' 
4 CYS A 48 ? CYS A 90  ? CYS A 48 ? 1_555 CYS A 90  ? 1_555 SG SG .   . .   None                          'Disulfide bridge' 
5 CYS A 87 ? CYS A 104 ? CYS A 87 ? 1_555 CYS A 104 ? 1_555 SG SG .   . .   None                          'Disulfide bridge' 
# 
_struct_mon_prot_cis.pdbx_id                1 
_struct_mon_prot_cis.label_comp_id          LEU 
_struct_mon_prot_cis.label_seq_id           73 
_struct_mon_prot_cis.label_asym_id          A 
_struct_mon_prot_cis.label_alt_id           . 
_struct_mon_prot_cis.pdbx_PDB_ins_code      ? 
_struct_mon_prot_cis.auth_comp_id           LEU 
_struct_mon_prot_cis.auth_seq_id            73 
_struct_mon_prot_cis.auth_asym_id           A 
_struct_mon_prot_cis.pdbx_label_comp_id_2   PRO 
_struct_mon_prot_cis.pdbx_label_seq_id_2    74 
_struct_mon_prot_cis.pdbx_label_asym_id_2   A 
_struct_mon_prot_cis.pdbx_PDB_ins_code_2    ? 
_struct_mon_prot_cis.pdbx_auth_comp_id_2    PRO 
_struct_mon_prot_cis.pdbx_auth_seq_id_2     74 
_struct_mon_prot_cis.pdbx_auth_asym_id_2    A 
_struct_mon_prot_cis.pdbx_PDB_model_num     1 
_struct_mon_prot_cis.pdbx_omega_angle       -0.20 
# 
loop_
_struct_sheet.id 
_struct_sheet.type 
_struct_sheet.number_strands 
_struct_sheet.details 
AA ? 2 ? 
AB ? 3 ? 
AC ? 3 ? 
AD ? 2 ? 
# 
loop_
_struct_sheet_order.sheet_id 
_struct_sheet_order.range_id_1 
_struct_sheet_order.range_id_2 
_struct_sheet_order.offset 
_struct_sheet_order.sense 
AA 1 2 ? parallel      
AB 1 2 ? anti-parallel 
AB 2 3 ? anti-parallel 
AC 1 2 ? anti-parallel 
AC 2 3 ? anti-parallel 
AD 1 2 ? anti-parallel 
# 
loop_
_struct_sheet_range.sheet_id 
_struct_sheet_range.id 
_struct_sheet_range.beg_label_comp_id 
_struct_sheet_range.beg_label_asym_id 
_struct_sheet_range.beg_label_seq_id 
_struct_sheet_range.pdbx_beg_PDB_ins_code 
_struct_sheet_range.end_label_comp_id 
_struct_sheet_range.end_label_asym_id 
_struct_sheet_range.end_label_seq_id 
_struct_sheet_range.pdbx_end_PDB_ins_code 
_struct_sheet_range.beg_auth_comp_id 
_struct_sheet_range.beg_auth_asym_id 
_struct_sheet_range.beg_auth_seq_id 
_struct_sheet_range.end_auth_comp_id 
_struct_sheet_range.end_auth_asym_id 
_struct_sheet_range.end_auth_seq_id 
AA 1 LEU A 11 ? THR A 12  ? LEU A 11 THR A 12  
AA 2 ILE A 37 ? PHE A 38  ? ILE A 37 PHE A 38  
AB 1 THR A 33 ? THR A 35  ? THR A 33 THR A 35  
AB 2 GLN A 67 ? LYS A 72  ? GLN A 67 LYS A 72  
AB 3 HIS A 76 ? ASP A 80  ? HIS A 76 ASP A 80  
AC 1 THR A 55 ? LEU A 58  ? THR A 55 LEU A 58  
AC 2 ILE A 86 ? MET A 91  ? ILE A 86 MET A 91  
AC 3 LEU A 94 ? VAL A 101 ? LEU A 94 VAL A 101 
AD 1 PHE A 63 ? TYR A 64  ? PHE A 63 TYR A 64  
AD 2 THR A 83 ? ASN A 84  ? THR A 83 ASN A 84  
# 
loop_
_pdbx_struct_sheet_hbond.sheet_id 
_pdbx_struct_sheet_hbond.range_id_1 
_pdbx_struct_sheet_hbond.range_id_2 
_pdbx_struct_sheet_hbond.range_1_label_atom_id 
_pdbx_struct_sheet_hbond.range_1_label_comp_id 
_pdbx_struct_sheet_hbond.range_1_label_asym_id 
_pdbx_struct_sheet_hbond.range_1_label_seq_id 
_pdbx_struct_sheet_hbond.range_1_PDB_ins_code 
_pdbx_struct_sheet_hbond.range_1_auth_atom_id 
_pdbx_struct_sheet_hbond.range_1_auth_comp_id 
_pdbx_struct_sheet_hbond.range_1_auth_asym_id 
_pdbx_struct_sheet_hbond.range_1_auth_seq_id 
_pdbx_struct_sheet_hbond.range_2_label_atom_id 
_pdbx_struct_sheet_hbond.range_2_label_comp_id 
_pdbx_struct_sheet_hbond.range_2_label_asym_id 
_pdbx_struct_sheet_hbond.range_2_label_seq_id 
_pdbx_struct_sheet_hbond.range_2_PDB_ins_code 
_pdbx_struct_sheet_hbond.range_2_auth_atom_id 
_pdbx_struct_sheet_hbond.range_2_auth_comp_id 
_pdbx_struct_sheet_hbond.range_2_auth_asym_id 
_pdbx_struct_sheet_hbond.range_2_auth_seq_id 
AA 1 2 N THR A 12 ? N THR A 12 O ILE A 37 ? O ILE A 37 
AB 1 2 N ASN A 34 ? N ASN A 34 O CYS A 68 ? O CYS A 68 
AB 2 3 N LYS A 71 ? N LYS A 71 O HIS A 76 ? O HIS A 76 
AC 1 2 N VAL A 57 ? N VAL A 57 O LEU A 88 ? O LEU A 88 
AC 2 3 N MET A 91 ? N MET A 91 O LEU A 94 ? O LEU A 94 
AD 1 2 N PHE A 63 ? N PHE A 63 O ASN A 84 ? O ASN A 84 
# 
loop_
_struct_site.id 
_struct_site.pdbx_evidence_code 
_struct_site.pdbx_auth_asym_id 
_struct_site.pdbx_auth_comp_id 
_struct_site.pdbx_auth_seq_id 
_struct_site.pdbx_auth_ins_code 
_struct_site.pdbx_num_residues 
_struct_site.details 
AC1 Software A SO4 201 ? 5 'BINDING SITE FOR RESIDUE SO4 A 201' 
AC2 Software A SO4 202 ? 5 'BINDING SITE FOR RESIDUE SO4 A 202' 
# 
loop_
_struct_site_gen.id 
_struct_site_gen.site_id 
_struct_site_gen.pdbx_num_res 
_struct_site_gen.label_comp_id 
_struct_site_gen.label_asym_id 
_struct_site_gen.label_seq_id 
_struct_site_gen.pdbx_auth_ins_code 
_struct_site_gen.auth_comp_id 
_struct_site_gen.auth_asym_id 
_struct_site_gen.auth_seq_id 
_struct_site_gen.label_atom_id 
_struct_site_gen.label_alt_id 
_struct_site_gen.symmetry 
_struct_site_gen.details 
1  AC1 5 LYS A 9  ? LYS A 9    . ? 1_555 ? 
2  AC1 5 HIS A 10 ? HIS A 10   . ? 1_555 ? 
3  AC1 5 HIS A 97 ? HIS A 97   . ? 1_555 ? 
4  AC1 5 PHE A 98 ? PHE A 98   . ? 1_555 ? 
5  AC1 5 HOH E .  ? HOH A 2049 . ? 1_555 ? 
6  AC2 5 ARG A 70 ? ARG A 70   . ? 1_555 ? 
7  AC2 5 LYS A 71 ? LYS A 71   . ? 1_555 ? 
8  AC2 5 LYS A 72 ? LYS A 72   . ? 1_555 ? 
9  AC2 5 LEU A 73 ? LEU A 73   . ? 1_555 ? 
10 AC2 5 HOH E .  ? HOH A 2164 . ? 1_555 ? 
# 
_pdbx_entry_details.entry_id                   1OJ8 
_pdbx_entry_details.compound_details           ? 
_pdbx_entry_details.source_details             ? 
_pdbx_entry_details.nonpolymer_details         ? 
_pdbx_entry_details.sequence_details           ? 
_pdbx_entry_details.has_ligand_of_interest     ? 
_pdbx_entry_details.has_protein_modification   Y 
# 
_pdbx_validate_symm_contact.id                1 
_pdbx_validate_symm_contact.PDB_model_num     1 
_pdbx_validate_symm_contact.auth_atom_id_1    O 
_pdbx_validate_symm_contact.auth_asym_id_1    A 
_pdbx_validate_symm_contact.auth_comp_id_1    HOH 
_pdbx_validate_symm_contact.auth_seq_id_1     2110 
_pdbx_validate_symm_contact.PDB_ins_code_1    ? 
_pdbx_validate_symm_contact.label_alt_id_1    ? 
_pdbx_validate_symm_contact.site_symmetry_1   1_555 
_pdbx_validate_symm_contact.auth_atom_id_2    O 
_pdbx_validate_symm_contact.auth_asym_id_2    A 
_pdbx_validate_symm_contact.auth_comp_id_2    HOH 
_pdbx_validate_symm_contact.auth_seq_id_2     2110 
_pdbx_validate_symm_contact.PDB_ins_code_2    ? 
_pdbx_validate_symm_contact.label_alt_id_2    ? 
_pdbx_validate_symm_contact.site_symmetry_2   8_664 
_pdbx_validate_symm_contact.dist              2.02 
# 
loop_
_pdbx_validate_rmsd_angle.id 
_pdbx_validate_rmsd_angle.PDB_model_num 
_pdbx_validate_rmsd_angle.auth_atom_id_1 
_pdbx_validate_rmsd_angle.auth_asym_id_1 
_pdbx_validate_rmsd_angle.auth_comp_id_1 
_pdbx_validate_rmsd_angle.auth_seq_id_1 
_pdbx_validate_rmsd_angle.PDB_ins_code_1 
_pdbx_validate_rmsd_angle.label_alt_id_1 
_pdbx_validate_rmsd_angle.auth_atom_id_2 
_pdbx_validate_rmsd_angle.auth_asym_id_2 
_pdbx_validate_rmsd_angle.auth_comp_id_2 
_pdbx_validate_rmsd_angle.auth_seq_id_2 
_pdbx_validate_rmsd_angle.PDB_ins_code_2 
_pdbx_validate_rmsd_angle.label_alt_id_2 
_pdbx_validate_rmsd_angle.auth_atom_id_3 
_pdbx_validate_rmsd_angle.auth_asym_id_3 
_pdbx_validate_rmsd_angle.auth_comp_id_3 
_pdbx_validate_rmsd_angle.auth_seq_id_3 
_pdbx_validate_rmsd_angle.PDB_ins_code_3 
_pdbx_validate_rmsd_angle.label_alt_id_3 
_pdbx_validate_rmsd_angle.angle_value 
_pdbx_validate_rmsd_angle.angle_target_value 
_pdbx_validate_rmsd_angle.angle_deviation 
_pdbx_validate_rmsd_angle.angle_standard_deviation 
_pdbx_validate_rmsd_angle.linker_flag 
1 1 CA    A PCA 1   ? ? C     A PCA 1   ? ? N   A ASP 2   ? ? 100.25 117.20 -16.95 2.20 Y 
2 1 O     A PCA 1   ? ? C     A PCA 1   ? ? N   A ASP 2   ? ? 136.94 122.70 14.24  1.60 Y 
3 1 "C3'" B DC  302 ? ? "O3'" B DC  302 ? ? P   B DG  303 ? ? 112.48 119.70 -7.22  1.20 Y 
4 1 "O3'" B DC  302 ? ? P     B DG  303 ? ? OP1 B DG  303 ? ? 120.03 110.50 9.53   1.10 Y 
5 1 "C3'" B DG  303 ? ? "O3'" B DG  303 ? ? P   B DA  304 ? ? 133.70 119.70 14.00  1.20 Y 
# 
_pdbx_validate_torsion.id              1 
_pdbx_validate_torsion.PDB_model_num   1 
_pdbx_validate_torsion.auth_comp_id    CYS 
_pdbx_validate_torsion.auth_asym_id    A 
_pdbx_validate_torsion.auth_seq_id     75 
_pdbx_validate_torsion.PDB_ins_code    ? 
_pdbx_validate_torsion.label_alt_id    ? 
_pdbx_validate_torsion.phi             -144.54 
_pdbx_validate_torsion.psi             39.72 
# 
_pdbx_struct_mod_residue.id               1 
_pdbx_struct_mod_residue.label_asym_id    A 
_pdbx_struct_mod_residue.label_comp_id    PCA 
_pdbx_struct_mod_residue.label_seq_id     1 
_pdbx_struct_mod_residue.auth_asym_id     A 
_pdbx_struct_mod_residue.auth_comp_id     PCA 
_pdbx_struct_mod_residue.auth_seq_id      1 
_pdbx_struct_mod_residue.PDB_ins_code     ? 
_pdbx_struct_mod_residue.parent_comp_id   GLU 
_pdbx_struct_mod_residue.details          'PYROGLUTAMIC ACID' 
# 
loop_
_pdbx_struct_special_symmetry.id 
_pdbx_struct_special_symmetry.PDB_model_num 
_pdbx_struct_special_symmetry.auth_asym_id 
_pdbx_struct_special_symmetry.auth_comp_id 
_pdbx_struct_special_symmetry.auth_seq_id 
_pdbx_struct_special_symmetry.PDB_ins_code 
_pdbx_struct_special_symmetry.label_asym_id 
_pdbx_struct_special_symmetry.label_comp_id 
_pdbx_struct_special_symmetry.label_seq_id 
1 1 A HOH 2015 ? E HOH . 
2 1 A HOH 2089 ? E HOH . 
3 1 A HOH 2127 ? E HOH . 
# 
loop_
_pdbx_distant_solvent_atoms.id 
_pdbx_distant_solvent_atoms.PDB_model_num 
_pdbx_distant_solvent_atoms.auth_atom_id 
_pdbx_distant_solvent_atoms.label_alt_id 
_pdbx_distant_solvent_atoms.auth_asym_id 
_pdbx_distant_solvent_atoms.auth_comp_id 
_pdbx_distant_solvent_atoms.auth_seq_id 
_pdbx_distant_solvent_atoms.PDB_ins_code 
_pdbx_distant_solvent_atoms.neighbor_macromolecule_distance 
_pdbx_distant_solvent_atoms.neighbor_ligand_distance 
1  1 O ? A HOH 2005 ? 5.89  .    
2  1 O ? A HOH 2006 ? 6.39  .    
3  1 O ? A HOH 2007 ? 8.01  .    
4  1 O ? A HOH 2010 ? 6.00  .    
5  1 O ? A HOH 2011 ? 8.19  .    
6  1 O ? A HOH 2015 ? 7.61  .    
7  1 O ? A HOH 2027 ? 6.72  .    
8  1 O ? A HOH 2029 ? 6.13  .    
9  1 O ? A HOH 2033 ? 8.31  .    
10 1 O ? A HOH 2035 ? 10.64 .    
11 1 O ? A HOH 2036 ? 6.73  .    
12 1 O ? A HOH 2042 ? 6.41  .    
13 1 O ? A HOH 2043 ? 8.76  .    
14 1 O ? A HOH 2045 ? .     6.33 
15 1 O ? A HOH 2047 ? 6.65  .    
16 1 O ? A HOH 2048 ? 6.54  .    
17 1 O ? A HOH 2051 ? 7.20  .    
18 1 O ? A HOH 2071 ? 6.61  .    
19 1 O ? A HOH 2084 ? 6.17  .    
20 1 O ? A HOH 2090 ? 6.32  .    
21 1 O ? A HOH 2093 ? 7.45  .    
22 1 O ? B HOH 2006 ? 6.63  .    
23 1 O ? B HOH 2009 ? 6.35  .    
24 1 O ? B HOH 2011 ? 9.20  .    
25 1 O ? B HOH 2012 ? 6.98  .    
26 1 O ? B HOH 2013 ? 9.76  .    
27 1 O ? B HOH 2014 ? 8.65  .    
28 1 O ? B HOH 2015 ? 6.23  .    
# 
loop_
_chem_comp_atom.comp_id 
_chem_comp_atom.atom_id 
_chem_comp_atom.type_symbol 
_chem_comp_atom.pdbx_aromatic_flag 
_chem_comp_atom.pdbx_stereo_config 
_chem_comp_atom.pdbx_ordinal 
ALA N      N N N 1   
ALA CA     C N S 2   
ALA C      C N N 3   
ALA O      O N N 4   
ALA CB     C N N 5   
ALA OXT    O N N 6   
ALA H      H N N 7   
ALA H2     H N N 8   
ALA HA     H N N 9   
ALA HB1    H N N 10  
ALA HB2    H N N 11  
ALA HB3    H N N 12  
ALA HXT    H N N 13  
ARG N      N N N 14  
ARG CA     C N S 15  
ARG C      C N N 16  
ARG O      O N N 17  
ARG CB     C N N 18  
ARG CG     C N N 19  
ARG CD     C N N 20  
ARG NE     N N N 21  
ARG CZ     C N N 22  
ARG NH1    N N N 23  
ARG NH2    N N N 24  
ARG OXT    O N N 25  
ARG H      H N N 26  
ARG H2     H N N 27  
ARG HA     H N N 28  
ARG HB2    H N N 29  
ARG HB3    H N N 30  
ARG HG2    H N N 31  
ARG HG3    H N N 32  
ARG HD2    H N N 33  
ARG HD3    H N N 34  
ARG HE     H N N 35  
ARG HH11   H N N 36  
ARG HH12   H N N 37  
ARG HH21   H N N 38  
ARG HH22   H N N 39  
ARG HXT    H N N 40  
ASN N      N N N 41  
ASN CA     C N S 42  
ASN C      C N N 43  
ASN O      O N N 44  
ASN CB     C N N 45  
ASN CG     C N N 46  
ASN OD1    O N N 47  
ASN ND2    N N N 48  
ASN OXT    O N N 49  
ASN H      H N N 50  
ASN H2     H N N 51  
ASN HA     H N N 52  
ASN HB2    H N N 53  
ASN HB3    H N N 54  
ASN HD21   H N N 55  
ASN HD22   H N N 56  
ASN HXT    H N N 57  
ASP N      N N N 58  
ASP CA     C N S 59  
ASP C      C N N 60  
ASP O      O N N 61  
ASP CB     C N N 62  
ASP CG     C N N 63  
ASP OD1    O N N 64  
ASP OD2    O N N 65  
ASP OXT    O N N 66  
ASP H      H N N 67  
ASP H2     H N N 68  
ASP HA     H N N 69  
ASP HB2    H N N 70  
ASP HB3    H N N 71  
ASP HD2    H N N 72  
ASP HXT    H N N 73  
CYS N      N N N 74  
CYS CA     C N R 75  
CYS C      C N N 76  
CYS O      O N N 77  
CYS CB     C N N 78  
CYS SG     S N N 79  
CYS OXT    O N N 80  
CYS H      H N N 81  
CYS H2     H N N 82  
CYS HA     H N N 83  
CYS HB2    H N N 84  
CYS HB3    H N N 85  
CYS HG     H N N 86  
CYS HXT    H N N 87  
DA  OP3    O N N 88  
DA  P      P N N 89  
DA  OP1    O N N 90  
DA  OP2    O N N 91  
DA  "O5'"  O N N 92  
DA  "C5'"  C N N 93  
DA  "C4'"  C N R 94  
DA  "O4'"  O N N 95  
DA  "C3'"  C N S 96  
DA  "O3'"  O N N 97  
DA  "C2'"  C N N 98  
DA  "C1'"  C N R 99  
DA  N9     N Y N 100 
DA  C8     C Y N 101 
DA  N7     N Y N 102 
DA  C5     C Y N 103 
DA  C6     C Y N 104 
DA  N6     N N N 105 
DA  N1     N Y N 106 
DA  C2     C Y N 107 
DA  N3     N Y N 108 
DA  C4     C Y N 109 
DA  HOP3   H N N 110 
DA  HOP2   H N N 111 
DA  "H5'"  H N N 112 
DA  "H5''" H N N 113 
DA  "H4'"  H N N 114 
DA  "H3'"  H N N 115 
DA  "HO3'" H N N 116 
DA  "H2'"  H N N 117 
DA  "H2''" H N N 118 
DA  "H1'"  H N N 119 
DA  H8     H N N 120 
DA  H61    H N N 121 
DA  H62    H N N 122 
DA  H2     H N N 123 
DC  OP3    O N N 124 
DC  P      P N N 125 
DC  OP1    O N N 126 
DC  OP2    O N N 127 
DC  "O5'"  O N N 128 
DC  "C5'"  C N N 129 
DC  "C4'"  C N R 130 
DC  "O4'"  O N N 131 
DC  "C3'"  C N S 132 
DC  "O3'"  O N N 133 
DC  "C2'"  C N N 134 
DC  "C1'"  C N R 135 
DC  N1     N N N 136 
DC  C2     C N N 137 
DC  O2     O N N 138 
DC  N3     N N N 139 
DC  C4     C N N 140 
DC  N4     N N N 141 
DC  C5     C N N 142 
DC  C6     C N N 143 
DC  HOP3   H N N 144 
DC  HOP2   H N N 145 
DC  "H5'"  H N N 146 
DC  "H5''" H N N 147 
DC  "H4'"  H N N 148 
DC  "H3'"  H N N 149 
DC  "HO3'" H N N 150 
DC  "H2'"  H N N 151 
DC  "H2''" H N N 152 
DC  "H1'"  H N N 153 
DC  H41    H N N 154 
DC  H42    H N N 155 
DC  H5     H N N 156 
DC  H6     H N N 157 
DG  OP3    O N N 158 
DG  P      P N N 159 
DG  OP1    O N N 160 
DG  OP2    O N N 161 
DG  "O5'"  O N N 162 
DG  "C5'"  C N N 163 
DG  "C4'"  C N R 164 
DG  "O4'"  O N N 165 
DG  "C3'"  C N S 166 
DG  "O3'"  O N N 167 
DG  "C2'"  C N N 168 
DG  "C1'"  C N R 169 
DG  N9     N Y N 170 
DG  C8     C Y N 171 
DG  N7     N Y N 172 
DG  C5     C Y N 173 
DG  C6     C N N 174 
DG  O6     O N N 175 
DG  N1     N N N 176 
DG  C2     C N N 177 
DG  N2     N N N 178 
DG  N3     N N N 179 
DG  C4     C Y N 180 
DG  HOP3   H N N 181 
DG  HOP2   H N N 182 
DG  "H5'"  H N N 183 
DG  "H5''" H N N 184 
DG  "H4'"  H N N 185 
DG  "H3'"  H N N 186 
DG  "HO3'" H N N 187 
DG  "H2'"  H N N 188 
DG  "H2''" H N N 189 
DG  "H1'"  H N N 190 
DG  H8     H N N 191 
DG  H1     H N N 192 
DG  H21    H N N 193 
DG  H22    H N N 194 
GLN N      N N N 195 
GLN CA     C N S 196 
GLN C      C N N 197 
GLN O      O N N 198 
GLN CB     C N N 199 
GLN CG     C N N 200 
GLN CD     C N N 201 
GLN OE1    O N N 202 
GLN NE2    N N N 203 
GLN OXT    O N N 204 
GLN H      H N N 205 
GLN H2     H N N 206 
GLN HA     H N N 207 
GLN HB2    H N N 208 
GLN HB3    H N N 209 
GLN HG2    H N N 210 
GLN HG3    H N N 211 
GLN HE21   H N N 212 
GLN HE22   H N N 213 
GLN HXT    H N N 214 
GLU N      N N N 215 
GLU CA     C N S 216 
GLU C      C N N 217 
GLU O      O N N 218 
GLU CB     C N N 219 
GLU CG     C N N 220 
GLU CD     C N N 221 
GLU OE1    O N N 222 
GLU OE2    O N N 223 
GLU OXT    O N N 224 
GLU H      H N N 225 
GLU H2     H N N 226 
GLU HA     H N N 227 
GLU HB2    H N N 228 
GLU HB3    H N N 229 
GLU HG2    H N N 230 
GLU HG3    H N N 231 
GLU HE2    H N N 232 
GLU HXT    H N N 233 
GLY N      N N N 234 
GLY CA     C N N 235 
GLY C      C N N 236 
GLY O      O N N 237 
GLY OXT    O N N 238 
GLY H      H N N 239 
GLY H2     H N N 240 
GLY HA2    H N N 241 
GLY HA3    H N N 242 
GLY HXT    H N N 243 
HIS N      N N N 244 
HIS CA     C N S 245 
HIS C      C N N 246 
HIS O      O N N 247 
HIS CB     C N N 248 
HIS CG     C Y N 249 
HIS ND1    N Y N 250 
HIS CD2    C Y N 251 
HIS CE1    C Y N 252 
HIS NE2    N Y N 253 
HIS OXT    O N N 254 
HIS H      H N N 255 
HIS H2     H N N 256 
HIS HA     H N N 257 
HIS HB2    H N N 258 
HIS HB3    H N N 259 
HIS HD1    H N N 260 
HIS HD2    H N N 261 
HIS HE1    H N N 262 
HIS HE2    H N N 263 
HIS HXT    H N N 264 
HOH O      O N N 265 
HOH H1     H N N 266 
HOH H2     H N N 267 
ILE N      N N N 268 
ILE CA     C N S 269 
ILE C      C N N 270 
ILE O      O N N 271 
ILE CB     C N S 272 
ILE CG1    C N N 273 
ILE CG2    C N N 274 
ILE CD1    C N N 275 
ILE OXT    O N N 276 
ILE H      H N N 277 
ILE H2     H N N 278 
ILE HA     H N N 279 
ILE HB     H N N 280 
ILE HG12   H N N 281 
ILE HG13   H N N 282 
ILE HG21   H N N 283 
ILE HG22   H N N 284 
ILE HG23   H N N 285 
ILE HD11   H N N 286 
ILE HD12   H N N 287 
ILE HD13   H N N 288 
ILE HXT    H N N 289 
LEU N      N N N 290 
LEU CA     C N S 291 
LEU C      C N N 292 
LEU O      O N N 293 
LEU CB     C N N 294 
LEU CG     C N N 295 
LEU CD1    C N N 296 
LEU CD2    C N N 297 
LEU OXT    O N N 298 
LEU H      H N N 299 
LEU H2     H N N 300 
LEU HA     H N N 301 
LEU HB2    H N N 302 
LEU HB3    H N N 303 
LEU HG     H N N 304 
LEU HD11   H N N 305 
LEU HD12   H N N 306 
LEU HD13   H N N 307 
LEU HD21   H N N 308 
LEU HD22   H N N 309 
LEU HD23   H N N 310 
LEU HXT    H N N 311 
LYS N      N N N 312 
LYS CA     C N S 313 
LYS C      C N N 314 
LYS O      O N N 315 
LYS CB     C N N 316 
LYS CG     C N N 317 
LYS CD     C N N 318 
LYS CE     C N N 319 
LYS NZ     N N N 320 
LYS OXT    O N N 321 
LYS H      H N N 322 
LYS H2     H N N 323 
LYS HA     H N N 324 
LYS HB2    H N N 325 
LYS HB3    H N N 326 
LYS HG2    H N N 327 
LYS HG3    H N N 328 
LYS HD2    H N N 329 
LYS HD3    H N N 330 
LYS HE2    H N N 331 
LYS HE3    H N N 332 
LYS HZ1    H N N 333 
LYS HZ2    H N N 334 
LYS HZ3    H N N 335 
LYS HXT    H N N 336 
MET N      N N N 337 
MET CA     C N S 338 
MET C      C N N 339 
MET O      O N N 340 
MET CB     C N N 341 
MET CG     C N N 342 
MET SD     S N N 343 
MET CE     C N N 344 
MET OXT    O N N 345 
MET H      H N N 346 
MET H2     H N N 347 
MET HA     H N N 348 
MET HB2    H N N 349 
MET HB3    H N N 350 
MET HG2    H N N 351 
MET HG3    H N N 352 
MET HE1    H N N 353 
MET HE2    H N N 354 
MET HE3    H N N 355 
MET HXT    H N N 356 
PCA N      N N N 357 
PCA CA     C N S 358 
PCA CB     C N N 359 
PCA CG     C N N 360 
PCA CD     C N N 361 
PCA OE     O N N 362 
PCA C      C N N 363 
PCA O      O N N 364 
PCA OXT    O N N 365 
PCA H      H N N 366 
PCA HA     H N N 367 
PCA HB2    H N N 368 
PCA HB3    H N N 369 
PCA HG2    H N N 370 
PCA HG3    H N N 371 
PCA HXT    H N N 372 
PHE N      N N N 373 
PHE CA     C N S 374 
PHE C      C N N 375 
PHE O      O N N 376 
PHE CB     C N N 377 
PHE CG     C Y N 378 
PHE CD1    C Y N 379 
PHE CD2    C Y N 380 
PHE CE1    C Y N 381 
PHE CE2    C Y N 382 
PHE CZ     C Y N 383 
PHE OXT    O N N 384 
PHE H      H N N 385 
PHE H2     H N N 386 
PHE HA     H N N 387 
PHE HB2    H N N 388 
PHE HB3    H N N 389 
PHE HD1    H N N 390 
PHE HD2    H N N 391 
PHE HE1    H N N 392 
PHE HE2    H N N 393 
PHE HZ     H N N 394 
PHE HXT    H N N 395 
PRO N      N N N 396 
PRO CA     C N S 397 
PRO C      C N N 398 
PRO O      O N N 399 
PRO CB     C N N 400 
PRO CG     C N N 401 
PRO CD     C N N 402 
PRO OXT    O N N 403 
PRO H      H N N 404 
PRO HA     H N N 405 
PRO HB2    H N N 406 
PRO HB3    H N N 407 
PRO HG2    H N N 408 
PRO HG3    H N N 409 
PRO HD2    H N N 410 
PRO HD3    H N N 411 
PRO HXT    H N N 412 
SER N      N N N 413 
SER CA     C N S 414 
SER C      C N N 415 
SER O      O N N 416 
SER CB     C N N 417 
SER OG     O N N 418 
SER OXT    O N N 419 
SER H      H N N 420 
SER H2     H N N 421 
SER HA     H N N 422 
SER HB2    H N N 423 
SER HB3    H N N 424 
SER HG     H N N 425 
SER HXT    H N N 426 
SO4 S      S N N 427 
SO4 O1     O N N 428 
SO4 O2     O N N 429 
SO4 O3     O N N 430 
SO4 O4     O N N 431 
THR N      N N N 432 
THR CA     C N S 433 
THR C      C N N 434 
THR O      O N N 435 
THR CB     C N R 436 
THR OG1    O N N 437 
THR CG2    C N N 438 
THR OXT    O N N 439 
THR H      H N N 440 
THR H2     H N N 441 
THR HA     H N N 442 
THR HB     H N N 443 
THR HG1    H N N 444 
THR HG21   H N N 445 
THR HG22   H N N 446 
THR HG23   H N N 447 
THR HXT    H N N 448 
TRP N      N N N 449 
TRP CA     C N S 450 
TRP C      C N N 451 
TRP O      O N N 452 
TRP CB     C N N 453 
TRP CG     C Y N 454 
TRP CD1    C Y N 455 
TRP CD2    C Y N 456 
TRP NE1    N Y N 457 
TRP CE2    C Y N 458 
TRP CE3    C Y N 459 
TRP CZ2    C Y N 460 
TRP CZ3    C Y N 461 
TRP CH2    C Y N 462 
TRP OXT    O N N 463 
TRP H      H N N 464 
TRP H2     H N N 465 
TRP HA     H N N 466 
TRP HB2    H N N 467 
TRP HB3    H N N 468 
TRP HD1    H N N 469 
TRP HE1    H N N 470 
TRP HE3    H N N 471 
TRP HZ2    H N N 472 
TRP HZ3    H N N 473 
TRP HH2    H N N 474 
TRP HXT    H N N 475 
TYR N      N N N 476 
TYR CA     C N S 477 
TYR C      C N N 478 
TYR O      O N N 479 
TYR CB     C N N 480 
TYR CG     C Y N 481 
TYR CD1    C Y N 482 
TYR CD2    C Y N 483 
TYR CE1    C Y N 484 
TYR CE2    C Y N 485 
TYR CZ     C Y N 486 
TYR OH     O N N 487 
TYR OXT    O N N 488 
TYR H      H N N 489 
TYR H2     H N N 490 
TYR HA     H N N 491 
TYR HB2    H N N 492 
TYR HB3    H N N 493 
TYR HD1    H N N 494 
TYR HD2    H N N 495 
TYR HE1    H N N 496 
TYR HE2    H N N 497 
TYR HH     H N N 498 
TYR HXT    H N N 499 
VAL N      N N N 500 
VAL CA     C N S 501 
VAL C      C N N 502 
VAL O      O N N 503 
VAL CB     C N N 504 
VAL CG1    C N N 505 
VAL CG2    C N N 506 
VAL OXT    O N N 507 
VAL H      H N N 508 
VAL H2     H N N 509 
VAL HA     H N N 510 
VAL HB     H N N 511 
VAL HG11   H N N 512 
VAL HG12   H N N 513 
VAL HG13   H N N 514 
VAL HG21   H N N 515 
VAL HG22   H N N 516 
VAL HG23   H N N 517 
VAL HXT    H N N 518 
# 
loop_
_chem_comp_bond.comp_id 
_chem_comp_bond.atom_id_1 
_chem_comp_bond.atom_id_2 
_chem_comp_bond.value_order 
_chem_comp_bond.pdbx_aromatic_flag 
_chem_comp_bond.pdbx_stereo_config 
_chem_comp_bond.pdbx_ordinal 
ALA N     CA     sing N N 1   
ALA N     H      sing N N 2   
ALA N     H2     sing N N 3   
ALA CA    C      sing N N 4   
ALA CA    CB     sing N N 5   
ALA CA    HA     sing N N 6   
ALA C     O      doub N N 7   
ALA C     OXT    sing N N 8   
ALA CB    HB1    sing N N 9   
ALA CB    HB2    sing N N 10  
ALA CB    HB3    sing N N 11  
ALA OXT   HXT    sing N N 12  
ARG N     CA     sing N N 13  
ARG N     H      sing N N 14  
ARG N     H2     sing N N 15  
ARG CA    C      sing N N 16  
ARG CA    CB     sing N N 17  
ARG CA    HA     sing N N 18  
ARG C     O      doub N N 19  
ARG C     OXT    sing N N 20  
ARG CB    CG     sing N N 21  
ARG CB    HB2    sing N N 22  
ARG CB    HB3    sing N N 23  
ARG CG    CD     sing N N 24  
ARG CG    HG2    sing N N 25  
ARG CG    HG3    sing N N 26  
ARG CD    NE     sing N N 27  
ARG CD    HD2    sing N N 28  
ARG CD    HD3    sing N N 29  
ARG NE    CZ     sing N N 30  
ARG NE    HE     sing N N 31  
ARG CZ    NH1    sing N N 32  
ARG CZ    NH2    doub N N 33  
ARG NH1   HH11   sing N N 34  
ARG NH1   HH12   sing N N 35  
ARG NH2   HH21   sing N N 36  
ARG NH2   HH22   sing N N 37  
ARG OXT   HXT    sing N N 38  
ASN N     CA     sing N N 39  
ASN N     H      sing N N 40  
ASN N     H2     sing N N 41  
ASN CA    C      sing N N 42  
ASN CA    CB     sing N N 43  
ASN CA    HA     sing N N 44  
ASN C     O      doub N N 45  
ASN C     OXT    sing N N 46  
ASN CB    CG     sing N N 47  
ASN CB    HB2    sing N N 48  
ASN CB    HB3    sing N N 49  
ASN CG    OD1    doub N N 50  
ASN CG    ND2    sing N N 51  
ASN ND2   HD21   sing N N 52  
ASN ND2   HD22   sing N N 53  
ASN OXT   HXT    sing N N 54  
ASP N     CA     sing N N 55  
ASP N     H      sing N N 56  
ASP N     H2     sing N N 57  
ASP CA    C      sing N N 58  
ASP CA    CB     sing N N 59  
ASP CA    HA     sing N N 60  
ASP C     O      doub N N 61  
ASP C     OXT    sing N N 62  
ASP CB    CG     sing N N 63  
ASP CB    HB2    sing N N 64  
ASP CB    HB3    sing N N 65  
ASP CG    OD1    doub N N 66  
ASP CG    OD2    sing N N 67  
ASP OD2   HD2    sing N N 68  
ASP OXT   HXT    sing N N 69  
CYS N     CA     sing N N 70  
CYS N     H      sing N N 71  
CYS N     H2     sing N N 72  
CYS CA    C      sing N N 73  
CYS CA    CB     sing N N 74  
CYS CA    HA     sing N N 75  
CYS C     O      doub N N 76  
CYS C     OXT    sing N N 77  
CYS CB    SG     sing N N 78  
CYS CB    HB2    sing N N 79  
CYS CB    HB3    sing N N 80  
CYS SG    HG     sing N N 81  
CYS OXT   HXT    sing N N 82  
DA  OP3   P      sing N N 83  
DA  OP3   HOP3   sing N N 84  
DA  P     OP1    doub N N 85  
DA  P     OP2    sing N N 86  
DA  P     "O5'"  sing N N 87  
DA  OP2   HOP2   sing N N 88  
DA  "O5'" "C5'"  sing N N 89  
DA  "C5'" "C4'"  sing N N 90  
DA  "C5'" "H5'"  sing N N 91  
DA  "C5'" "H5''" sing N N 92  
DA  "C4'" "O4'"  sing N N 93  
DA  "C4'" "C3'"  sing N N 94  
DA  "C4'" "H4'"  sing N N 95  
DA  "O4'" "C1'"  sing N N 96  
DA  "C3'" "O3'"  sing N N 97  
DA  "C3'" "C2'"  sing N N 98  
DA  "C3'" "H3'"  sing N N 99  
DA  "O3'" "HO3'" sing N N 100 
DA  "C2'" "C1'"  sing N N 101 
DA  "C2'" "H2'"  sing N N 102 
DA  "C2'" "H2''" sing N N 103 
DA  "C1'" N9     sing N N 104 
DA  "C1'" "H1'"  sing N N 105 
DA  N9    C8     sing Y N 106 
DA  N9    C4     sing Y N 107 
DA  C8    N7     doub Y N 108 
DA  C8    H8     sing N N 109 
DA  N7    C5     sing Y N 110 
DA  C5    C6     sing Y N 111 
DA  C5    C4     doub Y N 112 
DA  C6    N6     sing N N 113 
DA  C6    N1     doub Y N 114 
DA  N6    H61    sing N N 115 
DA  N6    H62    sing N N 116 
DA  N1    C2     sing Y N 117 
DA  C2    N3     doub Y N 118 
DA  C2    H2     sing N N 119 
DA  N3    C4     sing Y N 120 
DC  OP3   P      sing N N 121 
DC  OP3   HOP3   sing N N 122 
DC  P     OP1    doub N N 123 
DC  P     OP2    sing N N 124 
DC  P     "O5'"  sing N N 125 
DC  OP2   HOP2   sing N N 126 
DC  "O5'" "C5'"  sing N N 127 
DC  "C5'" "C4'"  sing N N 128 
DC  "C5'" "H5'"  sing N N 129 
DC  "C5'" "H5''" sing N N 130 
DC  "C4'" "O4'"  sing N N 131 
DC  "C4'" "C3'"  sing N N 132 
DC  "C4'" "H4'"  sing N N 133 
DC  "O4'" "C1'"  sing N N 134 
DC  "C3'" "O3'"  sing N N 135 
DC  "C3'" "C2'"  sing N N 136 
DC  "C3'" "H3'"  sing N N 137 
DC  "O3'" "HO3'" sing N N 138 
DC  "C2'" "C1'"  sing N N 139 
DC  "C2'" "H2'"  sing N N 140 
DC  "C2'" "H2''" sing N N 141 
DC  "C1'" N1     sing N N 142 
DC  "C1'" "H1'"  sing N N 143 
DC  N1    C2     sing N N 144 
DC  N1    C6     sing N N 145 
DC  C2    O2     doub N N 146 
DC  C2    N3     sing N N 147 
DC  N3    C4     doub N N 148 
DC  C4    N4     sing N N 149 
DC  C4    C5     sing N N 150 
DC  N4    H41    sing N N 151 
DC  N4    H42    sing N N 152 
DC  C5    C6     doub N N 153 
DC  C5    H5     sing N N 154 
DC  C6    H6     sing N N 155 
DG  OP3   P      sing N N 156 
DG  OP3   HOP3   sing N N 157 
DG  P     OP1    doub N N 158 
DG  P     OP2    sing N N 159 
DG  P     "O5'"  sing N N 160 
DG  OP2   HOP2   sing N N 161 
DG  "O5'" "C5'"  sing N N 162 
DG  "C5'" "C4'"  sing N N 163 
DG  "C5'" "H5'"  sing N N 164 
DG  "C5'" "H5''" sing N N 165 
DG  "C4'" "O4'"  sing N N 166 
DG  "C4'" "C3'"  sing N N 167 
DG  "C4'" "H4'"  sing N N 168 
DG  "O4'" "C1'"  sing N N 169 
DG  "C3'" "O3'"  sing N N 170 
DG  "C3'" "C2'"  sing N N 171 
DG  "C3'" "H3'"  sing N N 172 
DG  "O3'" "HO3'" sing N N 173 
DG  "C2'" "C1'"  sing N N 174 
DG  "C2'" "H2'"  sing N N 175 
DG  "C2'" "H2''" sing N N 176 
DG  "C1'" N9     sing N N 177 
DG  "C1'" "H1'"  sing N N 178 
DG  N9    C8     sing Y N 179 
DG  N9    C4     sing Y N 180 
DG  C8    N7     doub Y N 181 
DG  C8    H8     sing N N 182 
DG  N7    C5     sing Y N 183 
DG  C5    C6     sing N N 184 
DG  C5    C4     doub Y N 185 
DG  C6    O6     doub N N 186 
DG  C6    N1     sing N N 187 
DG  N1    C2     sing N N 188 
DG  N1    H1     sing N N 189 
DG  C2    N2     sing N N 190 
DG  C2    N3     doub N N 191 
DG  N2    H21    sing N N 192 
DG  N2    H22    sing N N 193 
DG  N3    C4     sing N N 194 
GLN N     CA     sing N N 195 
GLN N     H      sing N N 196 
GLN N     H2     sing N N 197 
GLN CA    C      sing N N 198 
GLN CA    CB     sing N N 199 
GLN CA    HA     sing N N 200 
GLN C     O      doub N N 201 
GLN C     OXT    sing N N 202 
GLN CB    CG     sing N N 203 
GLN CB    HB2    sing N N 204 
GLN CB    HB3    sing N N 205 
GLN CG    CD     sing N N 206 
GLN CG    HG2    sing N N 207 
GLN CG    HG3    sing N N 208 
GLN CD    OE1    doub N N 209 
GLN CD    NE2    sing N N 210 
GLN NE2   HE21   sing N N 211 
GLN NE2   HE22   sing N N 212 
GLN OXT   HXT    sing N N 213 
GLU N     CA     sing N N 214 
GLU N     H      sing N N 215 
GLU N     H2     sing N N 216 
GLU CA    C      sing N N 217 
GLU CA    CB     sing N N 218 
GLU CA    HA     sing N N 219 
GLU C     O      doub N N 220 
GLU C     OXT    sing N N 221 
GLU CB    CG     sing N N 222 
GLU CB    HB2    sing N N 223 
GLU CB    HB3    sing N N 224 
GLU CG    CD     sing N N 225 
GLU CG    HG2    sing N N 226 
GLU CG    HG3    sing N N 227 
GLU CD    OE1    doub N N 228 
GLU CD    OE2    sing N N 229 
GLU OE2   HE2    sing N N 230 
GLU OXT   HXT    sing N N 231 
GLY N     CA     sing N N 232 
GLY N     H      sing N N 233 
GLY N     H2     sing N N 234 
GLY CA    C      sing N N 235 
GLY CA    HA2    sing N N 236 
GLY CA    HA3    sing N N 237 
GLY C     O      doub N N 238 
GLY C     OXT    sing N N 239 
GLY OXT   HXT    sing N N 240 
HIS N     CA     sing N N 241 
HIS N     H      sing N N 242 
HIS N     H2     sing N N 243 
HIS CA    C      sing N N 244 
HIS CA    CB     sing N N 245 
HIS CA    HA     sing N N 246 
HIS C     O      doub N N 247 
HIS C     OXT    sing N N 248 
HIS CB    CG     sing N N 249 
HIS CB    HB2    sing N N 250 
HIS CB    HB3    sing N N 251 
HIS CG    ND1    sing Y N 252 
HIS CG    CD2    doub Y N 253 
HIS ND1   CE1    doub Y N 254 
HIS ND1   HD1    sing N N 255 
HIS CD2   NE2    sing Y N 256 
HIS CD2   HD2    sing N N 257 
HIS CE1   NE2    sing Y N 258 
HIS CE1   HE1    sing N N 259 
HIS NE2   HE2    sing N N 260 
HIS OXT   HXT    sing N N 261 
HOH O     H1     sing N N 262 
HOH O     H2     sing N N 263 
ILE N     CA     sing N N 264 
ILE N     H      sing N N 265 
ILE N     H2     sing N N 266 
ILE CA    C      sing N N 267 
ILE CA    CB     sing N N 268 
ILE CA    HA     sing N N 269 
ILE C     O      doub N N 270 
ILE C     OXT    sing N N 271 
ILE CB    CG1    sing N N 272 
ILE CB    CG2    sing N N 273 
ILE CB    HB     sing N N 274 
ILE CG1   CD1    sing N N 275 
ILE CG1   HG12   sing N N 276 
ILE CG1   HG13   sing N N 277 
ILE CG2   HG21   sing N N 278 
ILE CG2   HG22   sing N N 279 
ILE CG2   HG23   sing N N 280 
ILE CD1   HD11   sing N N 281 
ILE CD1   HD12   sing N N 282 
ILE CD1   HD13   sing N N 283 
ILE OXT   HXT    sing N N 284 
LEU N     CA     sing N N 285 
LEU N     H      sing N N 286 
LEU N     H2     sing N N 287 
LEU CA    C      sing N N 288 
LEU CA    CB     sing N N 289 
LEU CA    HA     sing N N 290 
LEU C     O      doub N N 291 
LEU C     OXT    sing N N 292 
LEU CB    CG     sing N N 293 
LEU CB    HB2    sing N N 294 
LEU CB    HB3    sing N N 295 
LEU CG    CD1    sing N N 296 
LEU CG    CD2    sing N N 297 
LEU CG    HG     sing N N 298 
LEU CD1   HD11   sing N N 299 
LEU CD1   HD12   sing N N 300 
LEU CD1   HD13   sing N N 301 
LEU CD2   HD21   sing N N 302 
LEU CD2   HD22   sing N N 303 
LEU CD2   HD23   sing N N 304 
LEU OXT   HXT    sing N N 305 
LYS N     CA     sing N N 306 
LYS N     H      sing N N 307 
LYS N     H2     sing N N 308 
LYS CA    C      sing N N 309 
LYS CA    CB     sing N N 310 
LYS CA    HA     sing N N 311 
LYS C     O      doub N N 312 
LYS C     OXT    sing N N 313 
LYS CB    CG     sing N N 314 
LYS CB    HB2    sing N N 315 
LYS CB    HB3    sing N N 316 
LYS CG    CD     sing N N 317 
LYS CG    HG2    sing N N 318 
LYS CG    HG3    sing N N 319 
LYS CD    CE     sing N N 320 
LYS CD    HD2    sing N N 321 
LYS CD    HD3    sing N N 322 
LYS CE    NZ     sing N N 323 
LYS CE    HE2    sing N N 324 
LYS CE    HE3    sing N N 325 
LYS NZ    HZ1    sing N N 326 
LYS NZ    HZ2    sing N N 327 
LYS NZ    HZ3    sing N N 328 
LYS OXT   HXT    sing N N 329 
MET N     CA     sing N N 330 
MET N     H      sing N N 331 
MET N     H2     sing N N 332 
MET CA    C      sing N N 333 
MET CA    CB     sing N N 334 
MET CA    HA     sing N N 335 
MET C     O      doub N N 336 
MET C     OXT    sing N N 337 
MET CB    CG     sing N N 338 
MET CB    HB2    sing N N 339 
MET CB    HB3    sing N N 340 
MET CG    SD     sing N N 341 
MET CG    HG2    sing N N 342 
MET CG    HG3    sing N N 343 
MET SD    CE     sing N N 344 
MET CE    HE1    sing N N 345 
MET CE    HE2    sing N N 346 
MET CE    HE3    sing N N 347 
MET OXT   HXT    sing N N 348 
PCA N     CA     sing N N 349 
PCA N     CD     sing N N 350 
PCA N     H      sing N N 351 
PCA CA    CB     sing N N 352 
PCA CA    C      sing N N 353 
PCA CA    HA     sing N N 354 
PCA CB    CG     sing N N 355 
PCA CB    HB2    sing N N 356 
PCA CB    HB3    sing N N 357 
PCA CG    CD     sing N N 358 
PCA CG    HG2    sing N N 359 
PCA CG    HG3    sing N N 360 
PCA CD    OE     doub N N 361 
PCA C     O      doub N N 362 
PCA C     OXT    sing N N 363 
PCA OXT   HXT    sing N N 364 
PHE N     CA     sing N N 365 
PHE N     H      sing N N 366 
PHE N     H2     sing N N 367 
PHE CA    C      sing N N 368 
PHE CA    CB     sing N N 369 
PHE CA    HA     sing N N 370 
PHE C     O      doub N N 371 
PHE C     OXT    sing N N 372 
PHE CB    CG     sing N N 373 
PHE CB    HB2    sing N N 374 
PHE CB    HB3    sing N N 375 
PHE CG    CD1    doub Y N 376 
PHE CG    CD2    sing Y N 377 
PHE CD1   CE1    sing Y N 378 
PHE CD1   HD1    sing N N 379 
PHE CD2   CE2    doub Y N 380 
PHE CD2   HD2    sing N N 381 
PHE CE1   CZ     doub Y N 382 
PHE CE1   HE1    sing N N 383 
PHE CE2   CZ     sing Y N 384 
PHE CE2   HE2    sing N N 385 
PHE CZ    HZ     sing N N 386 
PHE OXT   HXT    sing N N 387 
PRO N     CA     sing N N 388 
PRO N     CD     sing N N 389 
PRO N     H      sing N N 390 
PRO CA    C      sing N N 391 
PRO CA    CB     sing N N 392 
PRO CA    HA     sing N N 393 
PRO C     O      doub N N 394 
PRO C     OXT    sing N N 395 
PRO CB    CG     sing N N 396 
PRO CB    HB2    sing N N 397 
PRO CB    HB3    sing N N 398 
PRO CG    CD     sing N N 399 
PRO CG    HG2    sing N N 400 
PRO CG    HG3    sing N N 401 
PRO CD    HD2    sing N N 402 
PRO CD    HD3    sing N N 403 
PRO OXT   HXT    sing N N 404 
SER N     CA     sing N N 405 
SER N     H      sing N N 406 
SER N     H2     sing N N 407 
SER CA    C      sing N N 408 
SER CA    CB     sing N N 409 
SER CA    HA     sing N N 410 
SER C     O      doub N N 411 
SER C     OXT    sing N N 412 
SER CB    OG     sing N N 413 
SER CB    HB2    sing N N 414 
SER CB    HB3    sing N N 415 
SER OG    HG     sing N N 416 
SER OXT   HXT    sing N N 417 
SO4 S     O1     doub N N 418 
SO4 S     O2     doub N N 419 
SO4 S     O3     sing N N 420 
SO4 S     O4     sing N N 421 
THR N     CA     sing N N 422 
THR N     H      sing N N 423 
THR N     H2     sing N N 424 
THR CA    C      sing N N 425 
THR CA    CB     sing N N 426 
THR CA    HA     sing N N 427 
THR C     O      doub N N 428 
THR C     OXT    sing N N 429 
THR CB    OG1    sing N N 430 
THR CB    CG2    sing N N 431 
THR CB    HB     sing N N 432 
THR OG1   HG1    sing N N 433 
THR CG2   HG21   sing N N 434 
THR CG2   HG22   sing N N 435 
THR CG2   HG23   sing N N 436 
THR OXT   HXT    sing N N 437 
TRP N     CA     sing N N 438 
TRP N     H      sing N N 439 
TRP N     H2     sing N N 440 
TRP CA    C      sing N N 441 
TRP CA    CB     sing N N 442 
TRP CA    HA     sing N N 443 
TRP C     O      doub N N 444 
TRP C     OXT    sing N N 445 
TRP CB    CG     sing N N 446 
TRP CB    HB2    sing N N 447 
TRP CB    HB3    sing N N 448 
TRP CG    CD1    doub Y N 449 
TRP CG    CD2    sing Y N 450 
TRP CD1   NE1    sing Y N 451 
TRP CD1   HD1    sing N N 452 
TRP CD2   CE2    doub Y N 453 
TRP CD2   CE3    sing Y N 454 
TRP NE1   CE2    sing Y N 455 
TRP NE1   HE1    sing N N 456 
TRP CE2   CZ2    sing Y N 457 
TRP CE3   CZ3    doub Y N 458 
TRP CE3   HE3    sing N N 459 
TRP CZ2   CH2    doub Y N 460 
TRP CZ2   HZ2    sing N N 461 
TRP CZ3   CH2    sing Y N 462 
TRP CZ3   HZ3    sing N N 463 
TRP CH2   HH2    sing N N 464 
TRP OXT   HXT    sing N N 465 
TYR N     CA     sing N N 466 
TYR N     H      sing N N 467 
TYR N     H2     sing N N 468 
TYR CA    C      sing N N 469 
TYR CA    CB     sing N N 470 
TYR CA    HA     sing N N 471 
TYR C     O      doub N N 472 
TYR C     OXT    sing N N 473 
TYR CB    CG     sing N N 474 
TYR CB    HB2    sing N N 475 
TYR CB    HB3    sing N N 476 
TYR CG    CD1    doub Y N 477 
TYR CG    CD2    sing Y N 478 
TYR CD1   CE1    sing Y N 479 
TYR CD1   HD1    sing N N 480 
TYR CD2   CE2    doub Y N 481 
TYR CD2   HD2    sing N N 482 
TYR CE1   CZ     doub Y N 483 
TYR CE1   HE1    sing N N 484 
TYR CE2   CZ     sing Y N 485 
TYR CE2   HE2    sing N N 486 
TYR CZ    OH     sing N N 487 
TYR OH    HH     sing N N 488 
TYR OXT   HXT    sing N N 489 
VAL N     CA     sing N N 490 
VAL N     H      sing N N 491 
VAL N     H2     sing N N 492 
VAL CA    C      sing N N 493 
VAL CA    CB     sing N N 494 
VAL CA    HA     sing N N 495 
VAL C     O      doub N N 496 
VAL C     OXT    sing N N 497 
VAL CB    CG1    sing N N 498 
VAL CB    CG2    sing N N 499 
VAL CB    HB     sing N N 500 
VAL CG1   HG11   sing N N 501 
VAL CG1   HG12   sing N N 502 
VAL CG1   HG13   sing N N 503 
VAL CG2   HG21   sing N N 504 
VAL CG2   HG22   sing N N 505 
VAL CG2   HG23   sing N N 506 
VAL OXT   HXT    sing N N 507 
# 
_pdbx_initial_refinement_model.id               1 
_pdbx_initial_refinement_model.entity_id_list   ? 
_pdbx_initial_refinement_model.type             'experimental model' 
_pdbx_initial_refinement_model.source_name      PDB 
_pdbx_initial_refinement_model.accession_code   1ONC 
_pdbx_initial_refinement_model.details          'PDB ENTRY 1ONC' 
# 
_atom_sites.entry_id                    1OJ8 
_atom_sites.fract_transf_matrix[1][1]   -0.00955949 
_atom_sites.fract_transf_matrix[1][2]   0.00971915 
_atom_sites.fract_transf_matrix[1][3]   -0.00899379 
_atom_sites.fract_transf_matrix[2][1]   0.01218640 
_atom_sites.fract_transf_matrix[2][2]   0.00211708 
_atom_sites.fract_transf_matrix[2][3]   -0.01066508 
_atom_sites.fract_transf_matrix[3][1]   -0.00481517 
_atom_sites.fract_transf_matrix[3][2]   -0.01203891 
_atom_sites.fract_transf_matrix[3][3]   -0.00789182 
_atom_sites.fract_transf_vector[1]      0.232327 
_atom_sites.fract_transf_vector[2]      0.713110 
_atom_sites.fract_transf_vector[3]      0.035657 
# 
loop_
_atom_type.symbol 
C 
N 
O 
P 
S 
# 
loop_
_atom_site.group_PDB 
_atom_site.id 
_atom_site.type_symbol 
_atom_site.label_atom_id 
_atom_site.label_alt_id 
_atom_site.label_comp_id 
_atom_site.label_asym_id 
_atom_site.label_entity_id 
_atom_site.label_seq_id 
_atom_site.pdbx_PDB_ins_code 
_atom_site.Cartn_x 
_atom_site.Cartn_y 
_atom_site.Cartn_z 
_atom_site.occupancy 
_atom_site.B_iso_or_equiv 
_atom_site.pdbx_formal_charge 
_atom_site.auth_seq_id 
_atom_site.auth_comp_id 
_atom_site.auth_asym_id 
_atom_site.auth_atom_id 
_atom_site.pdbx_PDB_model_num 
HETATM 1    N N     . PCA A 1 1   ? -3.600  4.815   9.190   1.00 32.56 ? 1    PCA A N     1 
HETATM 2    C CA    . PCA A 1 1   ? -4.215  5.412   10.444  1.00 31.94 ? 1    PCA A CA    1 
HETATM 3    C CB    . PCA A 1 1   ? -3.762  6.867   10.541  1.00 30.70 ? 1    PCA A CB    1 
HETATM 4    C CG    . PCA A 1 1   ? -2.877  7.081   9.332   1.00 32.36 ? 1    PCA A CG    1 
HETATM 5    C CD    . PCA A 1 1   ? -2.867  5.745   8.600   1.00 33.39 ? 1    PCA A CD    1 
HETATM 6    O OE    . PCA A 1 1   ? -2.245  5.552   7.568   1.00 35.08 ? 1    PCA A OE    1 
HETATM 7    C C     . PCA A 1 1   ? -5.753  5.386   10.271  1.00 33.76 ? 1    PCA A C     1 
HETATM 8    O O     . PCA A 1 1   ? -6.515  5.248   11.222  1.00 33.99 ? 1    PCA A O     1 
ATOM   9    N N     . ASP A 1 2   ? -5.853  5.716   8.979   1.00 30.37 ? 2    ASP A N     1 
ATOM   10   C CA    . ASP A 1 2   ? -7.218  5.932   8.539   1.00 29.56 ? 2    ASP A CA    1 
ATOM   11   C C     . ASP A 1 2   ? -7.326  5.537   7.071   1.00 30.86 ? 2    ASP A C     1 
ATOM   12   O O     . ASP A 1 2   ? -6.322  5.399   6.386   1.00 29.75 ? 2    ASP A O     1 
ATOM   13   C CB    . ASP A 1 2   ? -7.602  7.402   8.726   1.00 31.81 ? 2    ASP A CB    1 
ATOM   14   C CG    . ASP A 1 2   ? -6.774  8.332   7.864   1.00 31.06 ? 2    ASP A CG    1 
ATOM   15   O OD1   . ASP A 1 2   ? -7.237  8.710   6.766   1.00 32.72 ? 2    ASP A OD1   1 
ATOM   16   O OD2   . ASP A 1 2   ? -5.652  8.681   8.280   1.00 34.37 ? 2    ASP A OD2   1 
ATOM   17   N N     . TRP A 1 3   ? -8.573  5.410   6.581   1.00 20.47 ? 3    TRP A N     1 
ATOM   18   C CA    . TRP A 1 3   ? -8.914  5.012   5.191   1.00 22.02 ? 3    TRP A CA    1 
ATOM   19   C C     . TRP A 1 3   ? -8.468  5.983   4.091   1.00 22.83 ? 3    TRP A C     1 
ATOM   20   O O     . TRP A 1 3   ? -7.982  5.565   3.040   1.00 23.04 ? 3    TRP A O     1 
ATOM   21   C CB    . TRP A 1 3   ? -10.439 4.758   5.079   1.00 20.15 ? 3    TRP A CB    1 
ATOM   22   C CG    . TRP A 1 3   ? -11.000 4.446   3.684   1.00 21.39 ? 3    TRP A CG    1 
ATOM   23   C CD1   . TRP A 1 3   ? -12.092 5.025   3.103   1.00 22.54 ? 3    TRP A CD1   1 
ATOM   24   C CD2   . TRP A 1 3   ? -10.512 3.484   2.730   1.00 21.53 ? 3    TRP A CD2   1 
ATOM   25   N NE1   . TRP A 1 3   ? -12.317 4.494   1.856   1.00 22.38 ? 3    TRP A NE1   1 
ATOM   26   C CE2   . TRP A 1 3   ? -11.362 3.546   1.598   1.00 21.90 ? 3    TRP A CE2   1 
ATOM   27   C CE3   . TRP A 1 3   ? -9.444  2.579   2.720   1.00 20.01 ? 3    TRP A CE3   1 
ATOM   28   C CZ2   . TRP A 1 3   ? -11.170 2.736   0.463   1.00 20.65 ? 3    TRP A CZ2   1 
ATOM   29   C CZ3   . TRP A 1 3   ? -9.253  1.776   1.598   1.00 19.07 ? 3    TRP A CZ3   1 
ATOM   30   C CH2   . TRP A 1 3   ? -10.112 1.860   0.483   1.00 18.11 ? 3    TRP A CH2   1 
ATOM   31   N N     . ASP A 1 4   ? -8.643  7.279   4.327   1.00 24.07 ? 4    ASP A N     1 
ATOM   32   C CA    . ASP A 1 4   ? -8.231  8.289   3.357   1.00 24.08 ? 4    ASP A CA    1 
ATOM   33   C C     . ASP A 1 4   ? -6.708  8.250   3.165   1.00 22.14 ? 4    ASP A C     1 
ATOM   34   O O     . ASP A 1 4   ? -6.210  8.257   2.043   1.00 22.12 ? 4    ASP A O     1 
ATOM   35   C CB    . ASP A 1 4   ? -8.640  9.678   3.847   1.00 27.04 ? 4    ASP A CB    1 
ATOM   36   C CG    . ASP A 1 4   ? -8.474  10.741  2.783   1.00 31.24 ? 4    ASP A CG    1 
ATOM   37   O OD1   . ASP A 1 4   ? -9.097  10.610  1.710   1.00 34.95 ? 4    ASP A OD1   1 
ATOM   38   O OD2   . ASP A 1 4   ? -7.720  11.708  3.019   1.00 35.66 ? 4    ASP A OD2   1 
ATOM   39   N N     . THR A 1 5   ? -5.978  8.205   4.275   1.00 19.96 ? 5    THR A N     1 
ATOM   40   C CA    . THR A 1 5   ? -4.516  8.168   4.238   1.00 20.48 ? 5    THR A CA    1 
ATOM   41   C C     . THR A 1 5   ? -4.025  6.873   3.589   1.00 19.73 ? 5    THR A C     1 
ATOM   42   O O     . THR A 1 5   ? -3.025  6.857   2.888   1.00 19.67 ? 5    THR A O     1 
ATOM   43   C CB    . THR A 1 5   ? -3.926  8.268   5.664   1.00 22.60 ? 5    THR A CB    1 
ATOM   44   O OG1   . THR A 1 5   ? -4.456  9.427   6.317   1.00 25.43 ? 5    THR A OG1   1 
ATOM   45   C CG2   . THR A 1 5   ? -2.409  8.384   5.620   1.00 24.09 ? 5    THR A CG2   1 
ATOM   46   N N     . PHE A 1 6   ? -4.742  5.785   3.840   1.00 16.41 ? 6    PHE A N     1 
ATOM   47   C CA    . PHE A 1 6   ? -4.377  4.498   3.259   1.00 16.88 ? 6    PHE A CA    1 
ATOM   48   C C     . PHE A 1 6   ? -4.423  4.567   1.740   1.00 16.49 ? 6    PHE A C     1 
ATOM   49   O O     . PHE A 1 6   ? -3.524  4.092   1.049   1.00 16.91 ? 6    PHE A O     1 
ATOM   50   C CB    . PHE A 1 6   ? -5.349  3.406   3.704   1.00 14.82 ? 6    PHE A CB    1 
ATOM   51   C CG    . PHE A 1 6   ? -5.060  2.069   3.080   1.00 13.72 ? 6    PHE A CG    1 
ATOM   52   C CD1   . PHE A 1 6   ? -4.112  1.220   3.636   1.00 12.47 ? 6    PHE A CD1   1 
ATOM   53   C CD2   . PHE A 1 6   ? -5.706  1.683   1.913   1.00 15.47 ? 6    PHE A CD2   1 
ATOM   54   C CE1   . PHE A 1 6   ? -3.797  -0.009  3.032   1.00 12.65 ? 6    PHE A CE1   1 
ATOM   55   C CE2   . PHE A 1 6   ? -5.404  0.458   1.298   1.00 14.27 ? 6    PHE A CE2   1 
ATOM   56   C CZ    . PHE A 1 6   ? -4.442  -0.384  1.874   1.00 11.82 ? 6    PHE A CZ    1 
ATOM   57   N N     . GLN A 1 7   ? -5.495  5.147   1.215   1.00 15.74 ? 7    GLN A N     1 
ATOM   58   C CA    . GLN A 1 7   ? -5.636  5.244   -0.229  1.00 16.42 ? 7    GLN A CA    1 
ATOM   59   C C     . GLN A 1 7   ? -4.546  6.120   -0.809  1.00 17.86 ? 7    GLN A C     1 
ATOM   60   O O     . GLN A 1 7   ? -3.964  5.780   -1.815  1.00 16.24 ? 7    GLN A O     1 
ATOM   61   C CB    . GLN A 1 7   ? -6.996  5.818   -0.617  1.00 18.44 ? 7    GLN A CB    1 
ATOM   62   C CG    . GLN A 1 7   ? -8.184  4.988   -0.167  1.00 19.74 ? 7    GLN A CG    1 
ATOM   63   C CD    . GLN A 1 7   ? -9.501  5.681   -0.472  1.00 19.72 ? 7    GLN A CD    1 
ATOM   64   O OE1   . GLN A 1 7   ? -9.915  5.766   -1.616  1.00 20.86 ? 7    GLN A OE1   1 
ATOM   65   N NE2   . GLN A 1 7   ? -10.161 6.176   0.562   1.00 21.42 ? 7    GLN A NE2   1 
ATOM   66   N N     . LYS A 1 8   ? -4.274  7.252   -0.171  1.00 17.18 ? 8    LYS A N     1 
ATOM   67   C CA    . LYS A 1 8   ? -3.245  8.129   -0.700  1.00 18.55 ? 8    LYS A CA    1 
ATOM   68   C C     . LYS A 1 8   ? -1.873  7.481   -0.673  1.00 19.29 ? 8    LYS A C     1 
ATOM   69   O O     . LYS A 1 8   ? -1.114  7.581   -1.636  1.00 17.77 ? 8    LYS A O     1 
ATOM   70   C CB    . LYS A 1 8   ? -3.214  9.445   0.069   1.00 19.52 ? 8    LYS A CB    1 
ATOM   71   C CG    . LYS A 1 8   ? -4.392  10.348  -0.246  1.00 22.05 ? 8    LYS A CG    1 
ATOM   72   C CD    . LYS A 1 8   ? -4.354  11.613  0.602   1.00 24.42 ? 8    LYS A CD    1 
ATOM   73   C CE    . LYS A 1 8   ? -5.453  12.592  0.202   1.00 28.26 ? 8    LYS A CE    1 
ATOM   74   N NZ    . LYS A 1 8   ? -6.815  11.999  0.323   1.00 31.11 ? 8    LYS A NZ    1 
ATOM   75   N N     . LYS A 1 9   ? -1.558  6.804   0.423   1.00 17.43 ? 9    LYS A N     1 
ATOM   76   C CA    . LYS A 1 9   ? -0.257  6.169   0.536   1.00 19.35 ? 9    LYS A CA    1 
ATOM   77   C C     . LYS A 1 9   ? -0.080  4.838   -0.173  1.00 18.36 ? 9    LYS A C     1 
ATOM   78   O O     . LYS A 1 9   ? 1.014   4.533   -0.617  1.00 17.10 ? 9    LYS A O     1 
ATOM   79   C CB    . LYS A 1 9   ? 0.102   5.957   2.006   1.00 21.94 ? 9    LYS A CB    1 
ATOM   80   C CG    . LYS A 1 9   ? 0.116   7.226   2.823   1.00 26.26 ? 9    LYS A CG    1 
ATOM   81   C CD    . LYS A 1 9   ? 1.108   7.112   3.960   1.00 29.18 ? 9    LYS A CD    1 
ATOM   82   C CE    . LYS A 1 9   ? 0.809   5.907   4.819   1.00 31.51 ? 9    LYS A CE    1 
ATOM   83   N NZ    . LYS A 1 9   ? -0.522  6.041   5.475   1.00 33.36 ? 9    LYS A NZ    1 
ATOM   84   N N     . HIS A 1 10  ? -1.154  4.060   -0.300  1.00 15.25 ? 10   HIS A N     1 
ATOM   85   C CA    . HIS A 1 10  ? -1.014  2.732   -0.871  1.00 17.33 ? 10   HIS A CA    1 
ATOM   86   C C     . HIS A 1 10  ? -1.820  2.286   -2.080  1.00 16.96 ? 10   HIS A C     1 
ATOM   87   O O     . HIS A 1 10  ? -1.788  1.106   -2.426  1.00 21.41 ? 10   HIS A O     1 
ATOM   88   C CB    . HIS A 1 10  ? -1.188  1.712   0.252   1.00 15.79 ? 10   HIS A CB    1 
ATOM   89   C CG    . HIS A 1 10  ? -0.227  1.912   1.385   1.00 18.34 ? 10   HIS A CG    1 
ATOM   90   N ND1   . HIS A 1 10  ? 1.132   1.735   1.248   1.00 16.94 ? 10   HIS A ND1   1 
ATOM   91   C CD2   . HIS A 1 10  ? -0.426  2.296   2.670   1.00 18.39 ? 10   HIS A CD2   1 
ATOM   92   C CE1   . HIS A 1 10  ? 1.730   1.999   2.396   1.00 17.14 ? 10   HIS A CE1   1 
ATOM   93   N NE2   . HIS A 1 10  ? 0.807   2.344   3.276   1.00 18.22 ? 10   HIS A NE2   1 
ATOM   94   N N     . LEU A 1 11  ? -2.547  3.190   -2.722  1.00 17.66 ? 11   LEU A N     1 
ATOM   95   C CA    . LEU A 1 11  ? -3.287  2.794   -3.915  1.00 18.75 ? 11   LEU A CA    1 
ATOM   96   C C     . LEU A 1 11  ? -2.763  3.564   -5.105  1.00 18.97 ? 11   LEU A C     1 
ATOM   97   O O     . LEU A 1 11  ? -2.354  4.713   -4.986  1.00 19.92 ? 11   LEU A O     1 
ATOM   98   C CB    . LEU A 1 11  ? -4.786  3.047   -3.759  1.00 18.39 ? 11   LEU A CB    1 
ATOM   99   C CG    . LEU A 1 11  ? -5.524  2.233   -2.692  1.00 20.62 ? 11   LEU A CG    1 
ATOM   100  C CD1   . LEU A 1 11  ? -6.991  2.603   -2.745  1.00 21.53 ? 11   LEU A CD1   1 
ATOM   101  C CD2   . LEU A 1 11  ? -5.346  0.736   -2.934  1.00 21.77 ? 11   LEU A CD2   1 
ATOM   102  N N     . THR A 1 12  ? -2.762  2.917   -6.259  1.00 18.84 ? 12   THR A N     1 
ATOM   103  C CA    . THR A 1 12  ? -2.289  3.562   -7.471  1.00 19.30 ? 12   THR A CA    1 
ATOM   104  C C     . THR A 1 12  ? -3.119  3.089   -8.660  1.00 21.27 ? 12   THR A C     1 
ATOM   105  O O     . THR A 1 12  ? -3.547  1.940   -8.711  1.00 18.28 ? 12   THR A O     1 
ATOM   106  C CB    . THR A 1 12  ? -0.798  3.246   -7.725  1.00 17.70 ? 12   THR A CB    1 
ATOM   107  O OG1   . THR A 1 12  ? -0.358  3.968   -8.874  1.00 17.49 ? 12   THR A OG1   1 
ATOM   108  C CG2   . THR A 1 12  ? -0.575  1.739   -7.954  1.00 17.77 ? 12   THR A CG2   1 
ATOM   109  N N     . ASP A 1 13  ? -3.360  3.998   -9.597  1.00 22.54 ? 13   ASP A N     1 
ATOM   110  C CA    . ASP A 1 13  ? -4.119  3.652   -10.788 1.00 26.84 ? 13   ASP A CA    1 
ATOM   111  C C     . ASP A 1 13  ? -3.140  3.400   -11.921 1.00 26.39 ? 13   ASP A C     1 
ATOM   112  O O     . ASP A 1 13  ? -3.533  3.097   -13.031 1.00 27.42 ? 13   ASP A O     1 
ATOM   113  C CB    . ASP A 1 13  ? -5.087  4.783   -11.170 1.00 30.39 ? 13   ASP A CB    1 
ATOM   114  C CG    . ASP A 1 13  ? -4.377  6.064   -11.579 1.00 33.86 ? 13   ASP A CG    1 
ATOM   115  O OD1   . ASP A 1 13  ? -5.078  7.024   -11.962 1.00 38.75 ? 13   ASP A OD1   1 
ATOM   116  O OD2   . ASP A 1 13  ? -3.130  6.126   -11.525 1.00 34.63 ? 13   ASP A OD2   1 
ATOM   117  N N     . THR A 1 14  ? -1.852  3.526   -11.615 1.00 25.64 ? 14   THR A N     1 
ATOM   118  C CA    . THR A 1 14  ? -0.805  3.316   -12.611 1.00 26.39 ? 14   THR A CA    1 
ATOM   119  C C     . THR A 1 14  ? 0.292   2.371   -12.126 1.00 25.94 ? 14   THR A C     1 
ATOM   120  O O     . THR A 1 14  ? 0.621   2.342   -10.948 1.00 25.75 ? 14   THR A O     1 
ATOM   121  C CB    . THR A 1 14  ? -0.163  4.655   -13.013 1.00 26.21 ? 14   THR A CB    1 
ATOM   122  O OG1   . THR A 1 14  ? 0.858   4.423   -13.989 1.00 30.32 ? 14   THR A OG1   1 
ATOM   123  C CG2   . THR A 1 14  ? 0.442   5.351   -11.803 1.00 24.76 ? 14   THR A CG2   1 
ATOM   124  N N     . LYS A 1 15  ? 0.860   1.591   -13.037 1.00 26.07 ? 15   LYS A N     1 
ATOM   125  C CA    . LYS A 1 15  ? 1.927   0.678   -12.648 1.00 27.65 ? 15   LYS A CA    1 
ATOM   126  C C     . LYS A 1 15  ? 3.268   1.403   -12.578 1.00 27.37 ? 15   LYS A C     1 
ATOM   127  O O     . LYS A 1 15  ? 4.113   1.058   -11.770 1.00 27.33 ? 15   LYS A O     1 
ATOM   128  C CB    . LYS A 1 15  ? 2.017   -0.490  -13.632 1.00 26.66 ? 15   LYS A CB    1 
ATOM   129  C CG    . LYS A 1 15  ? 0.750   -1.301  -13.703 1.00 30.86 ? 15   LYS A CG    1 
ATOM   130  C CD    . LYS A 1 15  ? 0.835   -2.358  -14.785 1.00 32.07 ? 15   LYS A CD    1 
ATOM   131  C CE    . LYS A 1 15  ? -0.472  -3.122  -14.878 1.00 32.38 ? 15   LYS A CE    1 
ATOM   132  N NZ    . LYS A 1 15  ? -0.458  -4.105  -15.993 1.00 35.37 ? 15   LYS A NZ    1 
ATOM   133  N N     . LYS A 1 16  ? 3.445   2.410   -13.431 1.00 28.97 ? 16   LYS A N     1 
ATOM   134  C CA    . LYS A 1 16  ? 4.679   3.191   -13.464 1.00 29.78 ? 16   LYS A CA    1 
ATOM   135  C C     . LYS A 1 16  ? 4.572   4.422   -12.580 1.00 28.68 ? 16   LYS A C     1 
ATOM   136  O O     . LYS A 1 16  ? 4.341   5.528   -13.045 1.00 28.96 ? 16   LYS A O     1 
ATOM   137  C CB    . LYS A 1 16  ? 5.020   3.622   -14.895 1.00 31.67 ? 16   LYS A CB    1 
ATOM   138  C CG    . LYS A 1 16  ? 5.222   2.462   -15.867 1.00 36.48 ? 16   LYS A CG    1 
ATOM   139  C CD    . LYS A 1 16  ? 5.681   2.935   -17.246 1.00 38.69 ? 16   LYS A CD    1 
ATOM   140  C CE    . LYS A 1 16  ? 4.693   3.908   -17.891 1.00 41.14 ? 16   LYS A CE    1 
ATOM   141  N NZ    . LYS A 1 16  ? 3.345   3.320   -18.134 1.00 43.20 ? 16   LYS A NZ    1 
ATOM   142  N N     . VAL A 1 17  ? 4.749   4.209   -11.285 1.00 26.82 ? 17   VAL A N     1 
ATOM   143  C CA    . VAL A 1 17  ? 4.681   5.293   -10.325 1.00 24.65 ? 17   VAL A CA    1 
ATOM   144  C C     . VAL A 1 17  ? 5.931   6.166   -10.445 1.00 24.17 ? 17   VAL A C     1 
ATOM   145  O O     . VAL A 1 17  ? 7.028   5.659   -10.609 1.00 22.05 ? 17   VAL A O     1 
ATOM   146  C CB    . VAL A 1 17  ? 4.585   4.723   -8.893  1.00 23.41 ? 17   VAL A CB    1 
ATOM   147  C CG1   . VAL A 1 17  ? 4.555   5.850   -7.873  1.00 21.58 ? 17   VAL A CG1   1 
ATOM   148  C CG2   . VAL A 1 17  ? 3.345   3.845   -8.774  1.00 22.82 ? 17   VAL A CG2   1 
ATOM   149  N N     . LYS A 1 18  ? 5.739   7.483   -10.379 1.00 22.81 ? 18   LYS A N     1 
ATOM   150  C CA    . LYS A 1 18  ? 6.840   8.440   -10.444 1.00 23.66 ? 18   LYS A CA    1 
ATOM   151  C C     . LYS A 1 18  ? 7.349   8.569   -9.017  1.00 21.89 ? 18   LYS A C     1 
ATOM   152  O O     . LYS A 1 18  ? 6.985   9.496   -8.326  1.00 23.59 ? 18   LYS A O     1 
ATOM   153  C CB    . LYS A 1 18  ? 6.349   9.815   -10.917 1.00 26.82 ? 18   LYS A CB    1 
ATOM   154  C CG    . LYS A 1 18  ? 6.068   9.933   -12.408 1.00 32.77 ? 18   LYS A CG    1 
ATOM   155  C CD    . LYS A 1 18  ? 4.973   8.992   -12.862 1.00 33.49 ? 18   LYS A CD    1 
ATOM   156  C CE    . LYS A 1 18  ? 4.729   9.134   -14.364 1.00 36.40 ? 18   LYS A CE    1 
ATOM   157  N NZ    . LYS A 1 18  ? 3.724   8.154   -14.871 1.00 34.74 ? 18   LYS A NZ    1 
ATOM   158  N N     . CYS A 1 19  ? 8.189   7.628   -8.588  1.00 20.33 ? 19   CYS A N     1 
ATOM   159  C CA    . CYS A 1 19  ? 8.704   7.631   -7.217  1.00 19.43 ? 19   CYS A CA    1 
ATOM   160  C C     . CYS A 1 19  ? 9.324   8.925   -6.690  1.00 20.45 ? 19   CYS A C     1 
ATOM   161  O O     . CYS A 1 19  ? 9.005   9.360   -5.603  1.00 18.22 ? 19   CYS A O     1 
ATOM   162  C CB    . CYS A 1 19  ? 9.720   6.508   -7.033  1.00 18.16 ? 19   CYS A CB    1 
ATOM   163  S SG    . CYS A 1 19  ? 9.006   4.831   -7.140  1.00 17.34 ? 19   CYS A SG    1 
ATOM   164  N N     . ASP A 1 20  ? 10.227  9.527   -7.454  1.00 20.67 ? 20   ASP A N     1 
ATOM   165  C CA    . ASP A 1 20  ? 10.874  10.745  -6.993  1.00 21.40 ? 20   ASP A CA    1 
ATOM   166  C C     . ASP A 1 20  ? 9.921   11.918  -6.833  1.00 23.19 ? 20   ASP A C     1 
ATOM   167  O O     . ASP A 1 20  ? 10.150  12.805  -6.022  1.00 23.95 ? 20   ASP A O     1 
ATOM   168  C CB    . ASP A 1 20  ? 12.018  11.108  -7.941  1.00 22.86 ? 20   ASP A CB    1 
ATOM   169  C CG    . ASP A 1 20  ? 13.275  10.296  -7.667  1.00 24.11 ? 20   ASP A CG    1 
ATOM   170  O OD1   . ASP A 1 20  ? 13.166  9.198   -7.082  1.00 18.47 ? 20   ASP A OD1   1 
ATOM   171  O OD2   . ASP A 1 20  ? 14.376  10.749  -8.047  1.00 26.80 ? 20   ASP A OD2   1 
ATOM   172  N N     . VAL A 1 21  ? 8.844   11.914  -7.602  1.00 23.73 ? 21   VAL A N     1 
ATOM   173  C CA    . VAL A 1 21  ? 7.880   12.988  -7.501  1.00 22.89 ? 21   VAL A CA    1 
ATOM   174  C C     . VAL A 1 21  ? 6.993   12.780  -6.271  1.00 22.48 ? 21   VAL A C     1 
ATOM   175  O O     . VAL A 1 21  ? 6.797   13.694  -5.479  1.00 23.74 ? 21   VAL A O     1 
ATOM   176  C CB    . VAL A 1 21  ? 6.996   13.064  -8.768  1.00 22.66 ? 21   VAL A CB    1 
ATOM   177  C CG1   . VAL A 1 21  ? 5.960   14.167  -8.617  1.00 24.24 ? 21   VAL A CG1   1 
ATOM   178  C CG2   . VAL A 1 21  ? 7.871   13.322  -9.991  1.00 24.93 ? 21   VAL A CG2   1 
ATOM   179  N N     . GLU A 1 22  ? 6.485   11.564  -6.101  1.00 22.50 ? 22   GLU A N     1 
ATOM   180  C CA    . GLU A 1 22  ? 5.594   11.260  -4.985  1.00 23.58 ? 22   GLU A CA    1 
ATOM   181  C C     . GLU A 1 22  ? 6.236   11.172  -3.599  1.00 22.18 ? 22   GLU A C     1 
ATOM   182  O O     . GLU A 1 22  ? 5.707   11.721  -2.651  1.00 22.29 ? 22   GLU A O     1 
ATOM   183  C CB    . GLU A 1 22  ? 4.840   9.950   -5.241  1.00 27.63 ? 22   GLU A CB    1 
ATOM   184  C CG    . GLU A 1 22  ? 4.035   9.896   -6.534  1.00 32.87 ? 22   GLU A CG    1 
ATOM   185  C CD    . GLU A 1 22  ? 3.069   11.058  -6.690  1.00 37.03 ? 22   GLU A CD    1 
ATOM   186  O OE1   . GLU A 1 22  ? 2.285   11.332  -5.752  1.00 38.71 ? 22   GLU A OE1   1 
ATOM   187  O OE2   . GLU A 1 22  ? 3.085   11.695  -7.767  1.00 39.72 ? 22   GLU A OE2   1 
ATOM   188  N N     . MET A 1 23  ? 7.364   10.471  -3.493  1.00 19.84 ? 23   MET A N     1 
ATOM   189  C CA    . MET A 1 23  ? 8.044   10.286  -2.211  1.00 17.13 ? 23   MET A CA    1 
ATOM   190  C C     . MET A 1 23  ? 8.534   11.547  -1.505  1.00 19.52 ? 23   MET A C     1 
ATOM   191  O O     . MET A 1 23  ? 8.788   11.516  -0.313  1.00 15.54 ? 23   MET A O     1 
ATOM   192  C CB    . MET A 1 23  ? 9.213   9.304   -2.365  1.00 18.37 ? 23   MET A CB    1 
ATOM   193  C CG    . MET A 1 23  ? 8.804   7.894   -2.836  1.00 14.41 ? 23   MET A CG    1 
ATOM   194  S SD    . MET A 1 23  ? 7.585   7.101   -1.748  1.00 16.66 ? 23   MET A SD    1 
ATOM   195  C CE    . MET A 1 23  ? 8.583   6.622   -0.404  1.00 15.31 ? 23   MET A CE    1 
ATOM   196  N N     . LYS A 1 24  ? 8.680   12.648  -2.235  1.00 20.10 ? 24   LYS A N     1 
ATOM   197  C CA    . LYS A 1 24  ? 9.137   13.896  -1.621  1.00 22.82 ? 24   LYS A CA    1 
ATOM   198  C C     . LYS A 1 24  ? 7.973   14.579  -0.909  1.00 23.96 ? 24   LYS A C     1 
ATOM   199  O O     . LYS A 1 24  ? 8.164   15.539  -0.177  1.00 24.40 ? 24   LYS A O     1 
ATOM   200  C CB    . LYS A 1 24  ? 9.721   14.840  -2.682  1.00 23.41 ? 24   LYS A CB    1 
ATOM   201  C CG    . LYS A 1 24  ? 8.766   15.125  -3.827  1.00 26.86 ? 24   LYS A CG    1 
ATOM   202  C CD    . LYS A 1 24  ? 9.290   16.194  -4.775  1.00 29.74 ? 24   LYS A CD    1 
ATOM   203  C CE    . LYS A 1 24  ? 8.339   16.392  -5.959  1.00 32.23 ? 24   LYS A CE    1 
ATOM   204  N NZ    . LYS A 1 24  ? 6.943   16.720  -5.547  1.00 31.00 ? 24   LYS A NZ    1 
ATOM   205  N N     . LYS A 1 25  ? 6.765   14.067  -1.132  1.00 25.52 ? 25   LYS A N     1 
ATOM   206  C CA    . LYS A 1 25  ? 5.557   14.610  -0.499  1.00 26.77 ? 25   LYS A CA    1 
ATOM   207  C C     . LYS A 1 25  ? 5.607   14.415  1.012   1.00 25.19 ? 25   LYS A C     1 
ATOM   208  O O     . LYS A 1 25  ? 6.087   13.409  1.483   1.00 25.09 ? 25   LYS A O     1 
ATOM   209  C CB    . LYS A 1 25  ? 4.311   13.898  -1.032  1.00 28.61 ? 25   LYS A CB    1 
ATOM   210  C CG    . LYS A 1 25  ? 3.921   14.266  -2.441  1.00 28.98 ? 25   LYS A CG    1 
ATOM   211  C CD    . LYS A 1 25  ? 2.748   13.418  -2.914  1.00 30.68 ? 25   LYS A CD    1 
ATOM   212  C CE    . LYS A 1 25  ? 1.574   13.476  -1.936  1.00 33.78 ? 25   LYS A CE    1 
ATOM   213  N NZ    . LYS A 1 25  ? 1.212   14.885  -1.598  1.00 36.95 ? 25   LYS A NZ    1 
ATOM   214  N N     . ALA A 1 26  ? 5.090   15.379  1.766   1.00 24.85 ? 26   ALA A N     1 
ATOM   215  C CA    . ALA A 1 26  ? 5.100   15.259  3.216   1.00 25.14 ? 26   ALA A CA    1 
ATOM   216  C C     . ALA A 1 26  ? 4.479   13.924  3.631   1.00 23.66 ? 26   ALA A C     1 
ATOM   217  O O     . ALA A 1 26  ? 4.830   13.364  4.647   1.00 23.00 ? 26   ALA A O     1 
ATOM   218  C CB    . ALA A 1 26  ? 4.344   16.416  3.845   1.00 27.50 ? 26   ALA A CB    1 
ATOM   219  N N     . LEU A 1 27  ? 3.571   13.409  2.812   1.00 24.30 ? 27   LEU A N     1 
ATOM   220  C CA    . LEU A 1 27  ? 2.926   12.139  3.109   1.00 22.98 ? 27   LEU A CA    1 
ATOM   221  C C     . LEU A 1 27  ? 3.957   11.031  3.306   1.00 21.29 ? 27   LEU A C     1 
ATOM   222  O O     . LEU A 1 27  ? 3.804   10.182  4.173   1.00 22.26 ? 27   LEU A O     1 
ATOM   223  C CB    . LEU A 1 27  ? 1.976   11.758  1.971   1.00 25.51 ? 27   LEU A CB    1 
ATOM   224  C CG    . LEU A 1 27  ? 1.196   10.464  2.184   1.00 26.61 ? 27   LEU A CG    1 
ATOM   225  C CD1   . LEU A 1 27  ? 0.256   10.625  3.378   1.00 27.25 ? 27   LEU A CD1   1 
ATOM   226  C CD2   . LEU A 1 27  ? 0.398   10.134  0.921   1.00 29.17 ? 27   LEU A CD2   1 
ATOM   227  N N     . PHE A 1 28  ? 5.007   11.050  2.492   1.00 17.37 ? 28   PHE A N     1 
ATOM   228  C CA    . PHE A 1 28  ? 6.060   10.038  2.567   1.00 17.99 ? 28   PHE A CA    1 
ATOM   229  C C     . PHE A 1 28  ? 7.350   10.539  3.209   1.00 16.02 ? 28   PHE A C     1 
ATOM   230  O O     . PHE A 1 28  ? 8.083   9.757   3.797   1.00 14.90 ? 28   PHE A O     1 
ATOM   231  C CB    . PHE A 1 28  ? 6.353   9.494   1.174   1.00 17.08 ? 28   PHE A CB    1 
ATOM   232  C CG    . PHE A 1 28  ? 5.142   8.961   0.481   1.00 18.58 ? 28   PHE A CG    1 
ATOM   233  C CD1   . PHE A 1 28  ? 4.596   7.732   0.853   1.00 18.24 ? 28   PHE A CD1   1 
ATOM   234  C CD2   . PHE A 1 28  ? 4.547   9.678   -0.546  1.00 20.45 ? 28   PHE A CD2   1 
ATOM   235  C CE1   . PHE A 1 28  ? 3.481   7.225   0.208   1.00 19.78 ? 28   PHE A CE1   1 
ATOM   236  C CE2   . PHE A 1 28  ? 3.430   9.182   -1.196  1.00 21.88 ? 28   PHE A CE2   1 
ATOM   237  C CZ    . PHE A 1 28  ? 2.893   7.948   -0.819  1.00 20.55 ? 28   PHE A CZ    1 
ATOM   238  N N     . ASP A 1 29  ? 7.614   11.840  3.073   1.00 17.21 ? 29   ASP A N     1 
ATOM   239  C CA    . ASP A 1 29  ? 8.794   12.484  3.660   1.00 16.86 ? 29   ASP A CA    1 
ATOM   240  C C     . ASP A 1 29  ? 10.113  11.755  3.400   1.00 16.37 ? 29   ASP A C     1 
ATOM   241  O O     . ASP A 1 29  ? 10.946  11.597  4.291   1.00 16.38 ? 29   ASP A O     1 
ATOM   242  C CB    . ASP A 1 29  ? 8.559   12.673  5.171   1.00 18.04 ? 29   ASP A CB    1 
ATOM   243  C CG    . ASP A 1 29  ? 9.489   13.710  5.801   1.00 20.90 ? 29   ASP A CG    1 
ATOM   244  O OD1   . ASP A 1 29  ? 9.984   14.612  5.096   1.00 20.53 ? 29   ASP A OD1   1 
ATOM   245  O OD2   . ASP A 1 29  ? 9.712   13.631  7.026   1.00 21.92 ? 29   ASP A OD2   1 
ATOM   246  N N     . CYS A 1 30  ? 10.283  11.314  2.156   1.00 15.81 ? 30   CYS A N     1 
ATOM   247  C CA    . CYS A 1 30  ? 11.490  10.631  1.704   1.00 15.08 ? 30   CYS A CA    1 
ATOM   248  C C     . CYS A 1 30  ? 11.910  9.422   2.548   1.00 15.31 ? 30   CYS A C     1 
ATOM   249  O O     . CYS A 1 30  ? 13.084  9.201   2.773   1.00 16.12 ? 30   CYS A O     1 
ATOM   250  C CB    . CYS A 1 30  ? 12.645  11.637  1.593   1.00 13.75 ? 30   CYS A CB    1 
ATOM   251  S SG    . CYS A 1 30  ? 12.229  13.059  0.570   1.00 16.50 ? 30   CYS A SG    1 
ATOM   252  N N     . LYS A 1 31  ? 10.924  8.643   2.994   1.00 16.58 ? 31   LYS A N     1 
ATOM   253  C CA    . LYS A 1 31  ? 11.188  7.446   3.780   1.00 18.00 ? 31   LYS A CA    1 
ATOM   254  C C     . LYS A 1 31  ? 11.863  6.379   2.914   1.00 18.33 ? 31   LYS A C     1 
ATOM   255  O O     . LYS A 1 31  ? 11.917  6.499   1.679   1.00 20.30 ? 31   LYS A O     1 
ATOM   256  C CB    . LYS A 1 31  ? 9.873   6.916   4.391   1.00 17.60 ? 31   LYS A CB    1 
ATOM   257  C CG    . LYS A 1 31  ? 8.854   6.420   3.364   1.00 20.08 ? 31   LYS A CG    1 
ATOM   258  C CD    . LYS A 1 31  ? 7.427   6.397   3.926   1.00 26.11 ? 31   LYS A CD    1 
ATOM   259  C CE    . LYS A 1 31  ? 7.285   5.483   5.136   1.00 26.80 ? 31   LYS A CE    1 
ATOM   260  N NZ    . LYS A 1 31  ? 7.359   4.038   4.789   1.00 29.58 ? 31   LYS A NZ    1 
ATOM   261  N N     . LYS A 1 32  ? 12.356  5.327   3.554   1.00 17.81 ? 32   LYS A N     1 
ATOM   262  C CA    . LYS A 1 32  ? 13.064  4.262   2.847   1.00 19.27 ? 32   LYS A CA    1 
ATOM   263  C C     . LYS A 1 32  ? 12.259  3.516   1.791   1.00 18.71 ? 32   LYS A C     1 
ATOM   264  O O     . LYS A 1 32  ? 12.746  3.270   0.703   1.00 19.25 ? 32   LYS A O     1 
ATOM   265  C CB    . LYS A 1 32  ? 13.651  3.262   3.863   1.00 20.47 ? 32   LYS A CB    1 
ATOM   266  C CG    . LYS A 1 32  ? 14.692  3.873   4.829   1.00 24.23 ? 32   LYS A CG    1 
ATOM   267  C CD    . LYS A 1 32  ? 15.122  2.890   5.936   1.00 26.31 ? 32   LYS A CD    1 
ATOM   268  C CE    . LYS A 1 32  ? 16.202  3.465   6.862   1.00 29.20 ? 32   LYS A CE    1 
ATOM   269  N NZ    . LYS A 1 32  ? 16.564  2.529   7.979   1.00 29.73 ? 32   LYS A NZ    1 
ATOM   270  N N     . THR A 1 33  ? 11.023  3.164   2.109   1.00 18.33 ? 33   THR A N     1 
ATOM   271  C CA    . THR A 1 33  ? 10.223  2.421   1.150   1.00 19.27 ? 33   THR A CA    1 
ATOM   272  C C     . THR A 1 33  ? 8.732   2.623   1.319   1.00 18.09 ? 33   THR A C     1 
ATOM   273  O O     . THR A 1 33  ? 8.250   2.911   2.398   1.00 17.67 ? 33   THR A O     1 
ATOM   274  C CB    . THR A 1 33  ? 10.520  0.904   1.263   1.00 20.26 ? 33   THR A CB    1 
ATOM   275  O OG1   . THR A 1 33  ? 9.696   0.181   0.343   1.00 22.99 ? 33   THR A OG1   1 
ATOM   276  C CG2   . THR A 1 33  ? 10.229  0.409   2.671   1.00 22.63 ? 33   THR A CG2   1 
ATOM   277  N N     . ASN A 1 34  ? 8.014   2.494   0.212   1.00 17.29 ? 34   ASN A N     1 
ATOM   278  C CA    . ASN A 1 34  ? 6.570   2.559   0.237   1.00 15.88 ? 34   ASN A CA    1 
ATOM   279  C C     . ASN A 1 34  ? 6.096   1.663   -0.887  1.00 15.90 ? 34   ASN A C     1 
ATOM   280  O O     . ASN A 1 34  ? 6.603   1.726   -1.992  1.00 14.12 ? 34   ASN A O     1 
ATOM   281  C CB    . ASN A 1 34  ? 6.022   3.957   0.021   1.00 17.65 ? 34   ASN A CB    1 
ATOM   282  C CG    . ASN A 1 34  ? 4.519   3.994   0.176   1.00 19.96 ? 34   ASN A CG    1 
ATOM   283  O OD1   . ASN A 1 34  ? 4.002   3.890   1.287   1.00 20.17 ? 34   ASN A OD1   1 
ATOM   284  N ND2   . ASN A 1 34  ? 3.805   4.113   -0.944  1.00 16.54 ? 34   ASN A ND2   1 
ATOM   285  N N     . THR A 1 35  ? 5.126   0.817   -0.577  1.00 15.17 ? 35   THR A N     1 
ATOM   286  C CA    . THR A 1 35  ? 4.577   -0.097  -1.563  1.00 16.73 ? 35   THR A CA    1 
ATOM   287  C C     . THR A 1 35  ? 3.172   0.362   -1.925  1.00 18.03 ? 35   THR A C     1 
ATOM   288  O O     . THR A 1 35  ? 2.387   0.705   -1.051  1.00 19.57 ? 35   THR A O     1 
ATOM   289  C CB    . THR A 1 35  ? 4.515   -1.552  -1.008  1.00 14.78 ? 35   THR A CB    1 
ATOM   290  O OG1   . THR A 1 35  ? 5.808   -1.943  -0.543  1.00 18.84 ? 35   THR A OG1   1 
ATOM   291  C CG2   . THR A 1 35  ? 4.075   -2.534  -2.100  1.00 15.70 ? 35   THR A CG2   1 
ATOM   292  N N     . PHE A 1 36  ? 2.876   0.388   -3.220  1.00 15.65 ? 36   PHE A N     1 
ATOM   293  C CA    . PHE A 1 36  ? 1.560   0.770   -3.682  1.00 17.62 ? 36   PHE A CA    1 
ATOM   294  C C     . PHE A 1 36  ? 0.843   -0.502  -4.137  1.00 15.52 ? 36   PHE A C     1 
ATOM   295  O O     . PHE A 1 36  ? 1.480   -1.516  -4.401  1.00 16.79 ? 36   PHE A O     1 
ATOM   296  C CB    . PHE A 1 36  ? 1.650   1.760   -4.850  1.00 16.59 ? 36   PHE A CB    1 
ATOM   297  C CG    . PHE A 1 36  ? 2.264   3.082   -4.485  1.00 17.68 ? 36   PHE A CG    1 
ATOM   298  C CD1   . PHE A 1 36  ? 3.647   3.257   -4.516  1.00 18.02 ? 36   PHE A CD1   1 
ATOM   299  C CD2   . PHE A 1 36  ? 1.459   4.152   -4.107  1.00 17.40 ? 36   PHE A CD2   1 
ATOM   300  C CE1   . PHE A 1 36  ? 4.228   4.485   -4.179  1.00 17.76 ? 36   PHE A CE1   1 
ATOM   301  C CE2   . PHE A 1 36  ? 2.024   5.384   -3.766  1.00 17.52 ? 36   PHE A CE2   1 
ATOM   302  C CZ    . PHE A 1 36  ? 3.414   5.548   -3.803  1.00 17.93 ? 36   PHE A CZ    1 
ATOM   303  N N     . ILE A 1 37  ? -0.482  -0.441  -4.203  1.00 15.67 ? 37   ILE A N     1 
ATOM   304  C CA    . ILE A 1 37  ? -1.296  -1.572  -4.637  1.00 15.31 ? 37   ILE A CA    1 
ATOM   305  C C     . ILE A 1 37  ? -2.042  -1.114  -5.900  1.00 14.24 ? 37   ILE A C     1 
ATOM   306  O O     . ILE A 1 37  ? -2.724  -0.102  -5.881  1.00 15.94 ? 37   ILE A O     1 
ATOM   307  C CB    . ILE A 1 37  ? -2.331  -1.979  -3.532  1.00 14.01 ? 37   ILE A CB    1 
ATOM   308  C CG1   . ILE A 1 37  ? -1.608  -2.392  -2.245  1.00 12.06 ? 37   ILE A CG1   1 
ATOM   309  C CG2   . ILE A 1 37  ? -3.205  -3.120  -4.039  1.00 17.44 ? 37   ILE A CG2   1 
ATOM   310  C CD1   . ILE A 1 37  ? -2.480  -2.294  -0.973  1.00 14.66 ? 37   ILE A CD1   1 
ATOM   311  N N     . PHE A 1 38  ? -1.893  -1.850  -7.001  1.00 17.37 ? 38   PHE A N     1 
ATOM   312  C CA    . PHE A 1 38  ? -2.555  -1.487  -8.252  1.00 16.78 ? 38   PHE A CA    1 
ATOM   313  C C     . PHE A 1 38  ? -3.988  -2.003  -8.185  1.00 19.36 ? 38   PHE A C     1 
ATOM   314  O O     . PHE A 1 38  ? -4.273  -3.138  -8.518  1.00 20.49 ? 38   PHE A O     1 
ATOM   315  C CB    . PHE A 1 38  ? -1.776  -2.095  -9.440  1.00 16.57 ? 38   PHE A CB    1 
ATOM   316  C CG    . PHE A 1 38  ? -2.322  -1.731  -10.801 1.00 18.55 ? 38   PHE A CG    1 
ATOM   317  C CD1   . PHE A 1 38  ? -3.004  -2.676  -11.563 1.00 19.71 ? 38   PHE A CD1   1 
ATOM   318  C CD2   . PHE A 1 38  ? -2.122  -0.457  -11.335 1.00 20.20 ? 38   PHE A CD2   1 
ATOM   319  C CE1   . PHE A 1 38  ? -3.480  -2.361  -12.837 1.00 20.96 ? 38   PHE A CE1   1 
ATOM   320  C CE2   . PHE A 1 38  ? -2.594  -0.134  -12.607 1.00 21.22 ? 38   PHE A CE2   1 
ATOM   321  C CZ    . PHE A 1 38  ? -3.274  -1.088  -13.360 1.00 20.59 ? 38   PHE A CZ    1 
ATOM   322  N N     . ALA A 1 39  ? -4.884  -1.145  -7.716  1.00 21.43 ? 39   ALA A N     1 
ATOM   323  C CA    . ALA A 1 39  ? -6.277  -1.516  -7.568  1.00 22.28 ? 39   ALA A CA    1 
ATOM   324  C C     . ALA A 1 39  ? -7.123  -0.296  -7.260  1.00 23.67 ? 39   ALA A C     1 
ATOM   325  O O     . ALA A 1 39  ? -6.632  0.701   -6.741  1.00 25.58 ? 39   ALA A O     1 
ATOM   326  C CB    . ALA A 1 39  ? -6.414  -2.523  -6.454  1.00 22.38 ? 39   ALA A CB    1 
ATOM   327  N N     . ARG A 1 40  ? -8.403  -0.393  -7.591  1.00 25.02 ? 40   ARG A N     1 
ATOM   328  C CA    . ARG A 1 40  ? -9.346  0.679   -7.326  1.00 25.33 ? 40   ARG A CA    1 
ATOM   329  C C     . ARG A 1 40  ? -9.777  0.540   -5.870  1.00 24.14 ? 40   ARG A C     1 
ATOM   330  O O     . ARG A 1 40  ? -9.733  -0.537  -5.303  1.00 22.80 ? 40   ARG A O     1 
ATOM   331  C CB    . ARG A 1 40  ? -10.555 0.564   -8.255  1.00 28.69 ? 40   ARG A CB    1 
ATOM   332  C CG    . ARG A 1 40  ? -10.261 0.966   -9.690  1.00 34.83 ? 40   ARG A CG    1 
ATOM   333  C CD    . ARG A 1 40  ? -11.485 0.786   -10.574 1.00 41.33 ? 40   ARG A CD    1 
ATOM   334  N NE    . ARG A 1 40  ? -11.230 1.223   -11.943 1.00 46.45 ? 40   ARG A NE    1 
ATOM   335  C CZ    . ARG A 1 40  ? -11.018 2.486   -12.299 1.00 48.98 ? 40   ARG A CZ    1 
ATOM   336  N NH1   . ARG A 1 40  ? -11.033 3.449   -11.387 1.00 50.54 ? 40   ARG A NH1   1 
ATOM   337  N NH2   . ARG A 1 40  ? -10.784 2.789   -13.571 1.00 50.99 ? 40   ARG A NH2   1 
ATOM   338  N N     . PRO A 1 41  ? -10.208 1.643   -5.253  1.00 23.63 ? 41   PRO A N     1 
ATOM   339  C CA    . PRO A 1 41  ? -10.628 1.588   -3.852  1.00 22.72 ? 41   PRO A CA    1 
ATOM   340  C C     . PRO A 1 41  ? -11.630 0.485   -3.492  1.00 22.05 ? 41   PRO A C     1 
ATOM   341  O O     . PRO A 1 41  ? -11.440 -0.225  -2.514  1.00 21.24 ? 41   PRO A O     1 
ATOM   342  C CB    . PRO A 1 41  ? -11.183 2.992   -3.604  1.00 23.40 ? 41   PRO A CB    1 
ATOM   343  C CG    . PRO A 1 41  ? -10.343 3.842   -4.507  1.00 23.06 ? 41   PRO A CG    1 
ATOM   344  C CD    . PRO A 1 41  ? -10.323 3.013   -5.783  1.00 24.15 ? 41   PRO A CD    1 
ATOM   345  N N     . PRO A 1 42  ? -12.704 0.328   -4.284  1.00 22.77 ? 42   PRO A N     1 
ATOM   346  C CA    . PRO A 1 42  ? -13.717 -0.694  -4.011  1.00 23.04 ? 42   PRO A CA    1 
ATOM   347  C C     . PRO A 1 42  ? -13.212 -2.119  -3.805  1.00 22.48 ? 42   PRO A C     1 
ATOM   348  O O     . PRO A 1 42  ? -13.655 -2.809  -2.897  1.00 22.03 ? 42   PRO A O     1 
ATOM   349  C CB    . PRO A 1 42  ? -14.642 -0.590  -5.220  1.00 24.29 ? 42   PRO A CB    1 
ATOM   350  C CG    . PRO A 1 42  ? -14.553 0.858   -5.577  1.00 24.12 ? 42   PRO A CG    1 
ATOM   351  C CD    . PRO A 1 42  ? -13.077 1.116   -5.474  1.00 24.07 ? 42   PRO A CD    1 
ATOM   352  N N     . ARG A 1 43  ? -12.288 -2.558  -4.651  1.00 23.27 ? 43   ARG A N     1 
ATOM   353  C CA    . ARG A 1 43  ? -11.779 -3.920  -4.532  1.00 22.77 ? 43   ARG A CA    1 
ATOM   354  C C     . ARG A 1 43  ? -10.986 -4.121  -3.242  1.00 20.64 ? 43   ARG A C     1 
ATOM   355  O O     . ARG A 1 43  ? -11.095 -5.148  -2.579  1.00 19.15 ? 43   ARG A O     1 
ATOM   356  C CB    . ARG A 1 43  ? -10.903 -4.259  -5.743  1.00 26.48 ? 43   ARG A CB    1 
ATOM   357  C CG    . ARG A 1 43  ? -10.385 -5.684  -5.736  1.00 29.07 ? 43   ARG A CG    1 
ATOM   358  C CD    . ARG A 1 43  ? -9.492  -5.980  -6.932  1.00 32.52 ? 43   ARG A CD    1 
ATOM   359  N NE    . ARG A 1 43  ? -8.995  -7.347  -6.856  1.00 36.43 ? 43   ARG A NE    1 
ATOM   360  C CZ    . ARG A 1 43  ? -7.999  -7.837  -7.586  1.00 39.19 ? 43   ARG A CZ    1 
ATOM   361  N NH1   . ARG A 1 43  ? -7.630  -9.100  -7.428  1.00 39.90 ? 43   ARG A NH1   1 
ATOM   362  N NH2   . ARG A 1 43  ? -7.371  -7.071  -8.467  1.00 40.51 ? 43   ARG A NH2   1 
ATOM   363  N N     . VAL A 1 44  ? -10.183 -3.126  -2.892  1.00 21.02 ? 44   VAL A N     1 
ATOM   364  C CA    . VAL A 1 44  ? -9.377  -3.207  -1.688  1.00 20.12 ? 44   VAL A CA    1 
ATOM   365  C C     . VAL A 1 44  ? -10.272 -3.101  -0.454  1.00 20.79 ? 44   VAL A C     1 
ATOM   366  O O     . VAL A 1 44  ? -10.114 -3.847  0.499   1.00 18.94 ? 44   VAL A O     1 
ATOM   367  C CB    . VAL A 1 44  ? -8.297  -2.100  -1.692  1.00 22.59 ? 44   VAL A CB    1 
ATOM   368  C CG1   . VAL A 1 44  ? -7.420  -2.203  -0.459  1.00 22.80 ? 44   VAL A CG1   1 
ATOM   369  C CG2   . VAL A 1 44  ? -7.444  -2.230  -2.951  1.00 22.81 ? 44   VAL A CG2   1 
ATOM   370  N N     . GLN A 1 45  ? -11.229 -2.183  -0.492  1.00 21.31 ? 45   GLN A N     1 
ATOM   371  C CA    . GLN A 1 45  ? -12.147 -2.008  0.630   1.00 22.54 ? 45   GLN A CA    1 
ATOM   372  C C     . GLN A 1 45  ? -12.932 -3.293  0.955   1.00 20.92 ? 45   GLN A C     1 
ATOM   373  O O     . GLN A 1 45  ? -13.174 -3.594  2.116   1.00 20.96 ? 45   GLN A O     1 
ATOM   374  C CB    . GLN A 1 45  ? -13.114 -0.860  0.331   1.00 22.82 ? 45   GLN A CB    1 
ATOM   375  C CG    . GLN A 1 45  ? -14.045 -0.536  1.473   1.00 28.15 ? 45   GLN A CG    1 
ATOM   376  C CD    . GLN A 1 45  ? -15.086 0.491   1.096   1.00 28.75 ? 45   GLN A CD    1 
ATOM   377  O OE1   . GLN A 1 45  ? -14.770 1.536   0.546   1.00 28.91 ? 45   GLN A OE1   1 
ATOM   378  N NE2   . GLN A 1 45  ? -16.338 0.194   1.400   1.00 30.68 ? 45   GLN A NE2   1 
ATOM   379  N N     . ALA A 1 46  ? -13.310 -4.052  -0.074  1.00 20.88 ? 46   ALA A N     1 
ATOM   380  C CA    . ALA A 1 46  ? -14.063 -5.287  0.114   1.00 19.76 ? 46   ALA A CA    1 
ATOM   381  C C     . ALA A 1 46  ? -13.327 -6.325  0.954   1.00 20.12 ? 46   ALA A C     1 
ATOM   382  O O     . ALA A 1 46  ? -13.951 -7.151  1.603   1.00 21.62 ? 46   ALA A O     1 
ATOM   383  C CB    . ALA A 1 46  ? -14.432 -5.887  -1.242  1.00 21.16 ? 46   ALA A CB    1 
ATOM   384  N N     . LEU A 1 47  ? -11.998 -6.277  0.950   1.00 19.40 ? 47   LEU A N     1 
ATOM   385  C CA    . LEU A 1 47  ? -11.220 -7.240  1.725   1.00 19.35 ? 47   LEU A CA    1 
ATOM   386  C C     . LEU A 1 47  ? -11.482 -7.170  3.224   1.00 19.09 ? 47   LEU A C     1 
ATOM   387  O O     . LEU A 1 47  ? -11.281 -8.143  3.932   1.00 18.52 ? 47   LEU A O     1 
ATOM   388  C CB    . LEU A 1 47  ? -9.724  -7.040  1.468   1.00 20.68 ? 47   LEU A CB    1 
ATOM   389  C CG    . LEU A 1 47  ? -9.213  -7.392  0.063   1.00 23.41 ? 47   LEU A CG    1 
ATOM   390  C CD1   . LEU A 1 47  ? -7.797  -6.866  -0.085  1.00 24.45 ? 47   LEU A CD1   1 
ATOM   391  C CD2   . LEU A 1 47  ? -9.244  -8.909  -0.145  1.00 22.68 ? 47   LEU A CD2   1 
ATOM   392  N N     . CYS A 1 48  ? -11.928 -6.011  3.700   1.00 17.54 ? 48   CYS A N     1 
ATOM   393  C CA    . CYS A 1 48  ? -12.198 -5.821  5.117   1.00 17.54 ? 48   CYS A CA    1 
ATOM   394  C C     . CYS A 1 48  ? -13.630 -6.093  5.539   1.00 20.63 ? 48   CYS A C     1 
ATOM   395  O O     . CYS A 1 48  ? -13.965 -5.905  6.690   1.00 21.72 ? 48   CYS A O     1 
ATOM   396  C CB    . CYS A 1 48  ? -11.840 -4.404  5.535   1.00 15.16 ? 48   CYS A CB    1 
ATOM   397  S SG    . CYS A 1 48  ? -10.042 -4.109  5.737   1.00 17.20 ? 48   CYS A SG    1 
ATOM   398  N N     . LYS A 1 49  ? -14.459 -6.553  4.609   1.00 22.02 ? 49   LYS A N     1 
ATOM   399  C CA    . LYS A 1 49  ? -15.850 -6.845  4.921   1.00 25.21 ? 49   LYS A CA    1 
ATOM   400  C C     . LYS A 1 49  ? -15.878 -8.038  5.863   1.00 25.80 ? 49   LYS A C     1 
ATOM   401  O O     . LYS A 1 49  ? -15.286 -9.060  5.580   1.00 26.54 ? 49   LYS A O     1 
ATOM   402  C CB    . LYS A 1 49  ? -16.622 -7.146  3.630   1.00 27.46 ? 49   LYS A CB    1 
ATOM   403  C CG    . LYS A 1 49  ? -18.109 -7.430  3.812   1.00 32.07 ? 49   LYS A CG    1 
ATOM   404  C CD    . LYS A 1 49  ? -18.813 -7.662  2.468   1.00 35.02 ? 49   LYS A CD    1 
ATOM   405  C CE    . LYS A 1 49  ? -18.217 -8.848  1.708   1.00 37.53 ? 49   LYS A CE    1 
ATOM   406  N NZ    . LYS A 1 49  ? -18.242 -10.110 2.505   1.00 39.77 ? 49   LYS A NZ    1 
ATOM   407  N N     . ASN A 1 50  ? -16.542 -7.875  7.003   1.00 26.98 ? 50   ASN A N     1 
ATOM   408  C CA    . ASN A 1 50  ? -16.658 -8.937  7.999   1.00 28.25 ? 50   ASN A CA    1 
ATOM   409  C C     . ASN A 1 50  ? -15.395 -9.186  8.833   1.00 27.34 ? 50   ASN A C     1 
ATOM   410  O O     . ASN A 1 50  ? -15.311 -10.162 9.565   1.00 27.45 ? 50   ASN A O     1 
ATOM   411  C CB    . ASN A 1 50  ? -17.122 -10.232 7.315   1.00 31.77 ? 50   ASN A CB    1 
ATOM   412  C CG    . ASN A 1 50  ? -18.490 -10.081 6.656   1.00 35.04 ? 50   ASN A CG    1 
ATOM   413  O OD1   . ASN A 1 50  ? -19.464 -9.743  7.309   1.00 36.90 ? 50   ASN A OD1   1 
ATOM   414  N ND2   . ASN A 1 50  ? -18.554 -10.331 5.350   1.00 38.24 ? 50   ASN A ND2   1 
ATOM   415  N N     . ILE A 1 51  ? -14.419 -8.286  8.738   1.00 23.94 ? 51   ILE A N     1 
ATOM   416  C CA    . ILE A 1 51  ? -13.191 -8.439  9.508   1.00 23.06 ? 51   ILE A CA    1 
ATOM   417  C C     . ILE A 1 51  ? -13.266 -7.675  10.834  1.00 23.17 ? 51   ILE A C     1 
ATOM   418  O O     . ILE A 1 51  ? -13.650 -6.518  10.864  1.00 25.46 ? 51   ILE A O     1 
ATOM   419  C CB    . ILE A 1 51  ? -11.967 -7.954  8.688   1.00 20.63 ? 51   ILE A CB    1 
ATOM   420  C CG1   . ILE A 1 51  ? -11.834 -8.814  7.429   1.00 20.97 ? 51   ILE A CG1   1 
ATOM   421  C CG2   . ILE A 1 51  ? -10.694 -8.070  9.508   1.00 23.56 ? 51   ILE A CG2   1 
ATOM   422  C CD1   . ILE A 1 51  ? -11.580 -10.289 7.724   1.00 18.92 ? 51   ILE A CD1   1 
ATOM   423  N N     . LYS A 1 52  ? -12.902 -8.339  11.927  1.00 25.93 ? 52   LYS A N     1 
ATOM   424  C CA    . LYS A 1 52  ? -12.947 -7.710  13.248  1.00 27.35 ? 52   LYS A CA    1 
ATOM   425  C C     . LYS A 1 52  ? -12.047 -6.485  13.301  1.00 27.32 ? 52   LYS A C     1 
ATOM   426  O O     . LYS A 1 52  ? -10.958 -6.474  12.741  1.00 26.71 ? 52   LYS A O     1 
ATOM   427  C CB    . LYS A 1 52  ? -12.524 -8.699  14.338  1.00 30.72 ? 52   LYS A CB    1 
ATOM   428  C CG    . LYS A 1 52  ? -13.351 -9.976  14.401  1.00 34.43 ? 52   LYS A CG    1 
ATOM   429  C CD    . LYS A 1 52  ? -12.839 -10.890 15.508  1.00 38.03 ? 52   LYS A CD    1 
ATOM   430  C CE    . LYS A 1 52  ? -13.684 -12.146 15.645  1.00 40.34 ? 52   LYS A CE    1 
ATOM   431  N NZ    . LYS A 1 52  ? -13.700 -12.951 14.388  1.00 40.12 ? 52   LYS A NZ    1 
ATOM   432  N N     . ASN A 1 53  ? -12.523 -5.457  13.993  1.00 26.71 ? 53   ASN A N     1 
ATOM   433  C CA    . ASN A 1 53  ? -11.786 -4.211  14.126  1.00 27.72 ? 53   ASN A CA    1 
ATOM   434  C C     . ASN A 1 53  ? -10.382 -4.405  14.650  1.00 27.81 ? 53   ASN A C     1 
ATOM   435  O O     . ASN A 1 53  ? -10.135 -5.231  15.518  1.00 28.49 ? 53   ASN A O     1 
ATOM   436  C CB    . ASN A 1 53  ? -12.533 -3.230  15.038  1.00 27.53 ? 53   ASN A CB    1 
ATOM   437  C CG    . ASN A 1 53  ? -13.878 -2.822  14.480  1.00 27.40 ? 53   ASN A CG    1 
ATOM   438  O OD1   . ASN A 1 53  ? -14.034 -2.654  13.287  1.00 28.72 ? 53   ASN A OD1   1 
ATOM   439  N ND2   . ASN A 1 53  ? -14.857 -2.651  15.360  1.00 29.62 ? 53   ASN A ND2   1 
ATOM   440  N N     . ASN A 1 54  ? -9.469  -3.619  14.094  1.00 26.96 ? 54   ASN A N     1 
ATOM   441  C CA    . ASN A 1 54  ? -8.073  -3.645  14.467  1.00 28.49 ? 54   ASN A CA    1 
ATOM   442  C C     . ASN A 1 54  ? -7.393  -5.005  14.310  1.00 28.51 ? 54   ASN A C     1 
ATOM   443  O O     . ASN A 1 54  ? -6.471  -5.321  15.044  1.00 30.95 ? 54   ASN A O     1 
ATOM   444  C CB    . ASN A 1 54  ? -7.916  -3.121  15.899  1.00 30.25 ? 54   ASN A CB    1 
ATOM   445  C CG    . ASN A 1 54  ? -6.586  -2.431  16.119  1.00 30.61 ? 54   ASN A CG    1 
ATOM   446  O OD1   . ASN A 1 54  ? -6.191  -1.561  15.342  1.00 29.99 ? 54   ASN A OD1   1 
ATOM   447  N ND2   . ASN A 1 54  ? -5.887  -2.817  17.181  1.00 31.81 ? 54   ASN A ND2   1 
ATOM   448  N N     . THR A 1 55  ? -7.868  -5.810  13.358  1.00 26.61 ? 55   THR A N     1 
ATOM   449  C CA    . THR A 1 55  ? -7.248  -7.107  13.070  1.00 24.87 ? 55   THR A CA    1 
ATOM   450  C C     . THR A 1 55  ? -6.861  -7.141  11.586  1.00 22.86 ? 55   THR A C     1 
ATOM   451  O O     . THR A 1 55  ? -7.372  -6.361  10.781  1.00 22.72 ? 55   THR A O     1 
ATOM   452  C CB    . THR A 1 55  ? -8.170  -8.333  13.387  1.00 24.82 ? 55   THR A CB    1 
ATOM   453  O OG1   . THR A 1 55  ? -9.295  -8.357  12.503  1.00 25.90 ? 55   THR A OG1   1 
ATOM   454  C CG2   . THR A 1 55  ? -8.653  -8.283  14.830  1.00 27.40 ? 55   THR A CG2   1 
ATOM   455  N N     . ASN A 1 56  ? -5.951  -8.048  11.239  1.00 20.28 ? 56   ASN A N     1 
ATOM   456  C CA    . ASN A 1 56  ? -5.445  -8.179  9.868   1.00 21.16 ? 56   ASN A CA    1 
ATOM   457  C C     . ASN A 1 56  ? -6.123  -9.246  9.034   1.00 21.30 ? 56   ASN A C     1 
ATOM   458  O O     . ASN A 1 56  ? -6.598  -10.242 9.552   1.00 21.58 ? 56   ASN A O     1 
ATOM   459  C CB    . ASN A 1 56  ? -3.955  -8.499  9.893   1.00 19.71 ? 56   ASN A CB    1 
ATOM   460  C CG    . ASN A 1 56  ? -3.131  -7.382  10.465  1.00 19.74 ? 56   ASN A CG    1 
ATOM   461  O OD1   . ASN A 1 56  ? -2.016  -7.599  10.910  1.00 23.46 ? 56   ASN A OD1   1 
ATOM   462  N ND2   . ASN A 1 56  ? -3.674  -6.172  10.446  1.00 20.49 ? 56   ASN A ND2   1 
ATOM   463  N N     . VAL A 1 57  ? -6.141  -9.028  7.723   1.00 19.85 ? 57   VAL A N     1 
ATOM   464  C CA    . VAL A 1 57  ? -6.724  -9.992  6.797   1.00 18.19 ? 57   VAL A CA    1 
ATOM   465  C C     . VAL A 1 57  ? -5.798  -10.185 5.603   1.00 18.81 ? 57   VAL A C     1 
ATOM   466  O O     . VAL A 1 57  ? -5.163  -9.249  5.144   1.00 16.24 ? 57   VAL A O     1 
ATOM   467  C CB    . VAL A 1 57  ? -8.127  -9.550  6.281   1.00 19.05 ? 57   VAL A CB    1 
ATOM   468  C CG1   . VAL A 1 57  ? -8.038  -8.247  5.499   1.00 19.39 ? 57   VAL A CG1   1 
ATOM   469  C CG2   . VAL A 1 57  ? -8.726  -10.664 5.415   1.00 20.05 ? 57   VAL A CG2   1 
ATOM   470  N N     . LEU A 1 58  ? -5.723  -11.421 5.117   1.00 17.20 ? 58   LEU A N     1 
ATOM   471  C CA    . LEU A 1 58  ? -4.884  -11.728 3.965   1.00 16.27 ? 58   LEU A CA    1 
ATOM   472  C C     . LEU A 1 58  ? -5.771  -11.979 2.752   1.00 17.00 ? 58   LEU A C     1 
ATOM   473  O O     . LEU A 1 58  ? -6.695  -12.793 2.803   1.00 18.22 ? 58   LEU A O     1 
ATOM   474  C CB    . LEU A 1 58  ? -4.042  -12.977 4.234   1.00 18.70 ? 58   LEU A CB    1 
ATOM   475  C CG    . LEU A 1 58  ? -3.172  -13.401 3.051   1.00 18.54 ? 58   LEU A CG    1 
ATOM   476  C CD1   . LEU A 1 58  ? -2.133  -12.328 2.786   1.00 21.19 ? 58   LEU A CD1   1 
ATOM   477  C CD2   . LEU A 1 58  ? -2.495  -14.724 3.357   1.00 23.51 ? 58   LEU A CD2   1 
ATOM   478  N N     . SER A 1 59  ? -5.491  -11.265 1.663   1.00 18.00 ? 59   SER A N     1 
ATOM   479  C CA    . SER A 1 59  ? -6.264  -11.427 0.446   1.00 18.16 ? 59   SER A CA    1 
ATOM   480  C C     . SER A 1 59  ? -6.014  -12.808 -0.143  1.00 19.66 ? 59   SER A C     1 
ATOM   481  O O     . SER A 1 59  ? -4.954  -13.398 0.049   1.00 19.82 ? 59   SER A O     1 
ATOM   482  C CB    . SER A 1 59  ? -5.884  -10.363 -0.587  1.00 18.80 ? 59   SER A CB    1 
ATOM   483  O OG    . SER A 1 59  ? -4.584  -10.593 -1.099  1.00 16.63 ? 59   SER A OG    1 
ATOM   484  N N     . ARG A 1 60  ? -7.010  -13.333 -0.843  1.00 20.95 ? 60   ARG A N     1 
ATOM   485  C CA    . ARG A 1 60  ? -6.859  -14.634 -1.482  1.00 23.83 ? 60   ARG A CA    1 
ATOM   486  C C     . ARG A 1 60  ? -6.260  -14.330 -2.845  1.00 22.87 ? 60   ARG A C     1 
ATOM   487  O O     . ARG A 1 60  ? -5.422  -15.061 -3.354  1.00 24.07 ? 60   ARG A O     1 
ATOM   488  C CB    . ARG A 1 60  ? -8.225  -15.312 -1.617  1.00 24.78 ? 60   ARG A CB    1 
ATOM   489  C CG    . ARG A 1 60  ? -8.825  -15.663 -0.263  1.00 31.02 ? 60   ARG A CG    1 
ATOM   490  C CD    . ARG A 1 60  ? -10.259 -16.163 -0.324  1.00 35.79 ? 60   ARG A CD    1 
ATOM   491  N NE    . ARG A 1 60  ? -10.382 -17.445 -1.014  1.00 40.57 ? 60   ARG A NE    1 
ATOM   492  C CZ    . ARG A 1 60  ? -10.568 -17.577 -2.323  1.00 42.49 ? 60   ARG A CZ    1 
ATOM   493  N NH1   . ARG A 1 60  ? -10.656 -16.501 -3.093  1.00 44.34 ? 60   ARG A NH1   1 
ATOM   494  N NH2   . ARG A 1 60  ? -10.666 -18.786 -2.862  1.00 43.36 ? 60   ARG A NH2   1 
ATOM   495  N N     . ASP A 1 61  ? -6.693  -13.209 -3.409  1.00 23.58 ? 61   ASP A N     1 
ATOM   496  C CA    . ASP A 1 61  ? -6.235  -12.770 -4.720  1.00 21.81 ? 61   ASP A CA    1 
ATOM   497  C C     . ASP A 1 61  ? -4.893  -12.053 -4.664  1.00 19.57 ? 61   ASP A C     1 
ATOM   498  O O     . ASP A 1 61  ? -4.499  -11.525 -3.641  1.00 18.44 ? 61   ASP A O     1 
ATOM   499  C CB    . ASP A 1 61  ? -7.253  -11.822 -5.341  1.00 24.63 ? 61   ASP A CB    1 
ATOM   500  C CG    . ASP A 1 61  ? -7.459  -12.074 -6.814  1.00 30.25 ? 61   ASP A CG    1 
ATOM   501  O OD1   . ASP A 1 61  ? -6.467  -12.331 -7.543  1.00 33.11 ? 61   ASP A OD1   1 
ATOM   502  O OD2   . ASP A 1 61  ? -8.625  -12.003 -7.243  1.00 33.94 ? 61   ASP A OD2   1 
ATOM   503  N N     . VAL A 1 62  ? -4.215  -12.038 -5.805  1.00 18.40 ? 62   VAL A N     1 
ATOM   504  C CA    . VAL A 1 62  ? -2.929  -11.373 -5.938  1.00 16.53 ? 62   VAL A CA    1 
ATOM   505  C C     . VAL A 1 62  ? -3.098  -9.995  -6.565  1.00 16.48 ? 62   VAL A C     1 
ATOM   506  O O     . VAL A 1 62  ? -4.027  -9.754  -7.312  1.00 16.78 ? 62   VAL A O     1 
ATOM   507  C CB    . VAL A 1 62  ? -1.965  -12.163 -6.837  1.00 16.98 ? 62   VAL A CB    1 
ATOM   508  C CG1   . VAL A 1 62  ? -1.551  -13.449 -6.147  1.00 17.87 ? 62   VAL A CG1   1 
ATOM   509  C CG2   . VAL A 1 62  ? -2.649  -12.465 -8.177  1.00 18.60 ? 62   VAL A CG2   1 
ATOM   510  N N     . PHE A 1 63  ? -2.160  -9.106  -6.254  1.00 16.36 ? 63   PHE A N     1 
ATOM   511  C CA    . PHE A 1 63  ? -2.164  -7.747  -6.780  1.00 16.41 ? 63   PHE A CA    1 
ATOM   512  C C     . PHE A 1 63  ? -0.773  -7.421  -7.286  1.00 16.03 ? 63   PHE A C     1 
ATOM   513  O O     . PHE A 1 63  ? 0.203   -8.016  -6.850  1.00 16.45 ? 63   PHE A O     1 
ATOM   514  C CB    . PHE A 1 63  ? -2.505  -6.736  -5.679  1.00 15.96 ? 63   PHE A CB    1 
ATOM   515  C CG    . PHE A 1 63  ? -3.858  -6.928  -5.089  1.00 13.95 ? 63   PHE A CG    1 
ATOM   516  C CD1   . PHE A 1 63  ? -4.069  -7.886  -4.115  1.00 14.28 ? 63   PHE A CD1   1 
ATOM   517  C CD2   . PHE A 1 63  ? -4.939  -6.191  -5.556  1.00 16.62 ? 63   PHE A CD2   1 
ATOM   518  C CE1   . PHE A 1 63  ? -5.327  -8.117  -3.615  1.00 14.09 ? 63   PHE A CE1   1 
ATOM   519  C CE2   . PHE A 1 63  ? -6.211  -6.419  -5.060  1.00 13.11 ? 63   PHE A CE2   1 
ATOM   520  C CZ    . PHE A 1 63  ? -6.404  -7.383  -4.091  1.00 17.87 ? 63   PHE A CZ    1 
ATOM   521  N N     . TYR A 1 64  ? -0.690  -6.472  -8.210  1.00 16.24 ? 64   TYR A N     1 
ATOM   522  C CA    . TYR A 1 64  ? 0.609   -6.033  -8.697  1.00 17.51 ? 64   TYR A CA    1 
ATOM   523  C C     . TYR A 1 64  ? 0.972   -4.950  -7.692  1.00 17.65 ? 64   TYR A C     1 
ATOM   524  O O     . TYR A 1 64  ? 0.145   -4.101  -7.380  1.00 17.13 ? 64   TYR A O     1 
ATOM   525  C CB    . TYR A 1 64  ? 0.523   -5.423  -10.096 1.00 20.82 ? 64   TYR A CB    1 
ATOM   526  C CG    . TYR A 1 64  ? 1.872   -4.914  -10.561 1.00 20.82 ? 64   TYR A CG    1 
ATOM   527  C CD1   . TYR A 1 64  ? 2.927   -5.801  -10.787 1.00 25.73 ? 64   TYR A CD1   1 
ATOM   528  C CD2   . TYR A 1 64  ? 2.115   -3.550  -10.720 1.00 25.25 ? 64   TYR A CD2   1 
ATOM   529  C CE1   . TYR A 1 64  ? 4.196   -5.337  -11.157 1.00 25.04 ? 64   TYR A CE1   1 
ATOM   530  C CE2   . TYR A 1 64  ? 3.384   -3.078  -11.091 1.00 23.74 ? 64   TYR A CE2   1 
ATOM   531  C CZ    . TYR A 1 64  ? 4.409   -3.979  -11.305 1.00 26.41 ? 64   TYR A CZ    1 
ATOM   532  O OH    . TYR A 1 64  ? 5.655   -3.537  -11.694 1.00 28.28 ? 64   TYR A OH    1 
ATOM   533  N N     . LEU A 1 65  ? 2.211   -4.963  -7.212  1.00 18.21 ? 65   LEU A N     1 
ATOM   534  C CA    . LEU A 1 65  ? 2.650   -4.009  -6.186  1.00 16.58 ? 65   LEU A CA    1 
ATOM   535  C C     . LEU A 1 65  ? 3.851   -3.133  -6.540  1.00 16.00 ? 65   LEU A C     1 
ATOM   536  O O     . LEU A 1 65  ? 4.983   -3.502  -6.258  1.00 16.88 ? 65   LEU A O     1 
ATOM   537  C CB    . LEU A 1 65  ? 2.979   -4.786  -4.913  1.00 15.89 ? 65   LEU A CB    1 
ATOM   538  C CG    . LEU A 1 65  ? 1.876   -5.757  -4.457  1.00 17.12 ? 65   LEU A CG    1 
ATOM   539  C CD1   . LEU A 1 65  ? 2.352   -6.624  -3.295  1.00 17.12 ? 65   LEU A CD1   1 
ATOM   540  C CD2   . LEU A 1 65  ? 0.656   -4.939  -4.088  1.00 15.87 ? 65   LEU A CD2   1 
ATOM   541  N N     . PRO A 1 66  ? 3.615   -1.972  -7.166  1.00 15.56 ? 66   PRO A N     1 
ATOM   542  C CA    . PRO A 1 66  ? 4.741   -1.099  -7.510  1.00 16.07 ? 66   PRO A CA    1 
ATOM   543  C C     . PRO A 1 66  ? 5.373   -0.664  -6.180  1.00 16.66 ? 66   PRO A C     1 
ATOM   544  O O     . PRO A 1 66  ? 4.670   -0.360  -5.225  1.00 16.86 ? 66   PRO A O     1 
ATOM   545  C CB    . PRO A 1 66  ? 4.072   0.071   -8.228  1.00 16.41 ? 66   PRO A CB    1 
ATOM   546  C CG    . PRO A 1 66  ? 2.768   -0.483  -8.700  1.00 19.20 ? 66   PRO A CG    1 
ATOM   547  C CD    . PRO A 1 66  ? 2.339   -1.376  -7.593  1.00 15.83 ? 66   PRO A CD    1 
ATOM   548  N N     . GLN A 1 67  ? 6.696   -0.631  -6.116  1.00 16.09 ? 67   GLN A N     1 
ATOM   549  C CA    . GLN A 1 67  ? 7.362   -0.275  -4.867  1.00 15.42 ? 67   GLN A CA    1 
ATOM   550  C C     . GLN A 1 67  ? 8.498   0.710   -5.062  1.00 17.27 ? 67   GLN A C     1 
ATOM   551  O O     . GLN A 1 67  ? 9.403   0.473   -5.849  1.00 18.24 ? 67   GLN A O     1 
ATOM   552  C CB    . GLN A 1 67  ? 7.909   -1.537  -4.204  1.00 15.77 ? 67   GLN A CB    1 
ATOM   553  C CG    . GLN A 1 67  ? 8.679   -1.291  -2.906  1.00 18.40 ? 67   GLN A CG    1 
ATOM   554  C CD    . GLN A 1 67  ? 9.165   -2.584  -2.295  1.00 21.45 ? 67   GLN A CD    1 
ATOM   555  O OE1   . GLN A 1 67  ? 10.074  -3.220  -2.807  1.00 19.97 ? 67   GLN A OE1   1 
ATOM   556  N NE2   . GLN A 1 67  ? 8.540   -2.986  -1.196  1.00 23.91 ? 67   GLN A NE2   1 
ATOM   557  N N     . CYS A 1 68  ? 8.449   1.814   -4.325  1.00 15.01 ? 68   CYS A N     1 
ATOM   558  C CA    . CYS A 1 68  ? 9.505   2.814   -4.431  1.00 15.20 ? 68   CYS A CA    1 
ATOM   559  C C     . CYS A 1 68  ? 10.541  2.536   -3.344  1.00 14.20 ? 68   CYS A C     1 
ATOM   560  O O     . CYS A 1 68  ? 10.213  2.537   -2.190  1.00 15.75 ? 68   CYS A O     1 
ATOM   561  C CB    . CYS A 1 68  ? 8.929   4.211   -4.236  1.00 12.38 ? 68   CYS A CB    1 
ATOM   562  S SG    . CYS A 1 68  ? 7.783   4.758   -5.526  1.00 15.67 ? 68   CYS A SG    1 
ATOM   563  N N     . ASN A 1 69  ? 11.796  2.311   -3.731  1.00 15.95 ? 69   ASN A N     1 
ATOM   564  C CA    . ASN A 1 69  ? 12.835  2.039   -2.756  1.00 15.63 ? 69   ASN A CA    1 
ATOM   565  C C     . ASN A 1 69  ? 13.942  3.081   -2.827  1.00 17.78 ? 69   ASN A C     1 
ATOM   566  O O     . ASN A 1 69  ? 14.535  3.283   -3.877  1.00 16.56 ? 69   ASN A O     1 
ATOM   567  C CB    . ASN A 1 69  ? 13.384  0.630   -2.963  1.00 15.76 ? 69   ASN A CB    1 
ATOM   568  C CG    . ASN A 1 69  ? 12.374  -0.439  -2.578  1.00 17.70 ? 69   ASN A CG    1 
ATOM   569  O OD1   . ASN A 1 69  ? 11.873  -0.455  -1.462  1.00 17.67 ? 69   ASN A OD1   1 
ATOM   570  N ND2   . ASN A 1 69  ? 12.070  -1.334  -3.514  1.00 20.41 ? 69   ASN A ND2   1 
ATOM   571  N N     . ARG A 1 70  ? 14.208  3.748   -1.703  1.00 17.55 ? 70   ARG A N     1 
ATOM   572  C CA    . ARG A 1 70  ? 15.237  4.792   -1.681  1.00 18.03 ? 70   ARG A CA    1 
ATOM   573  C C     . ARG A 1 70  ? 16.608  4.235   -2.071  1.00 19.13 ? 70   ARG A C     1 
ATOM   574  O O     . ARG A 1 70  ? 17.060  3.251   -1.527  1.00 17.78 ? 70   ARG A O     1 
ATOM   575  C CB    . ARG A 1 70  ? 15.295  5.457   -0.301  1.00 17.99 ? 70   ARG A CB    1 
ATOM   576  C CG    . ARG A 1 70  ? 15.905  6.864   -0.330  1.00 17.53 ? 70   ARG A CG    1 
ATOM   577  C CD    . ARG A 1 70  ? 15.766  7.551   1.017   1.00 16.74 ? 70   ARG A CD    1 
ATOM   578  N NE    . ARG A 1 70  ? 16.617  6.937   2.039   1.00 15.30 ? 70   ARG A NE    1 
ATOM   579  C CZ    . ARG A 1 70  ? 16.303  6.891   3.335   1.00 14.40 ? 70   ARG A CZ    1 
ATOM   580  N NH1   . ARG A 1 70  ? 15.161  7.413   3.758   1.00 19.49 ? 70   ARG A NH1   1 
ATOM   581  N NH2   . ARG A 1 70  ? 17.136  6.350   4.215   1.00 17.54 ? 70   ARG A NH2   1 
ATOM   582  N N     . LYS A 1 71  ? 17.265  4.894   -3.020  1.00 19.33 ? 71   LYS A N     1 
ATOM   583  C CA    . LYS A 1 71  ? 18.565  4.435   -3.496  1.00 22.06 ? 71   LYS A CA    1 
ATOM   584  C C     . LYS A 1 71  ? 19.662  5.432   -3.140  1.00 22.38 ? 71   LYS A C     1 
ATOM   585  O O     . LYS A 1 71  ? 20.740  5.044   -2.741  1.00 21.66 ? 71   LYS A O     1 
ATOM   586  C CB    . LYS A 1 71  ? 18.506  4.245   -5.017  1.00 26.10 ? 71   LYS A CB    1 
ATOM   587  C CG    . LYS A 1 71  ? 19.321  3.081   -5.573  1.00 32.70 ? 71   LYS A CG    1 
ATOM   588  C CD    . LYS A 1 71  ? 20.809  3.214   -5.277  1.00 36.68 ? 71   LYS A CD    1 
ATOM   589  C CE    . LYS A 1 71  ? 21.606  2.072   -5.893  1.00 36.27 ? 71   LYS A CE    1 
ATOM   590  N NZ    . LYS A 1 71  ? 23.031  2.135   -5.488  1.00 38.59 ? 71   LYS A NZ    1 
ATOM   591  N N     . LYS A 1 72  ? 19.364  6.719   -3.287  1.00 20.92 ? 72   LYS A N     1 
ATOM   592  C CA    . LYS A 1 72  ? 20.339  7.761   -2.984  1.00 20.93 ? 72   LYS A CA    1 
ATOM   593  C C     . LYS A 1 72  ? 19.727  8.879   -2.148  1.00 19.96 ? 72   LYS A C     1 
ATOM   594  O O     . LYS A 1 72  ? 18.614  9.305   -2.391  1.00 19.11 ? 72   LYS A O     1 
ATOM   595  C CB    . LYS A 1 72  ? 20.915  8.334   -4.285  1.00 21.43 ? 72   LYS A CB    1 
ATOM   596  C CG    . LYS A 1 72  ? 21.637  7.297   -5.143  1.00 24.43 ? 72   LYS A CG    1 
ATOM   597  C CD    . LYS A 1 72  ? 22.278  7.931   -6.368  1.00 26.58 ? 72   LYS A CD    1 
ATOM   598  C CE    . LYS A 1 72  ? 22.945  6.891   -7.263  1.00 30.07 ? 72   LYS A CE    1 
ATOM   599  N NZ    . LYS A 1 72  ? 24.067  6.183   -6.592  1.00 32.07 ? 72   LYS A NZ    1 
ATOM   600  N N     . LEU A 1 73  ? 20.472  9.341   -1.150  1.00 19.75 ? 73   LEU A N     1 
ATOM   601  C CA    . LEU A 1 73  ? 19.983  10.408  -0.297  1.00 20.09 ? 73   LEU A CA    1 
ATOM   602  C C     . LEU A 1 73  ? 19.962  11.737  -1.046  1.00 20.29 ? 73   LEU A C     1 
ATOM   603  O O     . LEU A 1 73  ? 20.770  11.971  -1.947  1.00 18.90 ? 73   LEU A O     1 
ATOM   604  C CB    . LEU A 1 73  ? 20.844  10.513  0.965   1.00 23.05 ? 73   LEU A CB    1 
ATOM   605  C CG    . LEU A 1 73  ? 20.799  9.334   1.949   1.00 24.81 ? 73   LEU A CG    1 
ATOM   606  C CD1   . LEU A 1 73  ? 21.673  9.666   3.134   1.00 28.93 ? 73   LEU A CD1   1 
ATOM   607  C CD2   . LEU A 1 73  ? 19.371  9.070   2.424   1.00 23.18 ? 73   LEU A CD2   1 
ATOM   608  N N     . PRO A 1 74  ? 19.023  12.625  -0.686  1.00 19.03 ? 74   PRO A N     1 
ATOM   609  C CA    . PRO A 1 74  ? 18.027  12.399  0.367   1.00 20.35 ? 74   PRO A CA    1 
ATOM   610  C C     . PRO A 1 74  ? 16.704  11.791  -0.082  1.00 20.87 ? 74   PRO A C     1 
ATOM   611  O O     . PRO A 1 74  ? 15.985  11.218  0.729   1.00 18.89 ? 74   PRO A O     1 
ATOM   612  C CB    . PRO A 1 74  ? 17.801  13.796  0.915   1.00 19.74 ? 74   PRO A CB    1 
ATOM   613  C CG    . PRO A 1 74  ? 17.850  14.629  -0.337  1.00 19.90 ? 74   PRO A CG    1 
ATOM   614  C CD    . PRO A 1 74  ? 19.095  14.057  -1.028  1.00 18.77 ? 74   PRO A CD    1 
ATOM   615  N N     . CYS A 1 75  ? 16.381  11.924  -1.364  1.00 19.53 ? 75   CYS A N     1 
ATOM   616  C CA    . CYS A 1 75  ? 15.078  11.467  -1.837  1.00 17.88 ? 75   CYS A CA    1 
ATOM   617  C C     . CYS A 1 75  ? 15.019  10.861  -3.244  1.00 16.55 ? 75   CYS A C     1 
ATOM   618  O O     . CYS A 1 75  ? 14.064  11.091  -3.978  1.00 16.84 ? 75   CYS A O     1 
ATOM   619  C CB    . CYS A 1 75  ? 14.132  12.664  -1.757  1.00 19.53 ? 75   CYS A CB    1 
ATOM   620  S SG    . CYS A 1 75  ? 12.417  12.311  -1.303  1.00 18.47 ? 75   CYS A SG    1 
ATOM   621  N N     . HIS A 1 76  ? 16.023  10.074  -3.605  1.00 15.34 ? 76   HIS A N     1 
ATOM   622  C CA    . HIS A 1 76  ? 16.053  9.461   -4.930  1.00 16.72 ? 76   HIS A CA    1 
ATOM   623  C C     . HIS A 1 76  ? 15.745  7.974   -4.826  1.00 15.27 ? 76   HIS A C     1 
ATOM   624  O O     . HIS A 1 76  ? 16.371  7.261   -4.055  1.00 16.37 ? 76   HIS A O     1 
ATOM   625  C CB    . HIS A 1 76  ? 17.420  9.682   -5.586  1.00 17.79 ? 76   HIS A CB    1 
ATOM   626  C CG    . HIS A 1 76  ? 17.580  8.959   -6.886  1.00 21.34 ? 76   HIS A CG    1 
ATOM   627  N ND1   . HIS A 1 76  ? 16.779  9.212   -7.979  1.00 24.46 ? 76   HIS A ND1   1 
ATOM   628  C CD2   . HIS A 1 76  ? 18.399  7.946   -7.246  1.00 22.68 ? 76   HIS A CD2   1 
ATOM   629  C CE1   . HIS A 1 76  ? 17.098  8.382   -8.957  1.00 25.84 ? 76   HIS A CE1   1 
ATOM   630  N NE2   . HIS A 1 76  ? 18.078  7.602   -8.537  1.00 23.09 ? 76   HIS A NE2   1 
ATOM   631  N N     . TYR A 1 77  ? 14.786  7.525   -5.637  1.00 16.76 ? 77   TYR A N     1 
ATOM   632  C CA    . TYR A 1 77  ? 14.325  6.137   -5.613  1.00 17.24 ? 77   TYR A CA    1 
ATOM   633  C C     . TYR A 1 77  ? 14.457  5.345   -6.895  1.00 17.94 ? 77   TYR A C     1 
ATOM   634  O O     . TYR A 1 77  ? 14.686  5.887   -7.959  1.00 18.94 ? 77   TYR A O     1 
ATOM   635  C CB    . TYR A 1 77  ? 12.839  6.101   -5.248  1.00 17.94 ? 77   TYR A CB    1 
ATOM   636  C CG    . TYR A 1 77  ? 12.526  6.717   -3.915  1.00 17.34 ? 77   TYR A CG    1 
ATOM   637  C CD1   . TYR A 1 77  ? 12.682  8.089   -3.707  1.00 16.68 ? 77   TYR A CD1   1 
ATOM   638  C CD2   . TYR A 1 77  ? 12.129  5.920   -2.842  1.00 17.69 ? 77   TYR A CD2   1 
ATOM   639  C CE1   . TYR A 1 77  ? 12.458  8.651   -2.458  1.00 15.21 ? 77   TYR A CE1   1 
ATOM   640  C CE2   . TYR A 1 77  ? 11.901  6.468   -1.590  1.00 15.14 ? 77   TYR A CE2   1 
ATOM   641  C CZ    . TYR A 1 77  ? 12.071  7.833   -1.406  1.00 14.80 ? 77   TYR A CZ    1 
ATOM   642  O OH    . TYR A 1 77  ? 11.883  8.387   -0.168  1.00 15.05 ? 77   TYR A OH    1 
ATOM   643  N N     . ARG A 1 78  ? 14.276  4.036   -6.755  1.00 18.03 ? 78   ARG A N     1 
ATOM   644  C CA    . ARG A 1 78  ? 14.273  3.136   -7.890  1.00 20.89 ? 78   ARG A CA    1 
ATOM   645  C C     . ARG A 1 78  ? 12.913  2.462   -7.784  1.00 21.37 ? 78   ARG A C     1 
ATOM   646  O O     . ARG A 1 78  ? 12.473  2.103   -6.686  1.00 20.17 ? 78   ARG A O     1 
ATOM   647  C CB    . ARG A 1 78  ? 15.389  2.089   -7.801  1.00 25.19 ? 78   ARG A CB    1 
ATOM   648  C CG    . ARG A 1 78  ? 15.321  1.043   -8.918  1.00 29.22 ? 78   ARG A CG    1 
ATOM   649  C CD    . ARG A 1 78  ? 16.684  0.796   -9.564  1.00 34.53 ? 78   ARG A CD    1 
ATOM   650  N NE    . ARG A 1 78  ? 17.741  0.597   -8.575  1.00 38.85 ? 78   ARG A NE    1 
ATOM   651  C CZ    . ARG A 1 78  ? 19.011  0.346   -8.878  1.00 41.10 ? 78   ARG A CZ    1 
ATOM   652  N NH1   . ARG A 1 78  ? 19.906  0.182   -7.911  1.00 42.04 ? 78   ARG A NH1   1 
ATOM   653  N NH2   . ARG A 1 78  ? 19.382  0.245   -10.148 1.00 43.36 ? 78   ARG A NH2   1 
ATOM   654  N N     . LEU A 1 79  ? 12.232  2.338   -8.918  1.00 20.76 ? 79   LEU A N     1 
ATOM   655  C CA    . LEU A 1 79  ? 10.925  1.690   -8.944  1.00 20.69 ? 79   LEU A CA    1 
ATOM   656  C C     . LEU A 1 79  ? 11.101  0.193   -9.093  1.00 20.84 ? 79   LEU A C     1 
ATOM   657  O O     . LEU A 1 79  ? 11.754  -0.275  -10.008 1.00 20.18 ? 79   LEU A O     1 
ATOM   658  C CB    . LEU A 1 79  ? 10.070  2.208   -10.102 1.00 20.57 ? 79   LEU A CB    1 
ATOM   659  C CG    . LEU A 1 79  ? 8.698   1.536   -10.273 1.00 18.94 ? 79   LEU A CG    1 
ATOM   660  C CD1   . LEU A 1 79  ? 7.838   1.815   -9.044  1.00 19.51 ? 79   LEU A CD1   1 
ATOM   661  C CD2   . LEU A 1 79  ? 8.024   2.048   -11.530 1.00 21.91 ? 79   LEU A CD2   1 
ATOM   662  N N     . ASP A 1 80  ? 10.510  -0.555  -8.169  1.00 21.03 ? 80   ASP A N     1 
ATOM   663  C CA    . ASP A 1 80  ? 10.585  -2.001  -8.206  1.00 20.78 ? 80   ASP A CA    1 
ATOM   664  C C     . ASP A 1 80  ? 9.152   -2.527  -8.260  1.00 20.97 ? 80   ASP A C     1 
ATOM   665  O O     . ASP A 1 80  ? 8.211   -1.762  -8.161  1.00 19.46 ? 80   ASP A O     1 
ATOM   666  C CB    . ASP A 1 80  ? 11.323  -2.536  -6.969  1.00 21.74 ? 80   ASP A CB    1 
ATOM   667  C CG    . ASP A 1 80  ? 12.830  -2.291  -7.036  1.00 27.17 ? 80   ASP A CG    1 
ATOM   668  O OD1   . ASP A 1 80  ? 13.437  -2.611  -8.085  1.00 27.36 ? 80   ASP A OD1   1 
ATOM   669  O OD2   . ASP A 1 80  ? 13.413  -1.787  -6.047  1.00 27.35 ? 80   ASP A OD2   1 
ATOM   670  N N     . GLY A 1 81  ? 8.994   -3.830  -8.444  1.00 20.78 ? 81   GLY A N     1 
ATOM   671  C CA    . GLY A 1 81  ? 7.650   -4.373  -8.510  1.00 21.97 ? 81   GLY A CA    1 
ATOM   672  C C     . GLY A 1 81  ? 7.601   -5.860  -8.260  1.00 22.01 ? 81   GLY A C     1 
ATOM   673  O O     . GLY A 1 81  ? 8.597   -6.554  -8.382  1.00 24.97 ? 81   GLY A O     1 
ATOM   674  N N     . SER A 1 82  ? 6.423   -6.348  -7.897  1.00 20.77 ? 82   SER A N     1 
ATOM   675  C CA    . SER A 1 82  ? 6.230   -7.770  -7.647  1.00 18.98 ? 82   SER A CA    1 
ATOM   676  C C     . SER A 1 82  ? 4.731   -7.960  -7.572  1.00 17.23 ? 82   SER A C     1 
ATOM   677  O O     . SER A 1 82  ? 3.999   -6.989  -7.528  1.00 15.99 ? 82   SER A O     1 
ATOM   678  C CB    . SER A 1 82  ? 6.867   -8.179  -6.312  1.00 19.70 ? 82   SER A CB    1 
ATOM   679  O OG    . SER A 1 82  ? 6.079   -7.773  -5.200  1.00 20.45 ? 82   SER A OG    1 
ATOM   680  N N     . THR A 1 83  ? 4.278   -9.208  -7.577  1.00 18.49 ? 83   THR A N     1 
ATOM   681  C CA    . THR A 1 83  ? 2.848   -9.484  -7.456  1.00 18.94 ? 83   THR A CA    1 
ATOM   682  C C     . THR A 1 83  ? 2.710   -10.416 -6.266  1.00 18.64 ? 83   THR A C     1 
ATOM   683  O O     . THR A 1 83  ? 3.535   -11.296 -6.064  1.00 18.85 ? 83   THR A O     1 
ATOM   684  C CB    . THR A 1 83  ? 2.267   -10.163 -8.710  1.00 19.48 ? 83   THR A CB    1 
ATOM   685  O OG1   . THR A 1 83  ? 3.014   -11.342 -8.992  1.00 25.54 ? 83   THR A OG1   1 
ATOM   686  C CG2   . THR A 1 83  ? 2.309   -9.228  -9.898  1.00 19.75 ? 83   THR A CG2   1 
ATOM   687  N N     . ASN A 1 84  ? 1.671   -10.217 -5.461  1.00 16.01 ? 84   ASN A N     1 
ATOM   688  C CA    . ASN A 1 84  ? 1.510   -11.060 -4.290  1.00 17.82 ? 84   ASN A CA    1 
ATOM   689  C C     . ASN A 1 84  ? 0.160   -10.790 -3.653  1.00 16.52 ? 84   ASN A C     1 
ATOM   690  O O     . ASN A 1 84  ? -0.586  -9.938  -4.101  1.00 16.10 ? 84   ASN A O     1 
ATOM   691  C CB    . ASN A 1 84  ? 2.622   -10.733 -3.275  1.00 17.88 ? 84   ASN A CB    1 
ATOM   692  C CG    . ASN A 1 84  ? 2.942   -11.895 -2.336  1.00 19.00 ? 84   ASN A CG    1 
ATOM   693  O OD1   . ASN A 1 84  ? 3.938   -11.862 -1.635  1.00 27.59 ? 84   ASN A OD1   1 
ATOM   694  N ND2   . ASN A 1 84  ? 2.096   -12.906 -2.321  1.00 17.02 ? 84   ASN A ND2   1 
ATOM   695  N N     . THR A 1 85  ? -0.134  -11.546 -2.605  1.00 17.18 ? 85   THR A N     1 
ATOM   696  C CA    . THR A 1 85  ? -1.356  -11.362 -1.847  1.00 17.40 ? 85   THR A CA    1 
ATOM   697  C C     . THR A 1 85  ? -0.998  -10.227 -0.879  1.00 16.01 ? 85   THR A C     1 
ATOM   698  O O     . THR A 1 85  ? 0.173   -10.001 -0.598  1.00 17.40 ? 85   THR A O     1 
ATOM   699  C CB    . THR A 1 85  ? -1.726  -12.638 -1.070  1.00 17.54 ? 85   THR A CB    1 
ATOM   700  O OG1   . THR A 1 85  ? -0.559  -13.160 -0.421  1.00 18.97 ? 85   THR A OG1   1 
ATOM   701  C CG2   . THR A 1 85  ? -2.320  -13.684 -2.005  1.00 19.03 ? 85   THR A CG2   1 
ATOM   702  N N     . ILE A 1 86  ? -1.996  -9.510  -0.375  1.00 15.98 ? 86   ILE A N     1 
ATOM   703  C CA    . ILE A 1 86  ? -1.729  -8.399  0.535   1.00 14.62 ? 86   ILE A CA    1 
ATOM   704  C C     . ILE A 1 86  ? -2.423  -8.617  1.869   1.00 15.08 ? 86   ILE A C     1 
ATOM   705  O O     . ILE A 1 86  ? -3.475  -9.228  1.928   1.00 15.22 ? 86   ILE A O     1 
ATOM   706  C CB    . ILE A 1 86  ? -2.204  -7.043  -0.067  1.00 15.99 ? 86   ILE A CB    1 
ATOM   707  C CG1   . ILE A 1 86  ? -3.670  -7.139  -0.483  1.00 19.24 ? 86   ILE A CG1   1 
ATOM   708  C CG2   . ILE A 1 86  ? -1.355  -6.665  -1.286  1.00 16.26 ? 86   ILE A CG2   1 
ATOM   709  C CD1   . ILE A 1 86  ? -4.622  -7.064  0.662   1.00 26.83 ? 86   ILE A CD1   1 
ATOM   710  N N     . CYS A 1 87  ? -1.790  -8.140  2.938   1.00 15.56 ? 87   CYS A N     1 
ATOM   711  C CA    . CYS A 1 87  ? -2.348  -8.241  4.283   1.00 15.34 ? 87   CYS A CA    1 
ATOM   712  C C     . CYS A 1 87  ? -2.711  -6.835  4.739   1.00 16.28 ? 87   CYS A C     1 
ATOM   713  O O     . CYS A 1 87  ? -1.858  -5.976  4.821   1.00 17.10 ? 87   CYS A O     1 
ATOM   714  C CB    . CYS A 1 87  ? -1.333  -8.832  5.276   1.00 17.15 ? 87   CYS A CB    1 
ATOM   715  S SG    . CYS A 1 87  ? -2.023  -8.850  6.965   1.00 20.89 ? 87   CYS A SG    1 
ATOM   716  N N     . LEU A 1 88  ? -3.983  -6.601  5.042   1.00 17.14 ? 88   LEU A N     1 
ATOM   717  C CA    . LEU A 1 88  ? -4.403  -5.274  5.469   1.00 15.80 ? 88   LEU A CA    1 
ATOM   718  C C     . LEU A 1 88  ? -4.991  -5.272  6.865   1.00 17.36 ? 88   LEU A C     1 
ATOM   719  O O     . LEU A 1 88  ? -5.549  -6.264  7.300   1.00 16.45 ? 88   LEU A O     1 
ATOM   720  C CB    . LEU A 1 88  ? -5.459  -4.716  4.505   1.00 14.54 ? 88   LEU A CB    1 
ATOM   721  C CG    . LEU A 1 88  ? -5.148  -4.791  3.017   1.00 13.41 ? 88   LEU A CG    1 
ATOM   722  C CD1   . LEU A 1 88  ? -6.394  -4.422  2.207   1.00 14.92 ? 88   LEU A CD1   1 
ATOM   723  C CD2   . LEU A 1 88  ? -3.987  -3.889  2.693   1.00 12.61 ? 88   LEU A CD2   1 
ATOM   724  N N     . THR A 1 89  ? -4.834  -4.148  7.560   1.00 18.36 ? 89   THR A N     1 
ATOM   725  C CA    . THR A 1 89  ? -5.423  -3.983  8.891   1.00 17.01 ? 89   THR A CA    1 
ATOM   726  C C     . THR A 1 89  ? -6.749  -3.297  8.626   1.00 17.69 ? 89   THR A C     1 
ATOM   727  O O     . THR A 1 89  ? -6.814  -2.340  7.863   1.00 17.41 ? 89   THR A O     1 
ATOM   728  C CB    . THR A 1 89  ? -4.616  -3.052  9.811   1.00 18.59 ? 89   THR A CB    1 
ATOM   729  O OG1   . THR A 1 89  ? -3.291  -3.558  9.962   1.00 17.62 ? 89   THR A OG1   1 
ATOM   730  C CG2   . THR A 1 89  ? -5.284  -2.979  11.204  1.00 18.13 ? 89   THR A CG2   1 
ATOM   731  N N     . CYS A 1 90  ? -7.798  -3.783  9.281   1.00 17.35 ? 90   CYS A N     1 
ATOM   732  C CA    . CYS A 1 90  ? -9.137  -3.254  9.097   1.00 17.79 ? 90   CYS A CA    1 
ATOM   733  C C     . CYS A 1 90  ? -9.714  -2.580  10.341  1.00 17.22 ? 90   CYS A C     1 
ATOM   734  O O     . CYS A 1 90  ? -9.391  -2.950  11.446  1.00 19.02 ? 90   CYS A O     1 
ATOM   735  C CB    . CYS A 1 90  ? -10.069 -4.392  8.701   1.00 17.83 ? 90   CYS A CB    1 
ATOM   736  S SG    . CYS A 1 90  ? -9.554  -5.368  7.245   1.00 17.09 ? 90   CYS A SG    1 
ATOM   737  N N     . MET A 1 91  ? -10.555 -1.574  10.122  1.00 16.91 ? 91   MET A N     1 
ATOM   738  C CA    . MET A 1 91  ? -11.222 -0.848  11.201  1.00 16.64 ? 91   MET A CA    1 
ATOM   739  C C     . MET A 1 91  ? -12.546 -0.385  10.621  1.00 15.78 ? 91   MET A C     1 
ATOM   740  O O     . MET A 1 91  ? -12.578 0.338   9.649   1.00 17.08 ? 91   MET A O     1 
ATOM   741  C CB    . MET A 1 91  ? -10.380 0.349   11.664  1.00 19.98 ? 91   MET A CB    1 
ATOM   742  C CG    . MET A 1 91  ? -10.976 1.169   12.810  1.00 21.44 ? 91   MET A CG    1 
ATOM   743  S SD    . MET A 1 91  ? -11.522 0.181   14.222  1.00 25.48 ? 91   MET A SD    1 
ATOM   744  C CE    . MET A 1 91  ? -9.993  -0.292  15.000  1.00 23.43 ? 91   MET A CE    1 
ATOM   745  N N     . LYS A 1 92  ? -13.643 -0.818  11.234  1.00 17.35 ? 92   LYS A N     1 
ATOM   746  C CA    . LYS A 1 92  ? -14.972 -0.494  10.741  1.00 17.41 ? 92   LYS A CA    1 
ATOM   747  C C     . LYS A 1 92  ? -15.096 -0.909  9.269   1.00 18.15 ? 92   LYS A C     1 
ATOM   748  O O     . LYS A 1 92  ? -15.635 -0.192  8.446   1.00 18.75 ? 92   LYS A O     1 
ATOM   749  C CB    . LYS A 1 92  ? -15.282 0.997   10.925  1.00 19.88 ? 92   LYS A CB    1 
ATOM   750  C CG    . LYS A 1 92  ? -15.166 1.461   12.374  1.00 20.94 ? 92   LYS A CG    1 
ATOM   751  C CD    . LYS A 1 92  ? -15.971 0.586   13.322  1.00 22.91 ? 92   LYS A CD    1 
ATOM   752  C CE    . LYS A 1 92  ? -15.657 0.933   14.766  1.00 26.44 ? 92   LYS A CE    1 
ATOM   753  N NZ    . LYS A 1 92  ? -16.374 0.060   15.735  1.00 27.61 ? 92   LYS A NZ    1 
ATOM   754  N N     . GLU A 1 93  ? -14.587 -2.102  8.977   1.00 18.78 ? 93   GLU A N     1 
ATOM   755  C CA    . GLU A 1 93  ? -14.619 -2.708  7.648   1.00 19.17 ? 93   GLU A CA    1 
ATOM   756  C C     . GLU A 1 93  ? -13.930 -1.895  6.561   1.00 18.25 ? 93   GLU A C     1 
ATOM   757  O O     . GLU A 1 93  ? -14.235 -2.017  5.373   1.00 18.50 ? 93   GLU A O     1 
ATOM   758  C CB    . GLU A 1 93  ? -16.068 -3.033  7.272   1.00 18.51 ? 93   GLU A CB    1 
ATOM   759  C CG    . GLU A 1 93  ? -16.732 -3.940  8.310   1.00 20.69 ? 93   GLU A CG    1 
ATOM   760  C CD    . GLU A 1 93  ? -18.087 -4.474  7.880   1.00 21.48 ? 93   GLU A CD    1 
ATOM   761  O OE1   . GLU A 1 93  ? -19.035 -3.674  7.747   1.00 21.57 ? 93   GLU A OE1   1 
ATOM   762  O OE2   . GLU A 1 93  ? -18.199 -5.704  7.679   1.00 22.42 ? 93   GLU A OE2   1 
ATOM   763  N N     . LEU A 1 94  ? -12.972 -1.074  6.991   1.00 17.54 ? 94   LEU A N     1 
ATOM   764  C CA    . LEU A 1 94  ? -12.204 -0.228  6.084   1.00 17.69 ? 94   LEU A CA    1 
ATOM   765  C C     . LEU A 1 94  ? -10.705 -0.423  6.284   1.00 15.95 ? 94   LEU A C     1 
ATOM   766  O O     . LEU A 1 94  ? -10.239 -0.544  7.392   1.00 15.58 ? 94   LEU A O     1 
ATOM   767  C CB    . LEU A 1 94  ? -12.562 1.238   6.336   1.00 20.27 ? 94   LEU A CB    1 
ATOM   768  C CG    . LEU A 1 94  ? -13.246 2.077   5.256   1.00 23.54 ? 94   LEU A CG    1 
ATOM   769  C CD1   . LEU A 1 94  ? -14.321 1.308   4.516   1.00 20.56 ? 94   LEU A CD1   1 
ATOM   770  C CD2   . LEU A 1 94  ? -13.832 3.317   5.936   1.00 23.27 ? 94   LEU A CD2   1 
ATOM   771  N N     . PRO A 1 95  ? -9.928  -0.470  5.189   1.00 16.40 ? 95   PRO A N     1 
ATOM   772  C CA    . PRO A 1 95  ? -8.488  -0.651  5.388   1.00 15.44 ? 95   PRO A CA    1 
ATOM   773  C C     . PRO A 1 95  ? -7.833  0.582   6.011   1.00 14.73 ? 95   PRO A C     1 
ATOM   774  O O     . PRO A 1 95  ? -8.092  1.691   5.587   1.00 15.60 ? 95   PRO A O     1 
ATOM   775  C CB    . PRO A 1 95  ? -7.964  -0.888  3.967   1.00 16.36 ? 95   PRO A CB    1 
ATOM   776  C CG    . PRO A 1 95  ? -9.143  -1.503  3.252   1.00 15.79 ? 95   PRO A CG    1 
ATOM   777  C CD    . PRO A 1 95  ? -10.303 -0.664  3.779   1.00 14.69 ? 95   PRO A CD    1 
ATOM   778  N N     . ILE A 1 96  ? -6.989  0.380   7.019   1.00 14.84 ? 96   ILE A N     1 
ATOM   779  C CA    . ILE A 1 96  ? -6.298  1.509   7.634   1.00 18.41 ? 96   ILE A CA    1 
ATOM   780  C C     . ILE A 1 96  ? -4.776  1.367   7.624   1.00 17.48 ? 96   ILE A C     1 
ATOM   781  O O     . ILE A 1 96  ? -4.065  2.319   7.900   1.00 20.63 ? 96   ILE A O     1 
ATOM   782  C CB    . ILE A 1 96  ? -6.768  1.759   9.081   1.00 19.08 ? 96   ILE A CB    1 
ATOM   783  C CG1   . ILE A 1 96  ? -6.483  0.540   9.956   1.00 20.72 ? 96   ILE A CG1   1 
ATOM   784  C CG2   . ILE A 1 96  ? -8.267  2.084   9.080   1.00 21.28 ? 96   ILE A CG2   1 
ATOM   785  C CD1   . ILE A 1 96  ? -6.735  0.800   11.429  1.00 25.85 ? 96   ILE A CD1   1 
ATOM   786  N N     . HIS A 1 97  ? -4.281  0.170   7.325   1.00 17.72 ? 97   HIS A N     1 
ATOM   787  C CA    . HIS A 1 97  ? -2.836  -0.062  7.248   1.00 17.47 ? 97   HIS A CA    1 
ATOM   788  C C     . HIS A 1 97  ? -2.510  -1.153  6.239   1.00 14.22 ? 97   HIS A C     1 
ATOM   789  O O     . HIS A 1 97  ? -3.290  -2.057  6.026   1.00 14.92 ? 97   HIS A O     1 
ATOM   790  C CB    . HIS A 1 97  ? -2.259  -0.506  8.604   1.00 19.70 ? 97   HIS A CB    1 
ATOM   791  C CG    . HIS A 1 97  ? -2.327  0.536   9.670   1.00 22.90 ? 97   HIS A CG    1 
ATOM   792  N ND1   . HIS A 1 97  ? -1.513  1.649   9.679   1.00 26.66 ? 97   HIS A ND1   1 
ATOM   793  C CD2   . HIS A 1 97  ? -3.146  0.660   10.742  1.00 25.45 ? 97   HIS A CD2   1 
ATOM   794  C CE1   . HIS A 1 97  ? -1.833  2.415   10.707  1.00 24.77 ? 97   HIS A CE1   1 
ATOM   795  N NE2   . HIS A 1 97  ? -2.822  1.839   11.365  1.00 24.00 ? 97   HIS A NE2   1 
ATOM   796  N N     . PHE A 1 98  ? -1.339  -1.045  5.626   1.00 15.31 ? 98   PHE A N     1 
ATOM   797  C CA    . PHE A 1 98  ? -0.858  -2.058  4.699   1.00 16.27 ? 98   PHE A CA    1 
ATOM   798  C C     . PHE A 1 98  ? 0.063   -2.876  5.602   1.00 17.76 ? 98   PHE A C     1 
ATOM   799  O O     . PHE A 1 98  ? 1.219   -2.525  5.802   1.00 19.80 ? 98   PHE A O     1 
ATOM   800  C CB    . PHE A 1 98  ? -0.044  -1.414  3.569   1.00 16.80 ? 98   PHE A CB    1 
ATOM   801  C CG    . PHE A 1 98  ? 0.267   -2.353  2.434   1.00 18.80 ? 98   PHE A CG    1 
ATOM   802  C CD1   . PHE A 1 98  ? 0.038   -3.718  2.557   1.00 17.62 ? 98   PHE A CD1   1 
ATOM   803  C CD2   . PHE A 1 98  ? 0.797   -1.872  1.242   1.00 19.25 ? 98   PHE A CD2   1 
ATOM   804  C CE1   . PHE A 1 98  ? 0.331   -4.599  1.508   1.00 18.89 ? 98   PHE A CE1   1 
ATOM   805  C CE2   . PHE A 1 98  ? 1.094   -2.745  0.185   1.00 17.83 ? 98   PHE A CE2   1 
ATOM   806  C CZ    . PHE A 1 98  ? 0.859   -4.108  0.323   1.00 19.07 ? 98   PHE A CZ    1 
ATOM   807  N N     . ALA A 1 99  ? -0.462  -3.965  6.151   1.00 18.28 ? 99   ALA A N     1 
ATOM   808  C CA    . ALA A 1 99  ? 0.276   -4.795  7.105   1.00 21.46 ? 99   ALA A CA    1 
ATOM   809  C C     . ALA A 1 99  ? 1.443   -5.617  6.574   1.00 24.71 ? 99   ALA A C     1 
ATOM   810  O O     . ALA A 1 99  ? 2.517   -5.604  7.154   1.00 28.26 ? 99   ALA A O     1 
ATOM   811  C CB    . ALA A 1 99  ? -0.712  -5.702  7.848   1.00 22.03 ? 99   ALA A CB    1 
ATOM   812  N N     . GLY A 1 100 ? 1.233   -6.332  5.476   1.00 24.54 ? 100  GLY A N     1 
ATOM   813  C CA    . GLY A 1 100 ? 2.312   -7.126  4.923   1.00 25.17 ? 100  GLY A CA    1 
ATOM   814  C C     . GLY A 1 100 ? 1.931   -7.668  3.569   1.00 25.11 ? 100  GLY A C     1 
ATOM   815  O O     . GLY A 1 100 ? 0.884   -7.331  3.049   1.00 21.27 ? 100  GLY A O     1 
ATOM   816  N N     . VAL A 1 101 ? 2.798   -8.496  2.997   1.00 25.72 ? 101  VAL A N     1 
ATOM   817  C CA    . VAL A 1 101 ? 2.539   -9.104  1.699   1.00 27.17 ? 101  VAL A CA    1 
ATOM   818  C C     . VAL A 1 101 ? 2.902   -10.573 1.763   1.00 28.03 ? 101  VAL A C     1 
ATOM   819  O O     . VAL A 1 101 ? 3.841   -10.951 2.448   1.00 28.55 ? 101  VAL A O     1 
ATOM   820  C CB    . VAL A 1 101 ? 3.370   -8.451  0.571   1.00 27.86 ? 101  VAL A CB    1 
ATOM   821  C CG1   . VAL A 1 101 ? 2.961   -7.006  0.394   1.00 29.07 ? 101  VAL A CG1   1 
ATOM   822  C CG2   . VAL A 1 101 ? 4.853   -8.564  0.878   1.00 29.47 ? 101  VAL A CG2   1 
ATOM   823  N N     . GLY A 1 102 ? 2.142   -11.394 1.044   1.00 28.15 ? 102  GLY A N     1 
ATOM   824  C CA    . GLY A 1 102 ? 2.402   -12.821 1.016   1.00 28.11 ? 102  GLY A CA    1 
ATOM   825  C C     . GLY A 1 102 ? 1.880   -13.508 2.254   1.00 28.80 ? 102  GLY A C     1 
ATOM   826  O O     . GLY A 1 102 ? 1.548   -14.672 2.232   1.00 30.18 ? 102  GLY A O     1 
ATOM   827  N N     . LYS A 1 103 ? 1.805   -12.760 3.345   1.00 28.71 ? 103  LYS A N     1 
ATOM   828  C CA    . LYS A 1 103 ? 1.318   -13.308 4.595   1.00 29.15 ? 103  LYS A CA    1 
ATOM   829  C C     . LYS A 1 103 ? 1.097   -12.170 5.570   1.00 27.64 ? 103  LYS A C     1 
ATOM   830  O O     . LYS A 1 103 ? 1.627   -11.085 5.398   1.00 28.50 ? 103  LYS A O     1 
ATOM   831  C CB    . LYS A 1 103 ? 2.336   -14.300 5.168   1.00 30.41 ? 103  LYS A CB    1 
ATOM   832  C CG    . LYS A 1 103 ? 1.963   -14.867 6.523   1.00 34.81 ? 103  LYS A CG    1 
ATOM   833  C CD    . LYS A 1 103 ? 3.030   -15.823 7.046   1.00 37.67 ? 103  LYS A CD    1 
ATOM   834  C CE    . LYS A 1 103 ? 4.359   -15.129 7.285   1.00 37.08 ? 103  LYS A CE    1 
ATOM   835  N NZ    . LYS A 1 103 ? 5.339   -16.079 7.869   1.00 39.75 ? 103  LYS A NZ    1 
ATOM   836  N N     . CYS A 1 104 ? 0.284   -12.429 6.580   1.00 27.82 ? 104  CYS A N     1 
ATOM   837  C CA    . CYS A 1 104 ? 0.008   -11.438 7.598   1.00 27.54 ? 104  CYS A CA    1 
ATOM   838  C C     . CYS A 1 104 ? 1.004   -11.567 8.740   1.00 29.39 ? 104  CYS A C     1 
ATOM   839  O O     . CYS A 1 104 ? 1.516   -12.649 9.010   1.00 30.80 ? 104  CYS A O     1 
ATOM   840  C CB    . CYS A 1 104 ? -1.409  -11.609 8.134   1.00 24.47 ? 104  CYS A CB    1 
ATOM   841  S SG    . CYS A 1 104 ? -2.701  -10.750 7.189   1.00 22.20 ? 104  CYS A SG    1 
ATOM   842  N N     . PRO A 1 105 ? 1.290   -10.450 9.420   1.00 31.33 ? 105  PRO A N     1 
ATOM   843  C CA    . PRO A 1 105 ? 2.228   -10.407 10.545  1.00 34.22 ? 105  PRO A CA    1 
ATOM   844  C C     . PRO A 1 105 ? 1.846   -11.355 11.685  1.00 35.52 ? 105  PRO A C     1 
ATOM   845  O O     . PRO A 1 105 ? 0.785   -12.012 11.603  1.00 37.64 ? 105  PRO A O     1 
ATOM   846  C CB    . PRO A 1 105 ? 2.186   -8.941  10.968  1.00 33.76 ? 105  PRO A CB    1 
ATOM   847  C CG    . PRO A 1 105 ? 1.869   -8.224  9.684   1.00 32.07 ? 105  PRO A CG    1 
ATOM   848  C CD    . PRO A 1 105 ? 0.798   -9.097  9.096   1.00 31.23 ? 105  PRO A CD    1 
ATOM   849  O OXT   . PRO A 1 105 ? 2.616   -11.430 12.663  1.00 39.11 ? 105  PRO A OXT   1 
ATOM   850  P P     . DA  B 2 1   ? -7.092  0.129   -26.483 1.00 72.87 ? 301  DA  B P     1 
ATOM   851  O OP1   . DA  B 2 1   ? -7.175  0.243   -27.964 1.00 72.21 ? 301  DA  B OP1   1 
ATOM   852  O OP2   . DA  B 2 1   ? -7.549  -1.118  -25.814 1.00 71.84 ? 301  DA  B OP2   1 
ATOM   853  O "O5'" . DA  B 2 1   ? -5.589  0.416   -26.040 1.00 70.72 ? 301  DA  B "O5'" 1 
ATOM   854  C "C5'" . DA  B 2 1   ? -4.623  -0.634  -26.003 1.00 69.16 ? 301  DA  B "C5'" 1 
ATOM   855  C "C4'" . DA  B 2 1   ? -3.227  -0.059  -26.038 1.00 68.32 ? 301  DA  B "C4'" 1 
ATOM   856  O "O4'" . DA  B 2 1   ? -3.031  0.630   -27.297 1.00 67.55 ? 301  DA  B "O4'" 1 
ATOM   857  C "C3'" . DA  B 2 1   ? -2.938  0.972   -24.945 1.00 67.93 ? 301  DA  B "C3'" 1 
ATOM   858  O "O3'" . DA  B 2 1   ? -1.579  0.859   -24.506 1.00 69.38 ? 301  DA  B "O3'" 1 
ATOM   859  C "C2'" . DA  B 2 1   ? -3.152  2.297   -25.650 1.00 67.49 ? 301  DA  B "C2'" 1 
ATOM   860  C "C1'" . DA  B 2 1   ? -2.686  1.989   -27.062 1.00 67.16 ? 301  DA  B "C1'" 1 
ATOM   861  N N9    . DA  B 2 1   ? -3.329  2.801   -28.095 1.00 66.37 ? 301  DA  B N9    1 
ATOM   862  C C8    . DA  B 2 1   ? -3.706  4.119   -28.008 1.00 65.93 ? 301  DA  B C8    1 
ATOM   863  N N7    . DA  B 2 1   ? -4.260  4.585   -29.100 1.00 65.50 ? 301  DA  B N7    1 
ATOM   864  C C5    . DA  B 2 1   ? -4.248  3.502   -29.967 1.00 65.56 ? 301  DA  B C5    1 
ATOM   865  C C6    . DA  B 2 1   ? -4.696  3.345   -31.289 1.00 65.65 ? 301  DA  B C6    1 
ATOM   866  N N6    . DA  B 2 1   ? -5.269  4.323   -31.997 1.00 64.93 ? 301  DA  B N6    1 
ATOM   867  N N1    . DA  B 2 1   ? -4.536  2.134   -31.867 1.00 66.00 ? 301  DA  B N1    1 
ATOM   868  C C2    . DA  B 2 1   ? -3.963  1.154   -31.156 1.00 66.35 ? 301  DA  B C2    1 
ATOM   869  N N3    . DA  B 2 1   ? -3.500  1.179   -29.907 1.00 66.28 ? 301  DA  B N3    1 
ATOM   870  C C4    . DA  B 2 1   ? -3.676  2.397   -29.362 1.00 66.23 ? 301  DA  B C4    1 
ATOM   871  P P     . DC  B 2 2   ? -1.170  0.029   -23.190 1.00 73.89 ? 302  DC  B P     1 
ATOM   872  O OP1   . DC  B 2 2   ? -2.293  0.023   -22.217 1.00 74.62 ? 302  DC  B OP1   1 
ATOM   873  O OP2   . DC  B 2 2   ? 0.164   0.535   -22.769 1.00 74.30 ? 302  DC  B OP2   1 
ATOM   874  O "O5'" . DC  B 2 2   ? -0.980  -1.453  -23.744 1.00 73.77 ? 302  DC  B "O5'" 1 
ATOM   875  C "C5'" . DC  B 2 2   ? -0.497  -2.498  -22.898 1.00 72.55 ? 302  DC  B "C5'" 1 
ATOM   876  C "C4'" . DC  B 2 2   ? 0.742   -3.121  -23.498 1.00 72.02 ? 302  DC  B "C4'" 1 
ATOM   877  O "O4'" . DC  B 2 2   ? 0.394   -3.772  -24.743 1.00 71.49 ? 302  DC  B "O4'" 1 
ATOM   878  C "C3'" . DC  B 2 2   ? 1.842   -2.116  -23.841 1.00 71.98 ? 302  DC  B "C3'" 1 
ATOM   879  O "O3'" . DC  B 2 2   ? 3.132   -2.694  -23.619 1.00 72.33 ? 302  DC  B "O3'" 1 
ATOM   880  C "C2'" . DC  B 2 2   ? 1.619   -1.850  -25.318 1.00 71.87 ? 302  DC  B "C2'" 1 
ATOM   881  C "C1'" . DC  B 2 2   ? 1.118   -3.195  -25.819 1.00 71.62 ? 302  DC  B "C1'" 1 
ATOM   882  N N1    . DC  B 2 2   ? 0.213   -3.107  -26.978 1.00 71.62 ? 302  DC  B N1    1 
ATOM   883  C C2    . DC  B 2 2   ? 0.765   -3.058  -28.261 1.00 71.34 ? 302  DC  B C2    1 
ATOM   884  O O2    . DC  B 2 2   ? 2.000   -3.087  -28.384 1.00 70.84 ? 302  DC  B O2    1 
ATOM   885  N N3    . DC  B 2 2   ? -0.059  -2.976  -29.333 1.00 71.36 ? 302  DC  B N3    1 
ATOM   886  C C4    . DC  B 2 2   ? -1.382  -2.943  -29.158 1.00 71.26 ? 302  DC  B C4    1 
ATOM   887  N N4    . DC  B 2 2   ? -2.157  -2.859  -30.244 1.00 70.87 ? 302  DC  B N4    1 
ATOM   888  C C5    . DC  B 2 2   ? -1.971  -2.992  -27.860 1.00 71.08 ? 302  DC  B C5    1 
ATOM   889  C C6    . DC  B 2 2   ? -1.145  -3.074  -26.808 1.00 71.15 ? 302  DC  B C6    1 
ATOM   890  P P     . DG  B 2 3   ? 4.070   -1.768  -22.696 1.00 73.99 ? 303  DG  B P     1 
ATOM   891  O OP1   . DG  B 2 3   ? 3.860   -0.296  -22.662 1.00 73.70 ? 303  DG  B OP1   1 
ATOM   892  O OP2   . DG  B 2 3   ? 5.405   -2.312  -23.070 1.00 74.11 ? 303  DG  B OP2   1 
ATOM   893  O "O5'" . DG  B 2 3   ? 3.668   -2.369  -21.274 1.00 72.62 ? 303  DG  B "O5'" 1 
ATOM   894  C "C5'" . DG  B 2 3   ? 2.863   -1.624  -20.358 1.00 70.57 ? 303  DG  B "C5'" 1 
ATOM   895  C "C4'" . DG  B 2 3   ? 2.258   -2.548  -19.326 1.00 69.14 ? 303  DG  B "C4'" 1 
ATOM   896  O "O4'" . DG  B 2 3   ? 1.548   -1.769  -18.332 1.00 68.42 ? 303  DG  B "O4'" 1 
ATOM   897  C "C3'" . DG  B 2 3   ? 1.238   -3.539  -19.893 1.00 68.54 ? 303  DG  B "C3'" 1 
ATOM   898  O "O3'" . DG  B 2 3   ? 1.354   -4.809  -19.243 1.00 68.43 ? 303  DG  B "O3'" 1 
ATOM   899  C "C2'" . DG  B 2 3   ? -0.094  -2.893  -19.560 1.00 68.39 ? 303  DG  B "C2'" 1 
ATOM   900  C "C1'" . DG  B 2 3   ? 0.205   -2.220  -18.235 1.00 67.70 ? 303  DG  B "C1'" 1 
ATOM   901  N N9    . DG  B 2 3   ? -0.646  -1.071  -17.932 1.00 67.24 ? 303  DG  B N9    1 
ATOM   902  C C8    . DG  B 2 3   ? -1.987  -0.947  -18.208 1.00 66.40 ? 303  DG  B C8    1 
ATOM   903  N N7    . DG  B 2 3   ? -2.491  0.189   -17.806 1.00 66.51 ? 303  DG  B N7    1 
ATOM   904  C C5    . DG  B 2 3   ? -1.419  0.859   -17.232 1.00 65.86 ? 303  DG  B C5    1 
ATOM   905  C C6    . DG  B 2 3   ? -1.353  2.144   -16.628 1.00 65.41 ? 303  DG  B C6    1 
ATOM   906  O O6    . DG  B 2 3   ? -2.259  2.971   -16.470 1.00 64.72 ? 303  DG  B O6    1 
ATOM   907  N N1    . DG  B 2 3   ? -0.069  2.432   -16.182 1.00 65.18 ? 303  DG  B N1    1 
ATOM   908  C C2    . DG  B 2 3   ? 1.013   1.598   -16.297 1.00 65.43 ? 303  DG  B C2    1 
ATOM   909  N N2    . DG  B 2 3   ? 2.166   2.061   -15.799 1.00 65.40 ? 303  DG  B N2    1 
ATOM   910  N N3    . DG  B 2 3   ? 0.968   0.400   -16.859 1.00 66.10 ? 303  DG  B N3    1 
ATOM   911  C C4    . DG  B 2 3   ? -0.271  0.097   -17.303 1.00 66.27 ? 303  DG  B C4    1 
ATOM   912  P P     . DA  B 2 4   ? 1.720   -6.292  -19.754 1.00 67.03 ? 304  DA  B P     1 
ATOM   913  O OP1   . DA  B 2 4   ? 2.873   -6.103  -20.677 1.00 66.92 ? 304  DA  B OP1   1 
ATOM   914  O OP2   . DA  B 2 4   ? 0.568   -7.125  -20.179 1.00 64.84 ? 304  DA  B OP2   1 
ATOM   915  O "O5'" . DA  B 2 4   ? 2.277   -6.894  -18.389 1.00 64.90 ? 304  DA  B "O5'" 1 
ATOM   916  C "C5'" . DA  B 2 4   ? 2.594   -6.039  -17.289 1.00 63.78 ? 304  DA  B "C5'" 1 
ATOM   917  C "C4'" . DA  B 2 4   ? 1.824   -6.467  -16.062 1.00 62.45 ? 304  DA  B "C4'" 1 
ATOM   918  O "O4'" . DA  B 2 4   ? 2.108   -7.859  -15.784 1.00 62.26 ? 304  DA  B "O4'" 1 
ATOM   919  C "C3'" . DA  B 2 4   ? 2.185   -5.703  -14.790 1.00 62.13 ? 304  DA  B "C3'" 1 
ATOM   920  O "O3'" . DA  B 2 4   ? 1.024   -5.545  -13.971 1.00 61.86 ? 304  DA  B "O3'" 1 
ATOM   921  C "C2'" . DA  B 2 4   ? 3.182   -6.619  -14.108 1.00 62.47 ? 304  DA  B "C2'" 1 
ATOM   922  C "C1'" . DA  B 2 4   ? 2.655   -7.991  -14.482 1.00 62.67 ? 304  DA  B "C1'" 1 
ATOM   923  N N9    . DA  B 2 4   ? 3.683   -9.026  -14.533 1.00 63.28 ? 304  DA  B N9    1 
ATOM   924  C C8    . DA  B 2 4   ? 4.730   -9.143  -15.413 1.00 63.92 ? 304  DA  B C8    1 
ATOM   925  N N7    . DA  B 2 4   ? 5.495   -10.185 -15.189 1.00 64.43 ? 304  DA  B N7    1 
ATOM   926  C C5    . DA  B 2 4   ? 4.910   -10.794 -14.088 1.00 64.43 ? 304  DA  B C5    1 
ATOM   927  C C6    . DA  B 2 4   ? 5.245   -11.945 -13.354 1.00 65.45 ? 304  DA  B C6    1 
ATOM   928  N N6    . DA  B 2 4   ? 6.299   -12.718 -13.627 1.00 65.67 ? 304  DA  B N6    1 
ATOM   929  N N1    . DA  B 2 4   ? 4.450   -12.276 -12.314 1.00 65.17 ? 304  DA  B N1    1 
ATOM   930  C C2    . DA  B 2 4   ? 3.398   -11.496 -12.039 1.00 64.40 ? 304  DA  B C2    1 
ATOM   931  N N3    . DA  B 2 4   ? 2.983   -10.394 -12.651 1.00 63.93 ? 304  DA  B N3    1 
ATOM   932  C C4    . DA  B 2 4   ? 3.791   -10.092 -13.679 1.00 63.82 ? 304  DA  B C4    1 
HETATM 933  S S     . SO4 C 3 .   ? 0.943   2.012   6.859   1.00 26.20 ? 201  SO4 A S     1 
HETATM 934  O O1    . SO4 C 3 .   ? -0.038  1.178   6.155   1.00 26.35 ? 201  SO4 A O1    1 
HETATM 935  O O2    . SO4 C 3 .   ? 1.504   3.007   5.932   1.00 23.77 ? 201  SO4 A O2    1 
HETATM 936  O O3    . SO4 C 3 .   ? 0.300   2.740   7.972   1.00 26.49 ? 201  SO4 A O3    1 
HETATM 937  O O4    . SO4 C 3 .   ? 2.018   1.164   7.404   1.00 29.04 ? 201  SO4 A O4    1 
HETATM 938  S S     . SO4 D 3 .   ? 19.904  5.369   0.555   1.00 68.70 ? 202  SO4 A S     1 
HETATM 939  O O1    . SO4 D 3 .   ? 19.425  5.138   1.934   1.00 67.09 ? 202  SO4 A O1    1 
HETATM 940  O O2    . SO4 D 3 .   ? 21.366  5.579   0.571   1.00 67.32 ? 202  SO4 A O2    1 
HETATM 941  O O3    . SO4 D 3 .   ? 19.243  6.564   -0.001  1.00 67.05 ? 202  SO4 A O3    1 
HETATM 942  O O4    . SO4 D 3 .   ? 19.584  4.195   -0.280  1.00 67.20 ? 202  SO4 A O4    1 
HETATM 943  O O     . HOH E 4 .   ? -8.278  3.539   13.743  1.00 34.13 ? 2001 HOH A O     1 
HETATM 944  O O     . HOH E 4 .   ? -9.142  4.929   11.648  1.00 18.60 ? 2002 HOH A O     1 
HETATM 945  O O     . HOH E 4 .   ? -5.469  5.441   13.680  1.00 36.85 ? 2003 HOH A O     1 
HETATM 946  O O     . HOH E 4 .   ? -11.191 5.873   -8.521  1.00 42.96 ? 2004 HOH A O     1 
HETATM 947  O O     . HOH E 4 .   ? -15.350 6.971   -9.483  1.00 42.60 ? 2005 HOH A O     1 
HETATM 948  O O     . HOH E 4 .   ? -19.372 5.696   -0.984  1.00 45.26 ? 2006 HOH A O     1 
HETATM 949  O O     . HOH E 4 .   ? 1.390   11.607  11.675  1.00 47.45 ? 2007 HOH A O     1 
HETATM 950  O O     . HOH E 4 .   ? -13.079 6.334   -6.021  1.00 43.80 ? 2008 HOH A O     1 
HETATM 951  O O     . HOH E 4 .   ? -17.795 -8.786  -2.058  1.00 52.49 ? 2009 HOH A O     1 
HETATM 952  O O     . HOH E 4 .   ? -18.457 0.485   -5.965  1.00 39.14 ? 2010 HOH A O     1 
HETATM 953  O O     . HOH E 4 .   ? -20.695 -2.554  -7.079  1.00 43.26 ? 2011 HOH A O     1 
HETATM 954  O O     . HOH E 4 .   ? -16.404 0.283   -13.995 1.00 42.44 ? 2012 HOH A O     1 
HETATM 955  O O     . HOH E 4 .   ? -14.509 4.682   -0.349  1.00 46.25 ? 2013 HOH A O     1 
HETATM 956  O O     . HOH E 4 .   ? 0.503   8.969   7.867   1.00 39.82 ? 2014 HOH A O     1 
HETATM 957  O O     . HOH E 4 .   ? 23.327  10.162  6.461   0.50 19.09 ? 2015 HOH A O     1 
HETATM 958  O O     . HOH E 4 .   ? -5.795  11.739  4.567   1.00 36.69 ? 2016 HOH A O     1 
HETATM 959  O O     . HOH E 4 .   ? -7.696  9.497   -0.224  1.00 40.14 ? 2017 HOH A O     1 
HETATM 960  O O     . HOH E 4 .   ? -11.914 10.671  2.261   1.00 51.48 ? 2018 HOH A O     1 
HETATM 961  O O     . HOH E 4 .   ? 0.574   7.841   -5.757  1.00 33.11 ? 2019 HOH A O     1 
HETATM 962  O O     . HOH E 4 .   ? -5.411  8.661   -4.185  1.00 45.08 ? 2020 HOH A O     1 
HETATM 963  O O     . HOH E 4 .   ? -3.218  10.697  -3.435  1.00 38.35 ? 2021 HOH A O     1 
HETATM 964  O O     . HOH E 4 .   ? -7.710  3.726   -9.841  1.00 42.82 ? 2022 HOH A O     1 
HETATM 965  O O     . HOH E 4 .   ? -2.608  9.006   -14.184 1.00 56.51 ? 2023 HOH A O     1 
HETATM 966  O O     . HOH E 4 .   ? -5.688  8.736   -8.351  1.00 44.90 ? 2024 HOH A O     1 
HETATM 967  O O     . HOH E 4 .   ? -19.014 -5.865  -1.055  1.00 43.42 ? 2025 HOH A O     1 
HETATM 968  O O     . HOH E 4 .   ? -16.496 -7.110  -4.408  1.00 45.98 ? 2026 HOH A O     1 
HETATM 969  O O     . HOH E 4 .   ? -16.741 -7.165  -6.987  1.00 44.19 ? 2027 HOH A O     1 
HETATM 970  O O     . HOH E 4 .   ? -17.132 -0.865  -7.778  1.00 45.34 ? 2028 HOH A O     1 
HETATM 971  O O     . HOH E 4 .   ? -16.953 -0.180  -10.238 1.00 45.41 ? 2029 HOH A O     1 
HETATM 972  O O     . HOH E 4 .   ? -10.912 12.225  -1.427  1.00 42.55 ? 2030 HOH A O     1 
HETATM 973  O O     . HOH E 4 .   ? -1.757  10.498  -7.053  1.00 37.78 ? 2031 HOH A O     1 
HETATM 974  O O     . HOH E 4 .   ? -15.309 3.130   -11.076 1.00 45.91 ? 2032 HOH A O     1 
HETATM 975  O O     . HOH E 4 .   ? -20.343 4.459   -4.886  1.00 50.31 ? 2033 HOH A O     1 
HETATM 976  O O     . HOH E 4 .   ? -2.862  12.116  7.172   1.00 52.18 ? 2034 HOH A O     1 
HETATM 977  O O     . HOH E 4 .   ? -19.335 -3.685  25.239  1.00 44.88 ? 2035 HOH A O     1 
HETATM 978  O O     . HOH E 4 .   ? -12.245 -7.647  21.435  1.00 47.14 ? 2036 HOH A O     1 
HETATM 979  O O     . HOH E 4 .   ? -12.648 -9.634  18.022  1.00 39.75 ? 2037 HOH A O     1 
HETATM 980  O O     . HOH E 4 .   ? -12.381 6.425   -2.432  1.00 39.17 ? 2038 HOH A O     1 
HETATM 981  O O     . HOH E 4 .   ? -12.521 7.902   0.272   1.00 33.68 ? 2039 HOH A O     1 
HETATM 982  O O     . HOH E 4 .   ? 11.890  11.686  -12.210 1.00 43.32 ? 2040 HOH A O     1 
HETATM 983  O O     . HOH E 4 .   ? 8.234   -0.892  -13.589 1.00 44.45 ? 2041 HOH A O     1 
HETATM 984  O O     . HOH E 4 .   ? 10.969  -4.407  -15.176 1.00 45.62 ? 2042 HOH A O     1 
HETATM 985  O O     . HOH E 4 .   ? 18.083  -6.235  0.711   1.00 48.07 ? 2043 HOH A O     1 
HETATM 986  O O     . HOH E 4 .   ? 8.723   17.923  -10.323 1.00 46.85 ? 2044 HOH A O     1 
HETATM 987  O O     . HOH E 4 .   ? 25.090  9.554   3.790   1.00 48.16 ? 2045 HOH A O     1 
HETATM 988  O O     . HOH E 4 .   ? -5.938  13.531  -2.993  1.00 38.92 ? 2046 HOH A O     1 
HETATM 989  O O     . HOH E 4 .   ? -2.757  15.490  -6.975  1.00 37.44 ? 2047 HOH A O     1 
HETATM 990  O O     . HOH E 4 .   ? 1.241   20.338  3.608   1.00 45.34 ? 2048 HOH A O     1 
HETATM 991  O O     . HOH E 4 .   ? 0.742   5.724   7.803   1.00 34.46 ? 2049 HOH A O     1 
HETATM 992  O O     . HOH E 4 .   ? -2.060  3.570   5.396   1.00 18.75 ? 2050 HOH A O     1 
HETATM 993  O O     . HOH E 4 .   ? 8.344   -17.173 0.423   1.00 48.95 ? 2051 HOH A O     1 
HETATM 994  O O     . HOH E 4 .   ? -2.093  7.357   -4.270  1.00 30.35 ? 2052 HOH A O     1 
HETATM 995  O O     . HOH E 4 .   ? 4.319   -3.874  2.683   1.00 42.21 ? 2053 HOH A O     1 
HETATM 996  O O     . HOH E 4 .   ? 0.468   6.601   -8.021  1.00 42.54 ? 2054 HOH A O     1 
HETATM 997  O O     . HOH E 4 .   ? -5.700  0.851   -10.561 1.00 37.32 ? 2055 HOH A O     1 
HETATM 998  O O     . HOH E 4 .   ? -7.462  7.275   -13.533 1.00 50.46 ? 2056 HOH A O     1 
HETATM 999  O O     . HOH E 4 .   ? -1.417  9.152   -11.426 1.00 48.21 ? 2057 HOH A O     1 
HETATM 1000 O O     . HOH E 4 .   ? -5.337  6.143   -6.563  1.00 47.36 ? 2058 HOH A O     1 
HETATM 1001 O O     . HOH E 4 .   ? -10.640 -0.934  -15.709 1.00 53.73 ? 2059 HOH A O     1 
HETATM 1002 O O     . HOH E 4 .   ? -17.570 -3.700  0.223   1.00 42.31 ? 2060 HOH A O     1 
HETATM 1003 O O     . HOH E 4 .   ? -9.759  -9.287  -3.632  1.00 35.00 ? 2061 HOH A O     1 
HETATM 1004 O O     . HOH E 4 .   ? -13.075 -10.419 -7.215  1.00 44.24 ? 2062 HOH A O     1 
HETATM 1005 O O     . HOH E 4 .   ? -14.154 -7.679  -4.642  1.00 39.81 ? 2063 HOH A O     1 
HETATM 1006 O O     . HOH E 4 .   ? -14.039 -0.102  -9.062  1.00 37.84 ? 2064 HOH A O     1 
HETATM 1007 O O     . HOH E 4 .   ? -15.476 4.152   -4.581  1.00 44.97 ? 2065 HOH A O     1 
HETATM 1008 O O     . HOH E 4 .   ? -11.945 -11.674 -3.151  1.00 54.91 ? 2066 HOH A O     1 
HETATM 1009 O O     . HOH E 4 .   ? -13.096 -12.839 5.608   1.00 39.83 ? 2067 HOH A O     1 
HETATM 1010 O O     . HOH E 4 .   ? 4.367   6.172   -20.837 1.00 42.04 ? 2068 HOH A O     1 
HETATM 1011 O O     . HOH E 4 .   ? 6.907   5.070   -19.631 1.00 55.53 ? 2069 HOH A O     1 
HETATM 1012 O O     . HOH E 4 .   ? -13.499 -3.632  18.871  1.00 40.22 ? 2070 HOH A O     1 
HETATM 1013 O O     . HOH E 4 .   ? -18.433 -4.406  20.633  1.00 45.79 ? 2071 HOH A O     1 
HETATM 1014 O O     . HOH E 4 .   ? 2.898   8.187   -9.874  1.00 29.88 ? 2072 HOH A O     1 
HETATM 1015 O O     . HOH E 4 .   ? -8.749  -7.134  19.591  1.00 40.26 ? 2073 HOH A O     1 
HETATM 1016 O O     . HOH E 4 .   ? -6.270  -12.804 12.929  1.00 44.51 ? 2074 HOH A O     1 
HETATM 1017 O O     . HOH E 4 .   ? -5.198  -9.382  15.625  1.00 52.02 ? 2075 HOH A O     1 
HETATM 1018 O O     . HOH E 4 .   ? 10.320  5.930   -10.345 1.00 30.12 ? 2076 HOH A O     1 
HETATM 1019 O O     . HOH E 4 .   ? 12.465  13.081  -4.743  1.00 22.16 ? 2077 HOH A O     1 
HETATM 1020 O O     . HOH E 4 .   ? 10.608  9.481   -10.640 1.00 38.31 ? 2078 HOH A O     1 
HETATM 1021 O O     . HOH E 4 .   ? 11.117  14.614  -9.559  1.00 40.85 ? 2079 HOH A O     1 
HETATM 1022 O O     . HOH E 4 .   ? 17.344  11.318  -11.824 1.00 40.37 ? 2080 HOH A O     1 
HETATM 1023 O O     . HOH E 4 .   ? 4.751   -1.461  -16.002 1.00 40.29 ? 2081 HOH A O     1 
HETATM 1024 O O     . HOH E 4 .   ? 9.508   -2.820  -12.523 1.00 45.73 ? 2082 HOH A O     1 
HETATM 1025 O O     . HOH E 4 .   ? 11.779  -7.323  0.886   1.00 45.43 ? 2083 HOH A O     1 
HETATM 1026 O O     . HOH E 4 .   ? 16.771  -3.498  0.741   1.00 44.83 ? 2084 HOH A O     1 
HETATM 1027 O O     . HOH E 4 .   ? 9.140   18.041  -0.732  1.00 40.25 ? 2085 HOH A O     1 
HETATM 1028 O O     . HOH E 4 .   ? 4.945   19.052  -3.558  1.00 46.99 ? 2086 HOH A O     1 
HETATM 1029 O O     . HOH E 4 .   ? 8.411   15.808  2.631   1.00 24.54 ? 2087 HOH A O     1 
HETATM 1030 O O     . HOH E 4 .   ? 6.601   17.673  -8.280  1.00 43.67 ? 2088 HOH A O     1 
HETATM 1031 O O     . HOH E 4 .   ? 23.306  0.611   -10.571 0.50 63.53 ? 2089 HOH A O     1 
HETATM 1032 O O     . HOH E 4 .   ? 28.967  7.228   -10.442 1.00 39.58 ? 2090 HOH A O     1 
HETATM 1033 O O     . HOH E 4 .   ? 24.739  10.831  0.591   1.00 35.57 ? 2091 HOH A O     1 
HETATM 1034 O O     . HOH E 4 .   ? 3.076   15.933  -5.554  1.00 50.54 ? 2092 HOH A O     1 
HETATM 1035 O O     . HOH E 4 .   ? 28.576  3.935   -12.081 1.00 42.70 ? 2093 HOH A O     1 
HETATM 1036 O O     . HOH E 4 .   ? -0.244  15.225  -3.627  1.00 36.25 ? 2094 HOH A O     1 
HETATM 1037 O O     . HOH E 4 .   ? 18.234  10.921  5.425   1.00 47.21 ? 2095 HOH A O     1 
HETATM 1038 O O     . HOH E 4 .   ? 6.199   15.216  6.564   1.00 34.52 ? 2096 HOH A O     1 
HETATM 1039 O O     . HOH E 4 .   ? 4.982   11.663  6.834   1.00 49.98 ? 2097 HOH A O     1 
HETATM 1040 O O     . HOH E 4 .   ? 3.502   18.139  0.031   1.00 45.17 ? 2098 HOH A O     1 
HETATM 1041 O O     . HOH E 4 .   ? 16.362  8.031   -12.624 1.00 38.89 ? 2099 HOH A O     1 
HETATM 1042 O O     . HOH E 4 .   ? 4.267   7.602   4.846   1.00 39.53 ? 2100 HOH A O     1 
HETATM 1043 O O     . HOH E 4 .   ? 1.891   14.942  1.203   1.00 37.76 ? 2101 HOH A O     1 
HETATM 1044 O O     . HOH E 4 .   ? 16.896  -2.897  -11.359 1.00 43.35 ? 2102 HOH A O     1 
HETATM 1045 O O     . HOH E 4 .   ? 13.228  -2.073  -13.656 1.00 47.71 ? 2103 HOH A O     1 
HETATM 1046 O O     . HOH E 4 .   ? 16.474  2.766   -11.951 1.00 41.99 ? 2104 HOH A O     1 
HETATM 1047 O O     . HOH E 4 .   ? 12.870  -5.657  -2.454  1.00 41.74 ? 2105 HOH A O     1 
HETATM 1048 O O     . HOH E 4 .   ? 7.512   9.180   6.526   1.00 35.57 ? 2106 HOH A O     1 
HETATM 1049 O O     . HOH E 4 .   ? 10.772  10.001  6.751   1.00 27.19 ? 2107 HOH A O     1 
HETATM 1050 O O     . HOH E 4 .   ? 9.219   -10.816 -8.275  1.00 45.09 ? 2108 HOH A O     1 
HETATM 1051 O O     . HOH E 4 .   ? 4.755   -15.843 -0.022  1.00 43.00 ? 2109 HOH A O     1 
HETATM 1052 O O     . HOH E 4 .   ? 13.417  12.624  6.843   1.00 46.91 ? 2110 HOH A O     1 
HETATM 1053 O O     . HOH E 4 .   ? 4.918   4.273   3.790   1.00 47.21 ? 2111 HOH A O     1 
HETATM 1054 O O     . HOH E 4 .   ? 5.999   3.168   7.229   1.00 28.01 ? 2112 HOH A O     1 
HETATM 1055 O O     . HOH E 4 .   ? 1.418   -1.998  9.803   1.00 37.35 ? 2113 HOH A O     1 
HETATM 1056 O O     . HOH E 4 .   ? -16.286 4.878   8.204   1.00 29.15 ? 2114 HOH A O     1 
HETATM 1057 O O     . HOH E 4 .   ? 7.746   -1.039  0.886   1.00 30.01 ? 2115 HOH A O     1 
HETATM 1058 O O     . HOH E 4 .   ? 4.691   0.403   2.266   1.00 16.67 ? 2116 HOH A O     1 
HETATM 1059 O O     . HOH E 4 .   ? 5.758   -5.299  0.795   1.00 39.11 ? 2117 HOH A O     1 
HETATM 1060 O O     . HOH E 4 .   ? -6.543  3.397   -7.644  1.00 26.68 ? 2118 HOH A O     1 
HETATM 1061 O O     . HOH E 4 .   ? -10.700 1.773   -16.704 1.00 39.86 ? 2119 HOH A O     1 
HETATM 1062 O O     . HOH E 4 .   ? -11.856 5.122   -15.292 1.00 44.94 ? 2120 HOH A O     1 
HETATM 1063 O O     . HOH E 4 .   ? -9.135  0.105   -13.146 1.00 36.54 ? 2121 HOH A O     1 
HETATM 1064 O O     . HOH E 4 .   ? -9.129  -2.825  -9.405  1.00 38.34 ? 2122 HOH A O     1 
HETATM 1065 O O     . HOH E 4 .   ? -16.304 -2.419  -1.380  1.00 31.56 ? 2123 HOH A O     1 
HETATM 1066 O O     . HOH E 4 .   ? -11.694 -7.821  -2.970  1.00 23.72 ? 2124 HOH A O     1 
HETATM 1067 O O     . HOH E 4 .   ? -12.909 -1.988  -7.745  1.00 45.50 ? 2125 HOH A O     1 
HETATM 1068 O O     . HOH E 4 .   ? -10.336 -9.834  -6.246  1.00 41.15 ? 2126 HOH A O     1 
HETATM 1069 O O     . HOH E 4 .   ? -12.260 -7.175  -8.734  0.50 19.09 ? 2127 HOH A O     1 
HETATM 1070 O O     . HOH E 4 .   ? -14.358 2.880   -2.567  1.00 40.50 ? 2128 HOH A O     1 
HETATM 1071 O O     . HOH E 4 .   ? -19.155 2.349   -1.251  1.00 45.24 ? 2129 HOH A O     1 
HETATM 1072 O O     . HOH E 4 .   ? -12.887 -9.689  -0.609  1.00 36.23 ? 2130 HOH A O     1 
HETATM 1073 O O     . HOH E 4 .   ? -11.698 -10.941 2.354   1.00 44.09 ? 2131 HOH A O     1 
HETATM 1074 O O     . HOH E 4 .   ? -13.363 -10.304 4.437   1.00 29.26 ? 2132 HOH A O     1 
HETATM 1075 O O     . HOH E 4 .   ? -20.842 -11.171 1.578   1.00 32.80 ? 2133 HOH A O     1 
HETATM 1076 O O     . HOH E 4 .   ? -16.719 -12.591 4.507   1.00 45.75 ? 2134 HOH A O     1 
HETATM 1077 O O     . HOH E 4 .   ? -20.202 -12.570 9.070   1.00 39.09 ? 2135 HOH A O     1 
HETATM 1078 O O     . HOH E 4 .   ? -13.653 -12.204 10.649  1.00 39.15 ? 2136 HOH A O     1 
HETATM 1079 O O     . HOH E 4 .   ? -13.309 -3.891  10.762  1.00 19.87 ? 2137 HOH A O     1 
HETATM 1080 O O     . HOH E 4 .   ? -11.685 -11.173 11.665  1.00 35.05 ? 2138 HOH A O     1 
HETATM 1081 O O     . HOH E 4 .   ? -14.578 -5.581  15.637  1.00 34.93 ? 2139 HOH A O     1 
HETATM 1082 O O     . HOH E 4 .   ? -15.696 -2.694  18.322  1.00 43.50 ? 2140 HOH A O     1 
HETATM 1083 O O     . HOH E 4 .   ? -6.500  1.708   14.726  1.00 37.73 ? 2141 HOH A O     1 
HETATM 1084 O O     . HOH E 4 .   ? -7.174  -4.000  19.475  1.00 39.09 ? 2142 HOH A O     1 
HETATM 1085 O O     . HOH E 4 .   ? -9.047  -10.952 11.531  1.00 40.95 ? 2143 HOH A O     1 
HETATM 1086 O O     . HOH E 4 .   ? -4.717  -10.003 13.251  1.00 36.92 ? 2144 HOH A O     1 
HETATM 1087 O O     . HOH E 4 .   ? -0.183  -5.678  11.806  1.00 28.58 ? 2145 HOH A O     1 
HETATM 1088 O O     . HOH E 4 .   ? -6.999  -13.623 6.495   1.00 26.37 ? 2146 HOH A O     1 
HETATM 1089 O O     . HOH E 4 .   ? -9.825  -13.126 2.596   1.00 46.21 ? 2147 HOH A O     1 
HETATM 1090 O O     . HOH E 4 .   ? -6.740  -15.767 2.887   1.00 39.28 ? 2148 HOH A O     1 
HETATM 1091 O O     . HOH E 4 .   ? -4.108  -15.810 0.362   1.00 26.74 ? 2149 HOH A O     1 
HETATM 1092 O O     . HOH E 4 .   ? -10.021 -12.304 -0.066  1.00 36.96 ? 2150 HOH A O     1 
HETATM 1093 O O     . HOH E 4 .   ? -11.545 -15.298 -6.217  1.00 41.22 ? 2151 HOH A O     1 
HETATM 1094 O O     . HOH E 4 .   ? -6.047  -14.139 -9.443  1.00 15.73 ? 2152 HOH A O     1 
HETATM 1095 O O     . HOH E 4 .   ? -8.836  -11.655 -2.310  1.00 27.12 ? 2153 HOH A O     1 
HETATM 1096 O O     . HOH E 4 .   ? -9.350  -12.740 -9.460  1.00 29.69 ? 2154 HOH A O     1 
HETATM 1097 O O     . HOH E 4 .   ? 8.139   -5.200  -12.119 1.00 42.47 ? 2155 HOH A O     1 
HETATM 1098 O O     . HOH E 4 .   ? 5.664   -3.816  -14.963 1.00 38.81 ? 2156 HOH A O     1 
HETATM 1099 O O     . HOH E 4 .   ? 6.282   -5.097  -4.625  1.00 17.35 ? 2157 HOH A O     1 
HETATM 1100 O O     . HOH E 4 .   ? 9.004   -4.992  -4.904  1.00 20.49 ? 2158 HOH A O     1 
HETATM 1101 O O     . HOH E 4 .   ? 7.910   -6.200  -0.006  1.00 43.27 ? 2159 HOH A O     1 
HETATM 1102 O O     . HOH E 4 .   ? 6.155   -5.575  -1.897  1.00 30.44 ? 2160 HOH A O     1 
HETATM 1103 O O     . HOH E 4 .   ? 15.080  -1.077  -0.186  1.00 43.81 ? 2161 HOH A O     1 
HETATM 1104 O O     . HOH E 4 .   ? 17.039  6.792   7.059   1.00 33.65 ? 2162 HOH A O     1 
HETATM 1105 O O     . HOH E 4 .   ? 14.526  7.368   6.492   1.00 25.37 ? 2163 HOH A O     1 
HETATM 1106 O O     . HOH E 4 .   ? 23.125  5.285   -1.515  1.00 38.89 ? 2164 HOH A O     1 
HETATM 1107 O O     . HOH E 4 .   ? 24.270  2.299   -7.605  1.00 45.81 ? 2165 HOH A O     1 
HETATM 1108 O O     . HOH E 4 .   ? 21.209  -0.227  -1.566  1.00 49.03 ? 2166 HOH A O     1 
HETATM 1109 O O     . HOH E 4 .   ? 26.986  5.016   -8.439  1.00 43.40 ? 2167 HOH A O     1 
HETATM 1110 O O     . HOH E 4 .   ? 23.140  8.458   -0.683  1.00 30.21 ? 2168 HOH A O     1 
HETATM 1111 O O     . HOH E 4 .   ? 23.229  10.865  -1.941  1.00 30.83 ? 2169 HOH A O     1 
HETATM 1112 O O     . HOH E 4 .   ? 15.950  11.634  3.706   1.00 35.15 ? 2170 HOH A O     1 
HETATM 1113 O O     . HOH E 4 .   ? 20.419  6.555   -10.210 1.00 42.04 ? 2171 HOH A O     1 
HETATM 1114 O O     . HOH E 4 .   ? 13.463  7.400   -9.874  1.00 40.02 ? 2172 HOH A O     1 
HETATM 1115 O O     . HOH E 4 .   ? 18.672  -0.887  -4.601  1.00 37.45 ? 2173 HOH A O     1 
HETATM 1116 O O     . HOH E 4 .   ? 13.665  3.120   -11.202 1.00 29.35 ? 2174 HOH A O     1 
HETATM 1117 O O     . HOH E 4 .   ? 13.670  -1.973  -10.706 1.00 47.16 ? 2175 HOH A O     1 
HETATM 1118 O O     . HOH E 4 .   ? 12.684  -4.671  -4.694  1.00 48.43 ? 2176 HOH A O     1 
HETATM 1119 O O     . HOH E 4 .   ? 14.926  -5.800  -10.127 1.00 48.39 ? 2177 HOH A O     1 
HETATM 1120 O O     . HOH E 4 .   ? 11.292  -5.171  -9.117  1.00 41.32 ? 2178 HOH A O     1 
HETATM 1121 O O     . HOH E 4 .   ? 5.950   -9.221  -2.777  1.00 27.33 ? 2179 HOH A O     1 
HETATM 1122 O O     . HOH E 4 .   ? 6.504   -11.222 -8.187  1.00 23.12 ? 2180 HOH A O     1 
HETATM 1123 O O     . HOH E 4 .   ? 5.844   -13.353 -0.127  1.00 41.54 ? 2181 HOH A O     1 
HETATM 1124 O O     . HOH E 4 .   ? -1.247  -2.804  11.420  1.00 26.01 ? 2182 HOH A O     1 
HETATM 1125 O O     . HOH E 4 .   ? -17.059 2.221   8.072   1.00 26.95 ? 2183 HOH A O     1 
HETATM 1126 O O     . HOH E 4 .   ? -20.175 -7.093  7.307   1.00 18.77 ? 2184 HOH A O     1 
HETATM 1127 O O     . HOH E 4 .   ? -3.937  0.128   13.745  1.00 53.55 ? 2185 HOH A O     1 
HETATM 1128 O O     . HOH E 4 .   ? -3.629  2.896   13.717  1.00 45.01 ? 2186 HOH A O     1 
HETATM 1129 O O     . HOH E 4 .   ? 2.429   -5.215  10.069  1.00 38.31 ? 2187 HOH A O     1 
HETATM 1130 O O     . HOH E 4 .   ? 4.783   -8.016  7.331   1.00 38.88 ? 2188 HOH A O     1 
HETATM 1131 O O     . HOH E 4 .   ? 4.735   -3.954  6.172   1.00 51.10 ? 2189 HOH A O     1 
HETATM 1132 O O     . HOH E 4 .   ? 5.320   -8.461  4.294   1.00 29.45 ? 2190 HOH A O     1 
HETATM 1133 O O     . HOH E 4 .   ? 3.958   -10.626 6.659   1.00 36.88 ? 2191 HOH A O     1 
HETATM 1134 O O     . HOH E 4 .   ? -0.977  -14.885 7.106   1.00 28.00 ? 2192 HOH A O     1 
HETATM 1135 O O     . HOH E 4 .   ? 1.035   -15.598 9.619   1.00 46.93 ? 2193 HOH A O     1 
HETATM 1136 O O     . HOH E 4 .   ? -1.317  -10.289 11.677  1.00 30.66 ? 2194 HOH A O     1 
HETATM 1137 O O     . HOH E 4 .   ? 5.007   -11.662 12.523  1.00 54.62 ? 2195 HOH A O     1 
HETATM 1138 O O     . HOH E 4 .   ? 20.011  0.064   2.427   1.00 37.65 ? 2196 HOH A O     1 
HETATM 1139 O O     . HOH F 4 .   ? -5.925  -0.901  -32.486 1.00 47.51 ? 2001 HOH B O     1 
HETATM 1140 O O     . HOH F 4 .   ? -7.555  0.592   -23.496 1.00 44.28 ? 2002 HOH B O     1 
HETATM 1141 O O     . HOH F 4 .   ? -9.230  -1.098  -31.797 1.00 44.99 ? 2003 HOH B O     1 
HETATM 1142 O O     . HOH F 4 .   ? 7.266   2.335   -22.917 1.00 46.22 ? 2004 HOH B O     1 
HETATM 1143 O O     . HOH F 4 .   ? 5.239   1.990   -25.976 1.00 50.87 ? 2005 HOH B O     1 
HETATM 1144 O O     . HOH F 4 .   ? 11.906  -15.796 -11.896 1.00 46.81 ? 2006 HOH B O     1 
HETATM 1145 O O     . HOH F 4 .   ? 7.402   -6.612  -17.014 1.00 41.05 ? 2007 HOH B O     1 
HETATM 1146 O O     . HOH F 4 .   ? 8.021   -9.297  -10.736 1.00 38.75 ? 2008 HOH B O     1 
HETATM 1147 O O     . HOH F 4 .   ? 9.623   -18.110 -13.231 1.00 45.65 ? 2009 HOH B O     1 
HETATM 1148 O O     . HOH F 4 .   ? 6.957   1.008   -19.316 1.00 45.73 ? 2010 HOH B O     1 
HETATM 1149 O O     . HOH F 4 .   ? 11.516  -19.957 -11.374 1.00 39.94 ? 2011 HOH B O     1 
HETATM 1150 O O     . HOH F 4 .   ? 11.388  -6.814  -16.793 1.00 42.02 ? 2012 HOH B O     1 
HETATM 1151 O O     . HOH F 4 .   ? 10.995  -21.229 -14.470 1.00 41.02 ? 2013 HOH B O     1 
HETATM 1152 O O     . HOH F 4 .   ? 8.663   -20.563 -16.412 1.00 49.53 ? 2014 HOH B O     1 
HETATM 1153 O O     . HOH F 4 .   ? 12.354  -11.335 -14.133 1.00 48.05 ? 2015 HOH B O     1 
HETATM 1154 O O     . HOH F 4 .   ? -2.204  -6.099  -30.302 1.00 41.05 ? 2016 HOH B O     1 
HETATM 1155 O O     . HOH F 4 .   ? 0.539   0.033   -28.335 1.00 48.12 ? 2017 HOH B O     1 
HETATM 1156 O O     . HOH F 4 .   ? 2.047   -5.265  -29.553 1.00 51.46 ? 2018 HOH B O     1 
HETATM 1157 O O     . HOH F 4 .   ? 6.240   -4.809  -21.873 1.00 43.72 ? 2019 HOH B O     1 
HETATM 1158 O O     . HOH F 4 .   ? 7.180   -0.359  -25.040 1.00 49.74 ? 2020 HOH B O     1 
HETATM 1159 O O     . HOH F 4 .   ? 5.147   -9.171  -10.852 1.00 46.33 ? 2021 HOH B O     1 
HETATM 1160 O O     . HOH F 4 .   ? 8.293   -9.456  -15.231 1.00 36.37 ? 2022 HOH B O     1 
HETATM 1161 O O     . HOH F 4 .   ? 5.323   -13.404 -15.936 1.00 39.71 ? 2023 HOH B O     1 
HETATM 1162 O O     . HOH F 4 .   ? 9.001   -14.104 -11.604 1.00 47.65 ? 2024 HOH B O     1 
# 
